data_3AXY
#
_entry.id   3AXY
#
_cell.length_a   76.735
_cell.length_b   96.647
_cell.length_c   99.510
_cell.angle_alpha   68.23
_cell.angle_beta   87.90
_cell.angle_gamma   77.94
#
_symmetry.space_group_name_H-M   'P 1'
#
loop_
_entity.id
_entity.type
_entity.pdbx_description
1 polymer 'Protein HEADING DATE 3A'
2 polymer '14-3-3-like protein GF14-C'
3 polymer 'Rice FD homolog OsFD1'
4 water water
#
loop_
_entity_poly.entity_id
_entity_poly.type
_entity_poly.pdbx_seq_one_letter_code
_entity_poly.pdbx_strand_id
1 'polypeptide(L)'
;GPGHMRDRDPLVVGRVVGDVLDAFVRSTNLKVTYGSKTVSNGLELKPSMVTHQPRVEVGGNDMRTFYTLVMVDPDAPSPS
DPNLREYLHWLVTDIPGTTAASFGQEVMSYESPRPTMGIHRLVFVLFQQLGRQTVYAPGWRQNFNTKDFAELYNLGSPVA
AVYFNSQREA
;
A,B,G,H
2 'polypeptide(L)'
;GPLGSMSREENVYMAKLAEQAERYEEMVEYMEKVAKTVDVEELTVEERNLLSVAYKNVIGARRASWRIVSSIEQKEEGRG
NEEHVTLIKEYRGKIEAELSKICDGILKLLDSHLVPSSTAAESKVFYLKMKGDYHRYLAEFKTGAERKEAAESTMVAYKA
AQDIALADLAPTHPIRLGLALNFSVFYYEILNSPDKACNLAKQAFDEAISELDTLGEESYKDSTLIMQLLRDNLTLWTSD
;
C,D,I,J
3 'polypeptide(L)' LQRVL(SEP)APF E,F,K,L
#
# COMPACT_ATOMS: atom_id res chain seq x y z
N MET A 5 32.10 10.78 17.58
CA MET A 5 32.61 10.99 16.20
C MET A 5 33.69 9.99 15.82
N ARG A 6 33.61 9.46 14.60
CA ARG A 6 34.71 8.69 14.02
C ARG A 6 36.01 9.49 14.11
N ASP A 7 37.13 8.79 14.00
CA ASP A 7 38.43 9.46 14.00
C ASP A 7 38.67 10.16 12.68
N ARG A 8 38.02 9.68 11.63
CA ARG A 8 38.19 10.27 10.33
C ARG A 8 36.92 10.99 9.86
N ASP A 9 36.07 11.37 10.82
CA ASP A 9 35.09 12.41 10.59
C ASP A 9 35.74 13.66 9.99
N PRO A 10 35.18 14.14 8.87
CA PRO A 10 35.81 15.20 8.08
C PRO A 10 36.09 16.46 8.91
N LEU A 11 35.29 16.69 9.95
CA LEU A 11 35.55 17.78 10.90
C LEU A 11 36.83 17.60 11.72
N VAL A 12 37.21 16.35 12.01
CA VAL A 12 38.44 16.09 12.75
C VAL A 12 39.66 15.92 11.87
N VAL A 13 39.47 15.35 10.70
CA VAL A 13 40.45 15.49 9.62
C VAL A 13 40.73 16.97 9.37
N GLY A 14 39.69 17.80 9.44
CA GLY A 14 39.85 19.25 9.29
C GLY A 14 40.36 19.96 10.54
N ARG A 15 40.51 19.24 11.64
CA ARG A 15 40.98 19.82 12.90
C ARG A 15 40.09 20.96 13.41
N VAL A 16 38.87 21.05 12.88
CA VAL A 16 37.86 21.90 13.47
C VAL A 16 37.44 21.34 14.82
N VAL A 17 37.12 20.06 14.83
CA VAL A 17 37.06 19.30 16.07
C VAL A 17 38.49 19.09 16.57
N GLY A 18 38.85 19.82 17.62
CA GLY A 18 40.26 20.03 17.95
C GLY A 18 40.60 21.48 18.25
N ASP A 19 40.63 22.32 17.22
CA ASP A 19 41.03 23.72 17.36
C ASP A 19 39.85 24.59 17.81
N VAL A 20 38.64 24.17 17.47
CA VAL A 20 37.45 24.96 17.78
C VAL A 20 36.42 24.18 18.60
N LEU A 21 36.19 22.93 18.22
CA LEU A 21 35.12 22.14 18.81
C LEU A 21 35.62 20.88 19.49
N ASP A 22 34.88 20.43 20.50
CA ASP A 22 34.94 19.05 20.95
C ASP A 22 34.04 18.19 20.09
N ALA A 23 34.27 16.88 20.12
CA ALA A 23 33.40 15.92 19.46
C ALA A 23 31.93 16.14 19.83
N PHE A 24 31.04 15.79 18.92
CA PHE A 24 29.59 15.88 19.15
C PHE A 24 28.86 15.04 18.11
N VAL A 25 27.55 14.86 18.29
CA VAL A 25 26.75 14.15 17.32
C VAL A 25 25.87 15.14 16.60
N ARG A 26 25.97 15.18 15.28
CA ARG A 26 25.10 16.04 14.48
C ARG A 26 23.65 15.65 14.76
N SER A 27 22.77 16.63 14.88
CA SER A 27 21.36 16.35 15.07
C SER A 27 20.45 17.29 14.29
N THR A 28 21.06 18.24 13.57
CA THR A 28 20.27 19.19 12.78
C THR A 28 20.90 19.44 11.42
N ASN A 29 20.07 19.53 10.38
CA ASN A 29 20.59 19.79 9.04
C ASN A 29 21.05 21.23 8.91
N LEU A 30 22.24 21.42 8.35
CA LEU A 30 22.75 22.77 8.09
C LEU A 30 23.20 22.86 6.64
N LYS A 31 22.70 23.89 5.94
CA LYS A 31 23.11 24.11 4.56
C LYS A 31 23.59 25.53 4.38
N VAL A 32 24.85 25.66 3.96
CA VAL A 32 25.50 26.94 3.75
C VAL A 32 25.76 27.13 2.25
N THR A 33 25.23 28.20 1.67
CA THR A 33 25.33 28.40 0.23
C THR A 33 25.68 29.84 -0.14
N TYR A 34 26.74 30.00 -0.93
CA TYR A 34 27.08 31.29 -1.53
C TYR A 34 26.70 31.25 -2.99
N GLY A 35 25.88 32.19 -3.45
CA GLY A 35 25.23 32.08 -4.77
C GLY A 35 24.52 30.74 -4.95
N SER A 36 25.07 29.87 -5.80
CA SER A 36 24.47 28.57 -6.08
C SER A 36 25.42 27.48 -5.64
N LYS A 37 26.56 27.89 -5.12
CA LYS A 37 27.60 26.97 -4.65
C LYS A 37 27.43 26.62 -3.17
N THR A 38 27.17 25.35 -2.91
CA THR A 38 26.94 24.89 -1.56
C THR A 38 28.20 24.35 -0.89
N VAL A 39 28.46 24.85 0.31
CA VAL A 39 29.64 24.48 1.08
C VAL A 39 29.64 23.01 1.46
N SER A 40 30.82 22.39 1.39
CA SER A 40 30.98 21.03 1.83
C SER A 40 32.34 20.92 2.51
N ASN A 41 32.39 20.20 3.61
CA ASN A 41 33.55 20.20 4.48
C ASN A 41 34.84 20.18 3.67
N GLY A 42 35.57 21.29 3.72
CA GLY A 42 36.92 21.34 3.18
C GLY A 42 36.98 21.86 1.77
N LEU A 43 35.85 22.15 1.17
CA LEU A 43 35.82 22.79 -0.16
C LEU A 43 36.48 24.18 -0.17
N GLU A 44 37.09 24.52 -1.30
CA GLU A 44 37.73 25.84 -1.45
C GLU A 44 36.83 26.83 -2.18
N LEU A 45 36.77 28.04 -1.64
CA LEU A 45 36.03 29.14 -2.23
C LEU A 45 36.97 30.34 -2.29
N LYS A 46 36.97 31.04 -3.43
CA LYS A 46 37.71 32.30 -3.52
C LYS A 46 37.09 33.32 -2.57
N PRO A 47 37.94 34.20 -1.99
CA PRO A 47 37.46 35.34 -1.22
C PRO A 47 36.35 36.12 -1.92
N SER A 48 36.44 36.25 -3.24
CA SER A 48 35.49 37.08 -3.98
C SER A 48 34.11 36.41 -4.16
N MET A 49 34.04 35.10 -3.93
CA MET A 49 32.77 34.39 -3.91
C MET A 49 32.07 34.56 -2.56
N VAL A 50 32.81 34.96 -1.53
CA VAL A 50 32.28 34.92 -0.16
C VAL A 50 32.26 36.27 0.58
N THR A 51 32.26 37.35 -0.18
CA THR A 51 32.33 38.68 0.40
C THR A 51 31.04 39.06 1.13
N HIS A 52 29.90 38.55 0.66
CA HIS A 52 28.65 38.72 1.37
C HIS A 52 28.18 37.43 2.05
N GLN A 53 27.41 37.57 3.12
CA GLN A 53 26.89 36.43 3.86
C GLN A 53 26.23 35.39 2.95
N PRO A 54 26.41 34.12 3.27
CA PRO A 54 25.73 33.07 2.54
C PRO A 54 24.29 32.90 3.02
N ARG A 55 23.50 32.18 2.24
CA ARG A 55 22.21 31.70 2.72
C ARG A 55 22.45 30.45 3.53
N VAL A 56 21.98 30.43 4.78
CA VAL A 56 22.25 29.33 5.68
C VAL A 56 20.93 28.72 6.15
N GLU A 57 20.60 27.54 5.65
CA GLU A 57 19.37 26.88 6.09
C GLU A 57 19.63 25.99 7.30
N VAL A 58 18.75 26.12 8.29
CA VAL A 58 18.85 25.33 9.49
C VAL A 58 17.65 24.40 9.57
N GLY A 59 17.90 23.15 9.92
CA GLY A 59 16.86 22.12 9.87
C GLY A 59 15.98 22.17 11.10
N GLY A 60 15.58 21.00 11.60
CA GLY A 60 14.60 20.91 12.67
C GLY A 60 13.21 20.80 12.10
N ASN A 61 12.23 20.54 12.97
CA ASN A 61 10.83 20.51 12.54
C ASN A 61 9.93 21.45 13.35
N ASP A 62 10.54 22.18 14.27
CA ASP A 62 9.78 22.99 15.21
C ASP A 62 10.25 24.44 15.17
N MET A 63 9.42 25.29 14.58
CA MET A 63 9.64 26.73 14.62
C MET A 63 9.75 27.37 16.00
N ARG A 64 9.34 26.64 17.04
CA ARG A 64 9.55 27.14 18.41
C ARG A 64 10.99 26.99 18.88
N THR A 65 11.73 26.12 18.21
CA THR A 65 13.12 25.92 18.57
C THR A 65 13.99 26.97 17.91
N PHE A 66 14.84 27.59 18.72
CA PHE A 66 15.72 28.66 18.27
C PHE A 66 17.14 28.14 18.17
N TYR A 67 17.85 28.52 17.11
CA TYR A 67 19.26 28.15 16.96
C TYR A 67 20.17 29.36 16.94
N THR A 68 21.44 29.14 17.26
CA THR A 68 22.46 30.18 17.11
C THR A 68 23.56 29.76 16.15
N LEU A 69 23.90 30.66 15.22
CA LEU A 69 24.93 30.38 14.22
C LEU A 69 26.20 31.19 14.50
N VAL A 70 27.33 30.49 14.60
CA VAL A 70 28.64 31.12 14.78
C VAL A 70 29.51 30.83 13.55
N MET A 71 30.20 31.86 13.07
CA MET A 71 31.16 31.68 12.00
C MET A 71 32.49 32.30 12.40
N VAL A 72 33.53 31.50 12.40
CA VAL A 72 34.81 31.93 12.95
C VAL A 72 35.94 31.51 12.06
N ASP A 73 37.05 32.24 12.16
CA ASP A 73 38.33 31.87 11.53
C ASP A 73 39.36 31.45 12.57
N PRO A 74 39.60 30.14 12.68
CA PRO A 74 40.57 29.65 13.66
C PRO A 74 42.02 29.92 13.24
N ASP A 75 42.21 30.33 11.98
CA ASP A 75 43.55 30.52 11.41
C ASP A 75 43.86 32.00 11.17
N ALA A 76 43.21 32.88 11.91
CA ALA A 76 43.50 34.31 11.78
C ALA A 76 44.75 34.65 12.60
N PRO A 77 45.68 35.44 12.03
CA PRO A 77 45.70 35.96 10.65
C PRO A 77 46.41 35.05 9.67
N SER A 78 47.14 34.07 10.20
CA SER A 78 47.76 33.03 9.38
C SER A 78 47.58 31.69 10.09
N PRO A 79 47.25 30.63 9.32
CA PRO A 79 47.29 29.28 9.86
C PRO A 79 48.66 28.91 10.42
N SER A 80 49.71 29.58 9.93
CA SER A 80 51.08 29.28 10.37
C SER A 80 51.36 29.92 11.72
N ASP A 81 50.63 30.99 12.02
CA ASP A 81 50.72 31.62 13.33
C ASP A 81 49.44 32.32 13.75
N PRO A 82 48.43 31.55 14.23
CA PRO A 82 47.04 31.99 14.36
C PRO A 82 46.74 32.69 15.68
N ASN A 83 47.43 33.79 15.96
CA ASN A 83 47.38 34.38 17.30
C ASN A 83 46.11 35.18 17.59
N LEU A 84 45.23 35.31 16.59
CA LEU A 84 43.91 35.93 16.80
C LEU A 84 42.79 34.89 16.86
N ARG A 85 43.17 33.62 16.88
CA ARG A 85 42.19 32.54 16.97
C ARG A 85 41.26 32.76 18.17
N GLU A 86 39.96 32.60 17.96
CA GLU A 86 39.36 32.55 16.63
C GLU A 86 38.79 33.91 16.24
N TYR A 87 38.79 34.21 14.95
CA TYR A 87 38.22 35.46 14.47
C TYR A 87 36.74 35.29 14.16
N LEU A 88 35.90 36.00 14.90
CA LEU A 88 34.44 36.00 14.68
C LEU A 88 34.07 36.78 13.42
N HIS A 89 33.59 36.06 12.41
CA HIS A 89 33.10 36.67 11.17
C HIS A 89 31.61 37.05 11.19
N TRP A 90 30.81 36.35 11.98
CA TRP A 90 29.35 36.44 11.84
C TRP A 90 28.70 35.76 13.04
N LEU A 91 27.65 36.39 13.56
CA LEU A 91 26.92 35.80 14.68
C LEU A 91 25.43 36.10 14.60
N VAL A 92 24.61 35.06 14.59
CA VAL A 92 23.18 35.19 14.43
C VAL A 92 22.50 34.29 15.44
N THR A 93 21.52 34.84 16.15
CA THR A 93 20.76 34.05 17.12
C THR A 93 19.25 34.04 16.82
N ASP A 94 18.52 33.24 17.59
CA ASP A 94 17.05 33.27 17.57
C ASP A 94 16.53 32.89 16.18
N ILE A 95 17.22 31.96 15.54
CA ILE A 95 16.81 31.43 14.25
C ILE A 95 15.81 30.32 14.46
N PRO A 96 14.59 30.50 13.95
CA PRO A 96 13.57 29.46 14.14
C PRO A 96 13.92 28.22 13.31
N GLY A 97 13.69 27.04 13.86
CA GLY A 97 13.92 25.81 13.12
C GLY A 97 13.09 25.78 11.86
N THR A 98 13.61 25.13 10.81
CA THR A 98 12.84 25.01 9.58
C THR A 98 13.20 26.19 8.67
N THR A 99 13.94 27.11 9.25
CA THR A 99 14.01 28.46 8.74
C THR A 99 15.43 28.72 8.17
N ALA A 100 15.92 29.96 8.25
CA ALA A 100 17.28 30.28 7.84
C ALA A 100 17.86 31.38 8.71
N ALA A 101 19.15 31.65 8.49
CA ALA A 101 19.87 32.63 9.29
C ALA A 101 19.32 34.01 9.03
N SER A 102 18.85 34.25 7.82
CA SER A 102 18.20 35.50 7.47
C SER A 102 16.94 35.79 8.30
N PHE A 103 16.39 34.79 8.98
CA PHE A 103 15.19 34.96 9.81
C PHE A 103 15.57 35.35 11.23
N GLY A 104 16.86 35.21 11.56
CA GLY A 104 17.31 35.34 12.95
C GLY A 104 17.64 36.76 13.34
N GLN A 105 18.22 36.94 14.52
CA GLN A 105 18.72 38.24 14.91
C GLN A 105 20.24 38.37 14.80
N GLU A 106 20.68 39.11 13.80
CA GLU A 106 22.10 39.40 13.61
C GLU A 106 22.69 40.08 14.84
N VAL A 107 23.67 39.43 15.46
CA VAL A 107 24.37 39.95 16.63
C VAL A 107 25.70 40.63 16.27
N MET A 108 26.53 39.94 15.49
CA MET A 108 27.66 40.57 14.80
C MET A 108 27.48 40.44 13.28
N SER A 109 27.53 41.57 12.59
CA SER A 109 27.31 41.55 11.16
C SER A 109 28.39 40.70 10.48
N TYR A 110 28.17 40.33 9.21
CA TYR A 110 29.05 39.40 8.51
C TYR A 110 30.30 40.13 7.98
N GLU A 111 31.48 39.71 8.45
CA GLU A 111 32.72 40.26 7.92
C GLU A 111 33.28 39.39 6.82
N SER A 112 33.51 39.99 5.67
CA SER A 112 33.97 39.24 4.52
C SER A 112 35.37 38.74 4.78
N PRO A 113 35.57 37.42 4.68
CA PRO A 113 36.86 36.75 4.83
C PRO A 113 37.86 37.28 3.84
N ARG A 114 38.97 37.79 4.35
CA ARG A 114 40.08 38.20 3.51
C ARG A 114 41.33 37.52 3.97
N PRO A 115 41.45 36.21 3.69
CA PRO A 115 42.61 35.45 4.15
C PRO A 115 43.89 35.90 3.43
N THR A 116 44.97 36.07 4.19
CA THR A 116 46.33 36.05 3.64
C THR A 116 47.21 35.08 4.43
N MET A 117 48.44 34.86 3.97
CA MET A 117 49.44 34.06 4.70
C MET A 117 49.04 32.59 4.85
N GLY A 118 48.47 32.05 3.77
CA GLY A 118 48.12 30.63 3.71
C GLY A 118 46.63 30.39 3.69
N ILE A 119 46.26 29.11 3.70
CA ILE A 119 44.87 28.70 3.62
C ILE A 119 44.17 28.87 4.97
N HIS A 120 43.02 29.52 4.96
CA HIS A 120 42.22 29.69 6.18
C HIS A 120 41.00 28.80 6.13
N ARG A 121 40.60 28.29 7.29
CA ARG A 121 39.31 27.64 7.45
C ARG A 121 38.29 28.65 7.94
N LEU A 122 37.16 28.73 7.24
CA LEU A 122 35.98 29.44 7.76
C LEU A 122 34.94 28.44 8.23
N VAL A 123 34.71 28.44 9.54
CA VAL A 123 33.90 27.42 10.20
C VAL A 123 32.52 27.98 10.57
N PHE A 124 31.47 27.26 10.18
CA PHE A 124 30.11 27.54 10.63
C PHE A 124 29.68 26.53 11.70
N VAL A 125 29.26 27.04 12.85
CA VAL A 125 28.79 26.18 13.94
C VAL A 125 27.37 26.55 14.34
N LEU A 126 26.50 25.54 14.34
CA LEU A 126 25.10 25.70 14.75
C LEU A 126 24.83 25.12 16.13
N PHE A 127 24.25 25.92 17.00
CA PHE A 127 23.79 25.45 18.32
C PHE A 127 22.27 25.54 18.41
N GLN A 128 21.68 24.68 19.21
CA GLN A 128 20.28 24.81 19.56
C GLN A 128 20.15 25.54 20.90
N GLN A 129 19.32 26.57 20.96
CA GLN A 129 19.07 27.26 22.22
C GLN A 129 18.14 26.49 23.16
N LEU A 130 18.38 26.62 24.46
CA LEU A 130 17.48 26.14 25.49
C LEU A 130 16.12 26.84 25.44
N GLY A 131 16.15 28.12 25.12
CA GLY A 131 14.95 28.84 24.74
C GLY A 131 15.33 30.24 24.33
N ARG A 132 14.48 31.20 24.67
CA ARG A 132 14.76 32.60 24.40
C ARG A 132 15.78 33.17 25.38
N GLN A 133 16.62 34.07 24.89
CA GLN A 133 17.67 34.66 25.72
C GLN A 133 18.34 35.83 25.01
N THR A 134 18.82 36.78 25.80
CA THR A 134 19.61 37.88 25.28
C THR A 134 21.07 37.47 25.12
N VAL A 135 21.56 37.53 23.89
CA VAL A 135 22.98 37.45 23.63
C VAL A 135 23.57 38.84 23.41
N TYR A 136 24.62 39.15 24.16
CA TYR A 136 25.41 40.35 23.92
C TYR A 136 26.52 40.12 22.89
N ALA A 137 26.81 41.15 22.10
CA ALA A 137 27.85 41.04 21.10
C ALA A 137 29.19 41.19 21.80
N PRO A 138 30.13 40.27 21.51
CA PRO A 138 31.52 40.48 21.91
C PRO A 138 31.97 41.90 21.60
N GLY A 139 32.77 42.47 22.50
CA GLY A 139 33.33 43.81 22.31
C GLY A 139 34.32 43.90 21.17
N TRP A 140 34.72 42.76 20.65
CA TRP A 140 35.76 42.67 19.63
C TRP A 140 35.67 41.30 18.95
N ARG A 141 36.40 41.13 17.85
CA ARG A 141 36.28 39.89 17.09
C ARG A 141 37.45 38.93 17.27
N GLN A 142 38.66 39.46 17.47
CA GLN A 142 39.84 38.62 17.69
C GLN A 142 39.64 37.81 18.95
N ASN A 143 40.24 36.63 18.99
CA ASN A 143 40.38 35.89 20.23
C ASN A 143 39.03 35.54 20.87
N PHE A 144 38.01 35.43 20.02
CA PHE A 144 36.77 34.73 20.34
C PHE A 144 37.01 33.26 20.68
N ASN A 145 36.23 32.73 21.60
CA ASN A 145 36.27 31.29 21.89
C ASN A 145 34.87 30.65 21.89
N THR A 146 34.58 29.94 20.79
CA THR A 146 33.29 29.29 20.65
C THR A 146 32.89 28.42 21.83
N LYS A 147 33.83 27.65 22.38
CA LYS A 147 33.59 26.86 23.58
C LYS A 147 33.12 27.75 24.74
N ASP A 148 33.88 28.80 25.04
CA ASP A 148 33.56 29.66 26.17
C ASP A 148 32.16 30.23 25.98
N PHE A 149 31.83 30.51 24.73
CA PHE A 149 30.66 31.27 24.37
C PHE A 149 29.41 30.40 24.53
N ALA A 150 29.47 29.17 24.00
CA ALA A 150 28.43 28.19 24.19
C ALA A 150 28.15 27.95 25.67
N GLU A 151 29.22 27.86 26.46
CA GLU A 151 29.10 27.74 27.90
C GLU A 151 28.44 28.96 28.55
N LEU A 152 28.88 30.15 28.15
CA LEU A 152 28.28 31.38 28.67
C LEU A 152 26.76 31.42 28.45
N TYR A 153 26.30 30.92 27.32
CA TYR A 153 24.89 31.06 26.93
C TYR A 153 24.13 29.73 26.87
N ASN A 154 24.64 28.70 27.54
CA ASN A 154 23.95 27.41 27.64
C ASN A 154 23.59 26.73 26.32
N LEU A 155 24.44 26.90 25.32
CA LEU A 155 24.12 26.40 24.01
C LEU A 155 24.43 24.91 23.93
N GLY A 156 24.96 24.37 25.03
CA GLY A 156 25.48 23.01 25.05
C GLY A 156 26.48 22.74 23.92
N SER A 157 26.20 21.71 23.14
CA SER A 157 27.13 21.23 22.14
C SER A 157 26.57 21.47 20.73
N PRO A 158 27.46 21.65 19.75
CA PRO A 158 27.03 21.91 18.38
C PRO A 158 26.04 20.84 17.92
N VAL A 159 25.07 21.24 17.11
CA VAL A 159 24.16 20.28 16.49
C VAL A 159 24.48 20.14 15.02
N ALA A 160 25.36 21.01 14.53
CA ALA A 160 25.93 20.87 13.20
C ALA A 160 27.14 21.80 13.05
N ALA A 161 27.95 21.52 12.05
CA ALA A 161 29.10 22.36 11.71
C ALA A 161 29.57 22.01 10.30
N VAL A 162 30.15 22.99 9.63
CA VAL A 162 30.72 22.77 8.32
C VAL A 162 31.75 23.86 8.09
N TYR A 163 32.81 23.52 7.37
CA TYR A 163 33.81 24.53 7.03
C TYR A 163 34.24 24.52 5.58
N PHE A 164 34.61 25.69 5.07
CA PHE A 164 35.32 25.78 3.80
C PHE A 164 36.70 26.42 3.93
N ASN A 165 37.57 26.10 2.98
CA ASN A 165 38.92 26.68 2.92
C ASN A 165 38.94 27.85 1.95
N SER A 166 39.87 28.78 2.18
CA SER A 166 39.99 30.01 1.39
C SER A 166 41.40 30.63 1.50
N GLN A 167 41.89 31.18 0.41
CA GLN A 167 43.21 31.82 0.42
C GLN A 167 43.25 33.00 -0.54
N ARG A 168 44.12 33.97 -0.24
CA ARG A 168 44.42 35.07 -1.15
C ARG A 168 44.20 34.64 -2.60
N GLU A 169 43.43 35.42 -3.35
CA GLU A 169 43.29 35.18 -4.80
C GLU A 169 44.59 35.50 -5.51
N ALA A 170 45.16 34.51 -6.17
CA ALA A 170 46.52 34.63 -6.71
C ALA A 170 46.54 35.44 -8.00
N MET B 5 28.72 -14.65 -1.96
CA MET B 5 27.80 -15.02 -0.84
C MET B 5 28.49 -15.18 0.51
N ARG B 6 27.92 -14.54 1.53
CA ARG B 6 28.28 -14.77 2.93
C ARG B 6 28.12 -16.22 3.36
N ASP B 7 28.92 -16.65 4.32
CA ASP B 7 28.69 -17.92 4.99
C ASP B 7 27.45 -17.87 5.86
N ARG B 8 27.06 -16.66 6.24
CA ARG B 8 25.93 -16.48 7.16
C ARG B 8 24.64 -16.20 6.38
N ASP B 9 24.72 -16.26 5.06
CA ASP B 9 23.54 -16.21 4.20
C ASP B 9 22.59 -17.37 4.52
N PRO B 10 21.29 -17.08 4.66
CA PRO B 10 20.32 -18.08 5.06
C PRO B 10 20.30 -19.30 4.14
N LEU B 11 20.64 -19.09 2.86
CA LEU B 11 20.66 -20.18 1.91
C LEU B 11 21.83 -21.13 2.20
N VAL B 12 22.95 -20.56 2.63
CA VAL B 12 24.10 -21.36 3.03
C VAL B 12 23.84 -22.06 4.35
N VAL B 13 23.31 -21.31 5.31
CA VAL B 13 22.93 -21.87 6.60
C VAL B 13 21.92 -23.00 6.43
N GLY B 14 21.00 -22.82 5.48
CA GLY B 14 20.00 -23.84 5.20
C GLY B 14 20.52 -24.94 4.29
N ARG B 15 21.78 -24.80 3.87
CA ARG B 15 22.45 -25.82 3.06
C ARG B 15 21.79 -26.02 1.70
N VAL B 16 20.93 -25.09 1.32
CA VAL B 16 20.44 -25.04 -0.04
C VAL B 16 21.60 -24.72 -1.00
N VAL B 17 22.37 -23.68 -0.67
CA VAL B 17 23.75 -23.59 -1.16
C VAL B 17 24.58 -24.64 -0.45
N GLY B 18 25.19 -25.53 -1.22
CA GLY B 18 25.69 -26.79 -0.70
C GLY B 18 24.97 -27.97 -1.29
N ASP B 19 23.71 -28.14 -0.92
CA ASP B 19 22.97 -29.34 -1.25
C ASP B 19 22.40 -29.27 -2.67
N VAL B 20 22.05 -28.07 -3.09
CA VAL B 20 21.35 -27.88 -4.35
C VAL B 20 22.10 -26.94 -5.29
N LEU B 21 22.54 -25.80 -4.77
CA LEU B 21 23.14 -24.75 -5.59
C LEU B 21 24.58 -24.41 -5.20
N ASP B 22 25.30 -23.78 -6.12
CA ASP B 22 26.49 -22.98 -5.76
C ASP B 22 26.10 -21.54 -5.46
N ALA B 23 26.88 -20.89 -4.62
CA ALA B 23 26.68 -19.48 -4.29
C ALA B 23 26.48 -18.64 -5.54
N PHE B 24 25.63 -17.64 -5.42
CA PHE B 24 25.36 -16.72 -6.53
C PHE B 24 25.08 -15.34 -5.91
N VAL B 25 24.96 -14.32 -6.75
CA VAL B 25 24.47 -13.03 -6.26
C VAL B 25 23.01 -12.82 -6.66
N ARG B 26 22.17 -12.66 -5.65
CA ARG B 26 20.80 -12.20 -5.86
C ARG B 26 20.78 -10.98 -6.76
N SER B 27 20.09 -11.08 -7.89
CA SER B 27 19.95 -9.92 -8.79
C SER B 27 18.52 -9.68 -9.30
N THR B 28 17.60 -10.56 -8.94
CA THR B 28 16.20 -10.41 -9.37
C THR B 28 15.25 -10.62 -8.20
N ASN B 29 14.24 -9.76 -8.08
CA ASN B 29 13.23 -9.92 -7.05
C ASN B 29 12.38 -11.18 -7.23
N LEU B 30 12.25 -11.92 -6.15
CA LEU B 30 11.44 -13.13 -6.12
C LEU B 30 10.53 -13.01 -4.91
N LYS B 31 9.27 -13.36 -5.08
CA LYS B 31 8.33 -13.35 -3.97
C LYS B 31 7.35 -14.50 -4.06
N VAL B 32 7.39 -15.37 -3.05
CA VAL B 32 6.55 -16.55 -3.00
C VAL B 32 5.52 -16.38 -1.88
N THR B 33 4.24 -16.51 -2.26
CA THR B 33 3.15 -16.29 -1.32
C THR B 33 2.05 -17.35 -1.48
N TYR B 34 1.89 -18.16 -0.43
CA TYR B 34 0.76 -19.08 -0.32
C TYR B 34 -0.37 -18.38 0.42
N GLY B 35 -1.45 -18.06 -0.29
CA GLY B 35 -2.56 -17.31 0.30
C GLY B 35 -2.14 -15.88 0.60
N SER B 36 -2.00 -15.56 1.89
CA SER B 36 -1.40 -14.28 2.25
C SER B 36 -0.15 -14.46 3.12
N LYS B 37 0.44 -15.65 3.08
CA LYS B 37 1.70 -15.92 3.77
C LYS B 37 2.87 -15.90 2.80
N THR B 38 3.75 -14.92 2.97
CA THR B 38 4.93 -14.77 2.13
C THR B 38 6.10 -15.58 2.69
N VAL B 39 6.74 -16.40 1.84
CA VAL B 39 7.83 -17.26 2.27
C VAL B 39 9.09 -16.45 2.56
N SER B 40 9.68 -16.69 3.73
CA SER B 40 11.06 -16.30 3.98
C SER B 40 11.89 -17.54 4.32
N ASN B 41 13.19 -17.49 4.03
CA ASN B 41 14.02 -18.68 4.16
C ASN B 41 13.81 -19.35 5.51
N GLY B 42 13.39 -20.61 5.47
CA GLY B 42 13.35 -21.42 6.68
C GLY B 42 12.00 -21.35 7.39
N LEU B 43 11.10 -20.52 6.86
CA LEU B 43 9.75 -20.42 7.42
C LEU B 43 9.08 -21.78 7.36
N GLU B 44 8.44 -22.18 8.44
CA GLU B 44 7.73 -23.45 8.44
C GLU B 44 6.28 -23.30 7.99
N LEU B 45 5.87 -24.15 7.04
CA LEU B 45 4.49 -24.16 6.57
C LEU B 45 3.90 -25.56 6.73
N LYS B 46 2.65 -25.63 7.17
CA LYS B 46 1.94 -26.90 7.21
C LYS B 46 1.63 -27.37 5.80
N PRO B 47 1.70 -28.69 5.57
CA PRO B 47 1.41 -29.27 4.27
C PRO B 47 0.08 -28.75 3.70
N SER B 48 -0.88 -28.47 4.57
CA SER B 48 -2.18 -28.00 4.10
C SER B 48 -2.21 -26.55 3.65
N MET B 49 -1.19 -25.77 4.01
CA MET B 49 -1.11 -24.37 3.57
C MET B 49 -0.58 -24.29 2.15
N VAL B 50 0.02 -25.38 1.68
CA VAL B 50 0.76 -25.39 0.45
C VAL B 50 0.30 -26.48 -0.51
N THR B 51 -0.98 -26.84 -0.42
CA THR B 51 -1.51 -27.88 -1.30
C THR B 51 -1.60 -27.38 -2.74
N HIS B 52 -1.68 -26.07 -2.93
CA HIS B 52 -1.71 -25.50 -4.28
C HIS B 52 -0.53 -24.58 -4.56
N GLN B 53 -0.23 -24.40 -5.84
CA GLN B 53 0.92 -23.59 -6.23
C GLN B 53 0.80 -22.19 -5.65
N PRO B 54 1.92 -21.66 -5.11
CA PRO B 54 1.89 -20.32 -4.56
C PRO B 54 1.79 -19.32 -5.69
N ARG B 55 1.51 -18.07 -5.36
CA ARG B 55 1.76 -16.97 -6.28
C ARG B 55 3.24 -16.58 -6.21
N VAL B 56 3.89 -16.56 -7.37
CA VAL B 56 5.31 -16.22 -7.43
C VAL B 56 5.57 -14.99 -8.31
N GLU B 57 5.81 -13.85 -7.68
CA GLU B 57 6.13 -12.61 -8.41
C GLU B 57 7.58 -12.62 -8.87
N VAL B 58 7.79 -12.32 -10.15
CA VAL B 58 9.12 -12.26 -10.70
C VAL B 58 9.49 -10.82 -11.03
N GLY B 59 10.73 -10.45 -10.72
CA GLY B 59 11.13 -9.06 -10.80
C GLY B 59 11.69 -8.73 -12.16
N GLY B 60 12.90 -8.18 -12.19
CA GLY B 60 13.52 -7.79 -13.45
C GLY B 60 12.83 -6.57 -14.00
N ASN B 61 13.22 -6.15 -15.20
CA ASN B 61 12.91 -4.79 -15.64
C ASN B 61 12.06 -4.68 -16.89
N ASP B 62 11.94 -5.77 -17.66
CA ASP B 62 11.01 -5.82 -18.77
C ASP B 62 10.59 -7.23 -19.19
N MET B 63 9.58 -7.28 -20.07
CA MET B 63 8.82 -8.49 -20.34
C MET B 63 9.44 -9.32 -21.46
N ARG B 64 10.41 -8.73 -22.16
CA ARG B 64 11.14 -9.45 -23.19
C ARG B 64 12.26 -10.27 -22.58
N THR B 65 12.44 -10.18 -21.28
CA THR B 65 13.36 -11.05 -20.57
C THR B 65 12.57 -12.17 -19.89
N PHE B 66 12.97 -13.41 -20.14
CA PHE B 66 12.26 -14.58 -19.59
C PHE B 66 13.00 -15.24 -18.43
N TYR B 67 12.23 -15.81 -17.51
CA TYR B 67 12.78 -16.51 -16.35
C TYR B 67 12.23 -17.92 -16.21
N THR B 68 13.02 -18.77 -15.57
CA THR B 68 12.61 -20.13 -15.28
C THR B 68 12.58 -20.33 -13.77
N LEU B 69 11.50 -20.94 -13.29
CA LEU B 69 11.32 -21.20 -11.88
C LEU B 69 11.36 -22.71 -11.65
N VAL B 70 12.14 -23.13 -10.65
CA VAL B 70 12.27 -24.53 -10.28
C VAL B 70 11.92 -24.68 -8.81
N MET B 71 11.13 -25.70 -8.48
CA MET B 71 10.83 -26.01 -7.08
C MET B 71 11.15 -27.49 -6.80
N VAL B 72 12.12 -27.72 -5.94
CA VAL B 72 12.59 -29.07 -5.68
C VAL B 72 12.57 -29.30 -4.18
N ASP B 73 12.36 -30.56 -3.80
CA ASP B 73 12.52 -30.98 -2.41
C ASP B 73 13.76 -31.85 -2.32
N PRO B 74 14.84 -31.31 -1.73
CA PRO B 74 16.12 -32.00 -1.61
C PRO B 74 16.11 -33.05 -0.51
N ASP B 75 14.99 -33.16 0.20
CA ASP B 75 14.90 -34.07 1.34
C ASP B 75 13.86 -35.17 1.14
N ALA B 76 13.79 -35.68 -0.08
CA ALA B 76 12.89 -36.78 -0.40
C ALA B 76 13.66 -38.10 -0.53
N PRO B 77 13.13 -39.18 0.08
CA PRO B 77 11.87 -39.25 0.81
C PRO B 77 11.97 -38.69 2.22
N SER B 78 13.19 -38.40 2.67
CA SER B 78 13.40 -37.90 4.02
C SER B 78 14.77 -37.27 4.15
N PRO B 79 14.93 -36.35 5.10
CA PRO B 79 16.17 -35.61 5.20
C PRO B 79 17.30 -36.47 5.74
N SER B 80 16.96 -37.58 6.39
CA SER B 80 17.98 -38.53 6.82
C SER B 80 18.32 -39.59 5.77
N ASP B 81 17.53 -39.64 4.69
CA ASP B 81 17.80 -40.57 3.60
C ASP B 81 17.26 -40.03 2.27
N PRO B 82 17.84 -38.93 1.79
CA PRO B 82 17.28 -38.19 0.67
C PRO B 82 17.62 -38.85 -0.65
N ASN B 83 17.33 -40.14 -0.77
CA ASN B 83 17.75 -40.92 -1.92
C ASN B 83 17.02 -40.54 -3.21
N LEU B 84 16.06 -39.63 -3.10
CA LEU B 84 15.32 -39.13 -4.26
C LEU B 84 15.76 -37.75 -4.69
N ARG B 85 16.75 -37.20 -3.99
CA ARG B 85 17.23 -35.84 -4.20
C ARG B 85 17.56 -35.64 -5.67
N GLU B 86 17.07 -34.57 -6.29
CA GLU B 86 16.02 -33.71 -5.76
C GLU B 86 14.70 -34.11 -6.40
N TYR B 87 13.61 -34.05 -5.64
CA TYR B 87 12.28 -34.34 -6.18
C TYR B 87 11.61 -33.08 -6.74
N LEU B 88 11.23 -33.11 -8.00
CA LEU B 88 10.76 -31.90 -8.69
C LEU B 88 9.25 -31.69 -8.50
N HIS B 89 8.89 -30.64 -7.76
CA HIS B 89 7.50 -30.36 -7.41
C HIS B 89 6.80 -29.50 -8.47
N TRP B 90 7.59 -28.76 -9.25
CA TRP B 90 7.02 -27.71 -10.06
C TRP B 90 8.12 -27.12 -10.91
N LEU B 91 7.83 -26.86 -12.17
CA LEU B 91 8.78 -26.16 -13.04
C LEU B 91 8.01 -25.30 -14.01
N VAL B 92 8.40 -24.03 -14.09
CA VAL B 92 7.77 -23.08 -15.00
C VAL B 92 8.83 -22.31 -15.79
N THR B 93 8.62 -22.18 -17.10
CA THR B 93 9.57 -21.51 -17.97
C THR B 93 8.91 -20.32 -18.65
N ASP B 94 9.71 -19.55 -19.39
CA ASP B 94 9.23 -18.36 -20.10
C ASP B 94 8.33 -17.46 -19.27
N ILE B 95 8.73 -17.17 -18.02
CA ILE B 95 8.01 -16.19 -17.22
C ILE B 95 8.55 -14.81 -17.53
N PRO B 96 7.70 -13.94 -18.10
CA PRO B 96 8.15 -12.60 -18.45
C PRO B 96 8.53 -11.79 -17.21
N GLY B 97 9.61 -11.02 -17.31
CA GLY B 97 9.97 -10.06 -16.27
C GLY B 97 8.83 -9.16 -15.84
N THR B 98 8.86 -8.76 -14.56
CA THR B 98 7.82 -7.93 -13.92
C THR B 98 6.46 -8.60 -13.85
N THR B 99 6.48 -9.92 -13.98
CA THR B 99 5.25 -10.70 -14.13
C THR B 99 5.15 -11.72 -13.01
N ALA B 100 4.73 -12.94 -13.32
CA ALA B 100 4.72 -13.99 -12.30
C ALA B 100 4.63 -15.37 -12.92
N ALA B 101 4.81 -16.39 -12.10
CA ALA B 101 4.79 -17.77 -12.56
C ALA B 101 3.51 -18.08 -13.35
N SER B 102 2.40 -17.53 -12.90
CA SER B 102 1.10 -17.83 -13.51
C SER B 102 1.05 -17.33 -14.94
N PHE B 103 2.05 -16.55 -15.32
CA PHE B 103 2.12 -15.97 -16.67
C PHE B 103 3.01 -16.80 -17.58
N GLY B 104 3.72 -17.77 -17.03
CA GLY B 104 4.68 -18.55 -17.80
C GLY B 104 4.11 -19.89 -18.27
N GLN B 105 4.99 -20.74 -18.78
CA GLN B 105 4.64 -22.07 -19.27
C GLN B 105 4.89 -23.15 -18.23
N GLU B 106 3.84 -23.89 -17.89
CA GLU B 106 3.96 -24.99 -16.93
C GLU B 106 4.62 -26.21 -17.57
N VAL B 107 5.83 -26.53 -17.13
CA VAL B 107 6.60 -27.63 -17.72
C VAL B 107 6.44 -28.91 -16.89
N MET B 108 6.58 -28.78 -15.59
CA MET B 108 6.22 -29.84 -14.66
C MET B 108 5.12 -29.35 -13.76
N SER B 109 3.96 -29.98 -13.84
CA SER B 109 2.79 -29.48 -13.13
C SER B 109 2.96 -29.61 -11.62
N TYR B 110 2.40 -28.65 -10.89
CA TYR B 110 2.60 -28.55 -9.45
C TYR B 110 2.03 -29.76 -8.72
N GLU B 111 2.89 -30.40 -7.92
CA GLU B 111 2.45 -31.41 -6.97
C GLU B 111 2.61 -30.95 -5.52
N SER B 112 1.56 -31.16 -4.72
CA SER B 112 1.52 -30.71 -3.34
C SER B 112 2.58 -31.42 -2.50
N PRO B 113 3.40 -30.64 -1.78
CA PRO B 113 4.27 -31.28 -0.80
C PRO B 113 3.48 -32.19 0.15
N ARG B 114 3.94 -33.42 0.34
CA ARG B 114 3.47 -34.27 1.45
C ARG B 114 4.64 -34.92 2.21
N PRO B 115 5.41 -34.12 2.96
CA PRO B 115 6.56 -34.61 3.70
C PRO B 115 6.20 -35.65 4.76
N THR B 116 7.22 -36.37 5.24
CA THR B 116 7.05 -37.58 6.03
C THR B 116 8.44 -37.95 6.58
N MET B 117 8.46 -38.64 7.72
CA MET B 117 9.74 -38.96 8.36
C MET B 117 10.65 -37.73 8.43
N GLY B 118 10.15 -36.62 8.97
CA GLY B 118 10.98 -35.45 9.26
C GLY B 118 10.72 -34.23 8.40
N ILE B 119 11.56 -33.20 8.57
CA ILE B 119 11.30 -31.87 8.01
C ILE B 119 11.94 -31.74 6.63
N HIS B 120 11.14 -31.39 5.63
CA HIS B 120 11.64 -31.21 4.27
C HIS B 120 11.76 -29.72 3.96
N ARG B 121 12.88 -29.31 3.37
CA ARG B 121 12.97 -28.02 2.72
C ARG B 121 12.26 -28.09 1.36
N LEU B 122 11.43 -27.11 1.05
CA LEU B 122 10.92 -26.94 -0.31
C LEU B 122 11.47 -25.67 -0.94
N VAL B 123 12.22 -25.81 -2.02
CA VAL B 123 13.19 -24.81 -2.43
C VAL B 123 12.81 -24.24 -3.78
N PHE B 124 12.65 -22.91 -3.83
CA PHE B 124 12.37 -22.21 -5.08
C PHE B 124 13.64 -21.56 -5.64
N VAL B 125 13.95 -21.86 -6.90
CA VAL B 125 15.12 -21.29 -7.57
C VAL B 125 14.72 -20.62 -8.88
N LEU B 126 15.15 -19.38 -9.03
CA LEU B 126 14.79 -18.60 -10.22
C LEU B 126 16.03 -18.32 -11.07
N PHE B 127 15.91 -18.60 -12.37
CA PHE B 127 16.98 -18.33 -13.34
C PHE B 127 16.46 -17.36 -14.38
N GLN B 128 17.38 -16.58 -14.96
CA GLN B 128 17.09 -15.82 -16.17
C GLN B 128 17.55 -16.60 -17.40
N GLN B 129 16.65 -16.77 -18.36
CA GLN B 129 17.00 -17.43 -19.61
C GLN B 129 17.70 -16.46 -20.56
N LEU B 130 18.56 -17.00 -21.42
CA LEU B 130 19.12 -16.22 -22.53
C LEU B 130 18.01 -15.72 -23.47
N GLY B 131 16.96 -16.52 -23.61
CA GLY B 131 15.78 -16.13 -24.38
C GLY B 131 14.73 -17.23 -24.44
N ARG B 132 13.63 -16.97 -25.13
CA ARG B 132 12.62 -17.99 -25.40
C ARG B 132 13.27 -19.23 -26.00
N GLN B 133 13.25 -20.32 -25.23
CA GLN B 133 13.96 -21.54 -25.61
C GLN B 133 13.10 -22.76 -25.27
N THR B 134 13.29 -23.84 -26.01
CA THR B 134 12.49 -25.02 -25.78
C THR B 134 13.01 -25.81 -24.58
N VAL B 135 12.24 -25.83 -23.51
CA VAL B 135 12.61 -26.56 -22.30
C VAL B 135 11.74 -27.79 -22.11
N TYR B 136 12.35 -28.91 -21.76
CA TYR B 136 11.61 -30.15 -21.60
C TYR B 136 11.45 -30.52 -20.13
N ALA B 137 10.30 -31.11 -19.81
CA ALA B 137 10.14 -31.85 -18.58
C ALA B 137 11.11 -33.02 -18.56
N PRO B 138 11.94 -33.11 -17.51
CA PRO B 138 12.39 -34.45 -17.16
C PRO B 138 11.20 -35.40 -17.23
N GLY B 139 11.47 -36.69 -17.41
CA GLY B 139 10.41 -37.67 -17.61
C GLY B 139 9.87 -38.23 -16.31
N TRP B 140 10.56 -37.92 -15.21
CA TRP B 140 10.13 -38.31 -13.87
C TRP B 140 10.51 -37.21 -12.87
N ARG B 141 9.86 -37.20 -11.72
CA ARG B 141 10.10 -36.13 -10.75
C ARG B 141 11.34 -36.36 -9.90
N GLN B 142 11.65 -37.63 -9.62
CA GLN B 142 12.73 -37.98 -8.70
C GLN B 142 14.14 -37.83 -9.30
N ASN B 143 15.12 -37.64 -8.42
CA ASN B 143 16.54 -37.58 -8.82
C ASN B 143 16.83 -36.50 -9.86
N PHE B 144 16.10 -35.40 -9.77
CA PHE B 144 16.36 -34.21 -10.55
C PHE B 144 17.64 -33.54 -10.08
N ASN B 145 18.36 -32.92 -11.00
CA ASN B 145 19.52 -32.12 -10.64
C ASN B 145 19.41 -30.70 -11.20
N THR B 146 19.09 -29.75 -10.33
CA THR B 146 18.88 -28.37 -10.78
C THR B 146 20.15 -27.83 -11.44
N LYS B 147 21.30 -28.19 -10.90
CA LYS B 147 22.57 -27.73 -11.47
C LYS B 147 22.81 -28.23 -12.90
N ASP B 148 22.72 -29.54 -13.11
CA ASP B 148 22.72 -30.10 -14.46
C ASP B 148 21.66 -29.46 -15.37
N PHE B 149 20.43 -29.33 -14.85
CA PHE B 149 19.32 -28.73 -15.61
C PHE B 149 19.67 -27.31 -16.09
N ALA B 150 20.20 -26.48 -15.20
CA ALA B 150 20.67 -25.14 -15.55
C ALA B 150 21.74 -25.17 -16.64
N GLU B 151 22.58 -26.19 -16.58
CA GLU B 151 23.67 -26.29 -17.54
C GLU B 151 23.12 -26.71 -18.90
N LEU B 152 22.24 -27.70 -18.90
CA LEU B 152 21.70 -28.26 -20.14
C LEU B 152 20.86 -27.24 -20.89
N TYR B 153 20.24 -26.32 -20.15
CA TYR B 153 19.38 -25.34 -20.77
C TYR B 153 19.96 -23.92 -20.77
N ASN B 154 21.24 -23.81 -20.45
CA ASN B 154 21.94 -22.53 -20.54
C ASN B 154 21.32 -21.44 -19.66
N LEU B 155 21.10 -21.76 -18.40
CA LEU B 155 20.35 -20.89 -17.51
C LEU B 155 21.31 -20.13 -16.60
N GLY B 156 22.59 -20.39 -16.79
CA GLY B 156 23.62 -19.79 -15.95
C GLY B 156 23.42 -20.10 -14.48
N SER B 157 23.60 -19.09 -13.64
CA SER B 157 23.40 -19.22 -12.22
C SER B 157 22.04 -18.69 -11.79
N PRO B 158 21.56 -19.12 -10.62
CA PRO B 158 20.32 -18.55 -10.08
C PRO B 158 20.45 -17.04 -9.95
N VAL B 159 19.36 -16.32 -10.22
CA VAL B 159 19.31 -14.89 -9.91
C VAL B 159 18.53 -14.66 -8.62
N ALA B 160 17.95 -15.73 -8.09
CA ALA B 160 17.27 -15.68 -6.80
C ALA B 160 16.92 -17.06 -6.30
N ALA B 161 16.66 -17.16 -5.00
CA ALA B 161 16.18 -18.41 -4.42
C ALA B 161 15.66 -18.21 -3.00
N VAL B 162 14.69 -19.05 -2.62
CA VAL B 162 14.09 -19.01 -1.29
C VAL B 162 13.49 -20.38 -1.00
N TYR B 163 13.41 -20.74 0.27
CA TYR B 163 12.85 -22.03 0.67
C TYR B 163 12.07 -21.95 1.97
N PHE B 164 11.03 -22.78 2.08
CA PHE B 164 10.38 -22.97 3.38
C PHE B 164 10.59 -24.39 3.90
N ASN B 165 10.37 -24.58 5.19
CA ASN B 165 10.38 -25.92 5.78
C ASN B 165 8.96 -26.44 5.93
N SER B 166 8.81 -27.76 5.90
CA SER B 166 7.50 -28.37 6.13
C SER B 166 7.63 -29.77 6.70
N GLN B 167 6.66 -30.16 7.51
CA GLN B 167 6.62 -31.54 7.99
C GLN B 167 5.19 -32.04 8.14
N ARG B 168 5.05 -33.36 8.15
CA ARG B 168 3.76 -34.02 8.33
C ARG B 168 2.96 -33.31 9.41
N GLU B 169 1.68 -33.06 9.13
CA GLU B 169 0.74 -32.67 10.16
C GLU B 169 0.23 -33.89 10.93
N ALA B 170 0.67 -34.01 12.18
CA ALA B 170 -0.05 -34.79 13.18
C ALA B 170 -1.54 -34.48 13.11
N MET C 6 -35.31 24.00 0.70
CA MET C 6 -34.41 23.05 1.42
C MET C 6 -34.06 23.59 2.81
N SER C 7 -33.94 22.69 3.78
CA SER C 7 -33.40 23.05 5.08
C SER C 7 -31.96 23.50 4.95
N ARG C 8 -31.43 24.12 5.99
CA ARG C 8 -30.08 24.66 5.91
C ARG C 8 -29.00 23.71 6.40
N GLU C 9 -29.40 22.73 7.20
CA GLU C 9 -28.59 21.52 7.36
C GLU C 9 -28.47 20.79 6.02
N GLU C 10 -29.46 20.99 5.16
CA GLU C 10 -29.56 20.24 3.91
C GLU C 10 -28.70 20.88 2.83
N ASN C 11 -28.74 22.21 2.76
CA ASN C 11 -27.93 22.92 1.79
C ASN C 11 -26.43 22.82 2.08
N VAL C 12 -26.09 22.83 3.37
CA VAL C 12 -24.75 22.45 3.80
C VAL C 12 -24.45 21.04 3.35
N TYR C 13 -25.44 20.16 3.46
CA TYR C 13 -25.24 18.76 3.14
C TYR C 13 -24.90 18.59 1.66
N MET C 14 -25.67 19.26 0.80
CA MET C 14 -25.49 19.19 -0.64
C MET C 14 -24.21 19.89 -1.04
N ALA C 15 -23.91 21.01 -0.37
CA ALA C 15 -22.61 21.62 -0.52
C ALA C 15 -21.49 20.61 -0.24
N LYS C 16 -21.65 19.81 0.80
CA LYS C 16 -20.62 18.83 1.12
C LYS C 16 -20.57 17.70 0.10
N LEU C 17 -21.75 17.24 -0.32
CA LEU C 17 -21.89 16.25 -1.40
C LEU C 17 -21.11 16.71 -2.61
N ALA C 18 -21.29 17.98 -2.97
CA ALA C 18 -20.78 18.51 -4.24
C ALA C 18 -19.28 18.71 -4.15
N GLU C 19 -18.82 19.09 -2.96
CA GLU C 19 -17.39 19.20 -2.72
C GLU C 19 -16.70 17.85 -2.97
N GLN C 20 -17.36 16.77 -2.60
CA GLN C 20 -16.78 15.46 -2.79
C GLN C 20 -16.87 14.96 -4.22
N ALA C 21 -17.92 15.38 -4.93
CA ALA C 21 -18.03 15.15 -6.37
C ALA C 21 -17.12 16.09 -7.18
N GLU C 22 -16.46 17.01 -6.49
CA GLU C 22 -15.62 18.01 -7.15
C GLU C 22 -16.41 18.75 -8.21
N ARG C 23 -17.66 19.03 -7.87
CA ARG C 23 -18.53 19.86 -8.71
C ARG C 23 -18.66 21.23 -8.04
N TYR C 24 -17.70 22.11 -8.28
CA TYR C 24 -17.52 23.25 -7.37
C TYR C 24 -18.49 24.39 -7.58
N GLU C 25 -18.96 24.58 -8.81
CA GLU C 25 -19.94 25.63 -9.04
C GLU C 25 -21.25 25.33 -8.33
N GLU C 26 -21.60 24.04 -8.27
CA GLU C 26 -22.77 23.60 -7.55
C GLU C 26 -22.57 23.76 -6.04
N MET C 27 -21.37 23.49 -5.57
CA MET C 27 -21.01 23.78 -4.19
C MET C 27 -21.21 25.28 -3.85
N VAL C 28 -20.75 26.16 -4.74
CA VAL C 28 -21.02 27.58 -4.60
C VAL C 28 -22.52 27.87 -4.50
N GLU C 29 -23.31 27.27 -5.40
CA GLU C 29 -24.75 27.51 -5.41
C GLU C 29 -25.42 27.19 -4.08
N TYR C 30 -25.12 26.02 -3.54
CA TYR C 30 -25.72 25.62 -2.29
C TYR C 30 -25.31 26.54 -1.16
N MET C 31 -24.01 26.80 -1.07
CA MET C 31 -23.48 27.60 0.02
C MET C 31 -24.05 29.01 -0.07
N GLU C 32 -24.26 29.48 -1.29
CA GLU C 32 -24.85 30.79 -1.52
C GLU C 32 -26.21 30.87 -0.83
N LYS C 33 -27.04 29.85 -1.03
CA LYS C 33 -28.37 29.84 -0.48
C LYS C 33 -28.31 29.82 1.03
N VAL C 34 -27.24 29.23 1.56
CA VAL C 34 -26.95 29.32 2.97
C VAL C 34 -26.60 30.75 3.40
N ALA C 35 -25.80 31.43 2.60
CA ALA C 35 -25.29 32.74 2.98
C ALA C 35 -26.40 33.78 2.98
N LYS C 36 -27.38 33.59 2.09
CA LYS C 36 -28.46 34.55 1.95
C LYS C 36 -29.59 34.25 2.93
N THR C 37 -29.76 32.97 3.26
CA THR C 37 -30.92 32.52 4.02
C THR C 37 -30.94 33.13 5.41
N VAL C 38 -29.82 32.95 6.13
CA VAL C 38 -29.57 33.68 7.37
C VAL C 38 -29.18 35.13 7.06
N ASP C 39 -29.72 36.07 7.83
CA ASP C 39 -29.55 37.49 7.54
C ASP C 39 -28.22 38.04 8.04
N VAL C 40 -28.26 39.14 8.78
CA VAL C 40 -27.10 39.61 9.55
C VAL C 40 -26.83 38.70 10.76
N GLU C 41 -27.41 37.49 10.72
CA GLU C 41 -26.92 36.35 11.50
C GLU C 41 -26.03 35.39 10.70
N GLU C 42 -24.80 35.85 10.42
CA GLU C 42 -23.59 35.03 10.53
C GLU C 42 -23.74 33.52 10.27
N LEU C 43 -23.14 33.09 9.17
CA LEU C 43 -22.59 31.74 9.04
C LEU C 43 -21.77 31.33 10.26
N THR C 44 -21.79 30.04 10.59
CA THR C 44 -20.81 29.46 11.51
C THR C 44 -19.45 29.29 10.83
N VAL C 45 -18.45 28.89 11.61
CA VAL C 45 -17.12 28.66 11.05
C VAL C 45 -17.16 27.64 9.91
N GLU C 46 -17.79 26.49 10.17
CA GLU C 46 -17.91 25.42 9.19
C GLU C 46 -18.44 25.91 7.84
N GLU C 47 -19.53 26.66 7.90
CA GLU C 47 -20.19 27.13 6.68
C GLU C 47 -19.37 28.22 5.98
N ARG C 48 -18.76 29.08 6.78
CA ARG C 48 -17.93 30.17 6.28
C ARG C 48 -16.67 29.66 5.57
N ASN C 49 -16.10 28.56 6.08
CA ASN C 49 -15.03 27.86 5.39
C ASN C 49 -15.49 27.21 4.08
N LEU C 50 -16.59 26.45 4.16
CA LEU C 50 -17.22 25.84 2.98
C LEU C 50 -17.42 26.86 1.84
N LEU C 51 -18.03 27.99 2.15
CA LEU C 51 -18.28 29.02 1.13
C LEU C 51 -16.97 29.47 0.47
N SER C 52 -16.00 29.84 1.30
CA SER C 52 -14.68 30.24 0.83
C SER C 52 -14.06 29.19 -0.10
N VAL C 53 -14.06 27.94 0.35
CA VAL C 53 -13.51 26.84 -0.45
C VAL C 53 -14.25 26.64 -1.76
N ALA C 54 -15.57 26.77 -1.76
CA ALA C 54 -16.33 26.59 -2.98
C ALA C 54 -15.83 27.57 -4.01
N TYR C 55 -15.81 28.83 -3.63
CA TYR C 55 -15.47 29.93 -4.55
C TYR C 55 -14.00 29.91 -4.91
N LYS C 56 -13.17 29.44 -3.99
CA LYS C 56 -11.73 29.35 -4.22
C LYS C 56 -11.41 28.29 -5.27
N ASN C 57 -12.19 27.21 -5.29
CA ASN C 57 -11.99 26.16 -6.27
C ASN C 57 -12.55 26.51 -7.65
N VAL C 58 -13.69 27.21 -7.65
CA VAL C 58 -14.28 27.69 -8.89
C VAL C 58 -13.43 28.78 -9.56
N ILE C 59 -12.97 29.75 -8.77
CA ILE C 59 -12.07 30.78 -9.31
C ILE C 59 -10.72 30.18 -9.68
N GLY C 60 -10.24 29.25 -8.88
CA GLY C 60 -8.88 28.70 -9.07
C GLY C 60 -8.69 28.03 -10.43
N ALA C 61 -9.72 27.33 -10.89
CA ALA C 61 -9.64 26.64 -12.16
C ALA C 61 -9.48 27.64 -13.30
N ARG C 62 -10.25 28.71 -13.24
CA ARG C 62 -10.16 29.75 -14.25
C ARG C 62 -8.87 30.55 -14.17
N ARG C 63 -8.34 30.74 -12.97
CA ARG C 63 -7.07 31.44 -12.84
C ARG C 63 -5.96 30.62 -13.51
N ALA C 64 -5.98 29.32 -13.28
CA ALA C 64 -5.04 28.42 -13.96
C ALA C 64 -5.20 28.46 -15.47
N SER C 65 -6.43 28.35 -15.95
CA SER C 65 -6.67 28.39 -17.39
C SER C 65 -6.14 29.70 -17.96
N TRP C 66 -6.36 30.79 -17.24
CA TRP C 66 -6.02 32.10 -17.76
C TRP C 66 -4.49 32.29 -17.87
N ARG C 67 -3.76 31.84 -16.87
CA ARG C 67 -2.28 31.91 -16.90
C ARG C 67 -1.71 31.13 -18.08
N ILE C 68 -2.21 29.92 -18.31
CA ILE C 68 -1.76 29.09 -19.42
C ILE C 68 -2.01 29.80 -20.76
N VAL C 69 -3.21 30.33 -20.91
CA VAL C 69 -3.64 30.96 -22.15
C VAL C 69 -2.95 32.33 -22.36
N SER C 70 -2.67 33.02 -21.27
CA SER C 70 -1.96 34.29 -21.32
C SER C 70 -0.51 34.05 -21.73
N SER C 71 0.07 33.01 -21.15
CA SER C 71 1.45 32.66 -21.46
C SER C 71 1.63 32.23 -22.91
N ILE C 72 0.65 31.51 -23.45
CA ILE C 72 0.67 31.18 -24.87
C ILE C 72 0.50 32.44 -25.70
N GLU C 73 -0.41 33.32 -25.28
CA GLU C 73 -0.68 34.52 -26.06
C GLU C 73 0.60 35.31 -26.38
N GLN C 74 1.35 35.67 -25.35
CA GLN C 74 2.51 36.53 -25.55
C GLN C 74 3.63 35.85 -26.33
N LYS C 75 3.86 34.57 -26.04
CA LYS C 75 4.85 33.80 -26.80
C LYS C 75 4.54 33.82 -28.29
N GLU C 76 3.27 33.64 -28.64
CA GLU C 76 2.83 33.75 -30.02
C GLU C 76 2.84 35.18 -30.56
N GLU C 77 2.76 36.18 -29.68
CA GLU C 77 3.00 37.56 -30.09
C GLU C 77 4.46 37.81 -30.47
N GLY C 78 5.37 37.26 -29.67
CA GLY C 78 6.80 37.38 -29.92
C GLY C 78 7.24 36.78 -31.25
N ARG C 79 6.51 35.77 -31.71
CA ARG C 79 6.81 35.15 -32.99
C ARG C 79 6.12 35.85 -34.15
N GLY C 80 5.10 36.64 -33.84
CA GLY C 80 4.35 37.38 -34.85
C GLY C 80 3.33 36.54 -35.60
N ASN C 81 2.72 35.58 -34.92
CA ASN C 81 1.67 34.77 -35.55
C ASN C 81 0.28 35.38 -35.38
N GLU C 82 -0.02 36.39 -36.19
CA GLU C 82 -1.19 37.23 -35.98
C GLU C 82 -2.50 36.44 -35.99
N GLU C 83 -2.63 35.52 -36.93
CA GLU C 83 -3.81 34.67 -37.03
C GLU C 83 -4.10 33.90 -35.72
N HIS C 84 -3.07 33.30 -35.14
CA HIS C 84 -3.20 32.64 -33.85
C HIS C 84 -3.59 33.63 -32.75
N VAL C 85 -2.77 34.67 -32.57
CA VAL C 85 -2.94 35.62 -31.49
C VAL C 85 -4.41 36.05 -31.34
N THR C 86 -5.07 36.33 -32.46
CA THR C 86 -6.44 36.80 -32.36
C THR C 86 -7.43 35.74 -31.85
N LEU C 87 -7.33 34.53 -32.39
CA LEU C 87 -7.96 33.35 -31.78
C LEU C 87 -7.72 33.33 -30.28
N ILE C 88 -6.46 33.22 -29.89
CA ILE C 88 -6.09 33.19 -28.49
C ILE C 88 -6.74 34.30 -27.66
N LYS C 89 -6.85 35.50 -28.23
CA LYS C 89 -7.38 36.65 -27.50
C LYS C 89 -8.86 36.50 -27.23
N GLU C 90 -9.62 36.08 -28.24
CA GLU C 90 -11.05 35.88 -28.05
C GLU C 90 -11.26 34.83 -26.98
N TYR C 91 -10.36 33.86 -26.93
CA TYR C 91 -10.46 32.75 -25.99
C TYR C 91 -10.17 33.23 -24.57
N ARG C 92 -9.08 33.97 -24.42
CA ARG C 92 -8.81 34.64 -23.15
C ARG C 92 -9.98 35.51 -22.71
N GLY C 93 -10.52 36.29 -23.62
CA GLY C 93 -11.69 37.10 -23.33
C GLY C 93 -12.80 36.30 -22.68
N LYS C 94 -13.03 35.10 -23.19
CA LYS C 94 -14.10 34.23 -22.71
C LYS C 94 -13.82 33.81 -21.28
N ILE C 95 -12.57 33.45 -21.02
CA ILE C 95 -12.12 33.10 -19.67
C ILE C 95 -12.25 34.28 -18.71
N GLU C 96 -11.95 35.48 -19.19
CA GLU C 96 -11.99 36.68 -18.34
C GLU C 96 -13.42 37.09 -18.05
N ALA C 97 -14.32 36.82 -18.99
CA ALA C 97 -15.74 37.01 -18.76
C ALA C 97 -16.20 36.13 -17.59
N GLU C 98 -15.65 34.92 -17.49
CA GLU C 98 -16.00 34.01 -16.40
C GLU C 98 -15.41 34.48 -15.08
N LEU C 99 -14.12 34.80 -15.09
CA LEU C 99 -13.47 35.36 -13.90
C LEU C 99 -14.28 36.52 -13.32
N SER C 100 -14.71 37.44 -14.17
CA SER C 100 -15.44 38.61 -13.73
C SER C 100 -16.76 38.22 -13.08
N LYS C 101 -17.44 37.24 -13.67
CA LYS C 101 -18.70 36.74 -13.13
C LYS C 101 -18.53 36.08 -11.77
N ILE C 102 -17.51 35.24 -11.64
CA ILE C 102 -17.24 34.56 -10.38
C ILE C 102 -16.88 35.58 -9.27
N CYS C 103 -16.08 36.58 -9.62
CA CYS C 103 -15.68 37.62 -8.67
C CYS C 103 -16.86 38.50 -8.25
N ASP C 104 -17.62 38.96 -9.22
CA ASP C 104 -18.83 39.73 -8.96
C ASP C 104 -19.81 38.98 -8.04
N GLY C 105 -20.10 37.72 -8.36
CA GLY C 105 -20.87 36.86 -7.47
C GLY C 105 -20.55 37.01 -5.99
N ILE C 106 -19.30 36.74 -5.62
CA ILE C 106 -18.93 36.68 -4.21
C ILE C 106 -18.72 38.07 -3.62
N LEU C 107 -18.18 38.99 -4.42
CA LEU C 107 -18.08 40.41 -4.02
C LEU C 107 -19.44 41.04 -3.68
N LYS C 108 -20.48 40.70 -4.44
CA LYS C 108 -21.82 41.25 -4.18
C LYS C 108 -22.37 40.66 -2.88
N LEU C 109 -22.12 39.37 -2.68
CA LEU C 109 -22.52 38.67 -1.47
C LEU C 109 -21.77 39.17 -0.24
N LEU C 110 -20.49 39.51 -0.42
CA LEU C 110 -19.71 40.12 0.64
C LEU C 110 -20.27 41.50 1.07
N ASP C 111 -20.59 42.33 0.08
CA ASP C 111 -21.04 43.71 0.35
C ASP C 111 -22.42 43.76 1.00
N SER C 112 -23.27 42.80 0.63
CA SER C 112 -24.68 42.85 1.01
C SER C 112 -24.94 42.06 2.29
N HIS C 113 -24.20 40.99 2.49
CA HIS C 113 -24.54 40.02 3.51
C HIS C 113 -23.38 39.81 4.46
N LEU C 114 -22.28 39.29 3.92
CA LEU C 114 -21.26 38.67 4.74
C LEU C 114 -20.51 39.71 5.59
N VAL C 115 -20.01 40.78 4.95
CA VAL C 115 -19.22 41.78 5.67
C VAL C 115 -20.04 42.61 6.65
N PRO C 116 -21.23 43.09 6.24
CA PRO C 116 -21.98 43.94 7.17
C PRO C 116 -22.67 43.15 8.28
N SER C 117 -22.84 41.85 8.07
CA SER C 117 -23.36 40.96 9.11
C SER C 117 -22.35 40.67 10.21
N SER C 118 -21.06 40.83 9.89
CA SER C 118 -19.98 40.45 10.80
C SER C 118 -19.94 41.30 12.07
N THR C 119 -19.99 40.64 13.23
CA THR C 119 -19.95 41.34 14.52
C THR C 119 -18.63 41.15 15.23
N ALA C 120 -17.96 40.04 14.92
CA ALA C 120 -16.74 39.69 15.63
C ALA C 120 -15.51 40.02 14.77
N ALA C 121 -14.38 40.27 15.44
CA ALA C 121 -13.13 40.55 14.75
C ALA C 121 -12.73 39.47 13.75
N GLU C 122 -12.84 38.21 14.16
CA GLU C 122 -12.43 37.11 13.28
C GLU C 122 -13.21 37.18 11.98
N SER C 123 -14.50 37.49 12.08
CA SER C 123 -15.38 37.42 10.92
C SER C 123 -15.10 38.63 10.04
N LYS C 124 -15.03 39.78 10.67
CA LYS C 124 -14.70 41.02 9.98
C LYS C 124 -13.38 40.87 9.21
N VAL C 125 -12.38 40.27 9.84
CA VAL C 125 -11.08 40.09 9.15
C VAL C 125 -11.16 39.05 8.04
N PHE C 126 -11.88 37.96 8.32
CA PHE C 126 -12.04 36.88 7.34
C PHE C 126 -12.68 37.42 6.05
N TYR C 127 -13.73 38.20 6.20
CA TYR C 127 -14.53 38.60 5.03
C TYR C 127 -13.98 39.80 4.29
N LEU C 128 -13.38 40.74 5.01
CA LEU C 128 -12.61 41.82 4.38
C LEU C 128 -11.40 41.29 3.62
N LYS C 129 -10.71 40.32 4.19
CA LYS C 129 -9.62 39.64 3.46
C LYS C 129 -10.16 38.98 2.19
N MET C 130 -11.32 38.35 2.33
CA MET C 130 -11.94 37.65 1.22
C MET C 130 -12.29 38.63 0.11
N LYS C 131 -12.70 39.83 0.53
CA LYS C 131 -13.01 40.91 -0.41
C LYS C 131 -11.75 41.41 -1.13
N GLY C 132 -10.68 41.62 -0.37
CA GLY C 132 -9.35 41.82 -0.94
C GLY C 132 -8.94 40.75 -1.96
N ASP C 133 -9.12 39.49 -1.62
CA ASP C 133 -8.78 38.38 -2.52
C ASP C 133 -9.40 38.53 -3.91
N TYR C 134 -10.71 38.77 -3.95
CA TYR C 134 -11.45 38.76 -5.21
C TYR C 134 -11.25 40.00 -6.06
N HIS C 135 -11.01 41.14 -5.40
CA HIS C 135 -10.48 42.30 -6.09
C HIS C 135 -9.07 42.05 -6.58
N ARG C 136 -8.25 41.40 -5.77
CA ARG C 136 -6.93 41.01 -6.26
C ARG C 136 -7.03 40.13 -7.52
N TYR C 137 -7.97 39.18 -7.54
CA TYR C 137 -8.13 38.30 -8.69
C TYR C 137 -8.59 39.07 -9.91
N LEU C 138 -9.41 40.08 -9.71
CA LEU C 138 -9.77 40.97 -10.81
C LEU C 138 -8.52 41.67 -11.35
N ALA C 139 -7.65 42.10 -10.44
CA ALA C 139 -6.49 42.89 -10.82
C ALA C 139 -5.45 42.06 -11.57
N GLU C 140 -5.42 40.76 -11.29
CA GLU C 140 -4.51 39.85 -11.99
C GLU C 140 -4.69 39.91 -13.50
N PHE C 141 -5.91 40.15 -13.96
CA PHE C 141 -6.19 40.02 -15.38
C PHE C 141 -6.72 41.29 -16.00
N LYS C 142 -7.22 42.21 -15.19
CA LYS C 142 -7.57 43.53 -15.71
C LYS C 142 -6.32 44.31 -16.11
N THR C 143 -6.57 45.45 -16.73
CA THR C 143 -5.53 46.21 -17.37
C THR C 143 -5.81 47.70 -17.23
N GLY C 144 -4.77 48.52 -17.35
CA GLY C 144 -4.94 49.97 -17.38
C GLY C 144 -5.65 50.47 -16.14
N ALA C 145 -6.90 50.88 -16.31
CA ALA C 145 -7.59 51.69 -15.31
C ALA C 145 -8.73 50.92 -14.62
N GLU C 146 -9.11 49.78 -15.19
CA GLU C 146 -9.90 48.82 -14.42
C GLU C 146 -9.01 48.10 -13.42
N ARG C 147 -7.73 48.02 -13.76
CA ARG C 147 -6.77 47.27 -12.98
C ARG C 147 -6.36 48.05 -11.75
N LYS C 148 -6.16 49.35 -11.92
CA LYS C 148 -5.71 50.21 -10.84
C LYS C 148 -6.88 50.53 -9.91
N GLU C 149 -8.09 50.41 -10.43
CA GLU C 149 -9.32 50.44 -9.64
C GLU C 149 -9.47 49.19 -8.76
N ALA C 150 -9.12 48.03 -9.31
CA ALA C 150 -9.18 46.81 -8.53
C ALA C 150 -8.09 46.76 -7.48
N ALA C 151 -6.91 47.28 -7.84
CA ALA C 151 -5.80 47.34 -6.89
C ALA C 151 -6.09 48.30 -5.75
N GLU C 152 -6.86 49.35 -6.02
CA GLU C 152 -7.29 50.26 -4.95
C GLU C 152 -8.27 49.59 -3.99
N SER C 153 -9.30 48.95 -4.55
CA SER C 153 -10.27 48.20 -3.74
C SER C 153 -9.60 47.11 -2.89
N THR C 154 -8.58 46.47 -3.44
CA THR C 154 -7.82 45.44 -2.72
C THR C 154 -7.05 46.04 -1.54
N MET C 155 -6.31 47.12 -1.81
CA MET C 155 -5.63 47.88 -0.76
C MET C 155 -6.56 48.23 0.41
N VAL C 156 -7.71 48.83 0.10
CA VAL C 156 -8.64 49.33 1.12
C VAL C 156 -9.21 48.20 1.98
N ALA C 157 -9.54 47.08 1.35
CA ALA C 157 -10.10 45.93 2.06
C ALA C 157 -9.04 45.23 2.93
N TYR C 158 -7.89 44.93 2.34
CA TYR C 158 -6.77 44.38 3.09
C TYR C 158 -6.32 45.24 4.26
N LYS C 159 -6.21 46.56 4.02
CA LYS C 159 -5.87 47.51 5.08
C LYS C 159 -6.84 47.41 6.27
N ALA C 160 -8.14 47.51 6.02
CA ALA C 160 -9.11 47.47 7.10
C ALA C 160 -9.05 46.13 7.82
N ALA C 161 -8.96 45.06 7.04
CA ALA C 161 -8.66 43.75 7.59
C ALA C 161 -7.43 43.76 8.48
N GLN C 162 -6.34 44.36 8.01
CA GLN C 162 -5.10 44.42 8.77
C GLN C 162 -5.32 45.21 10.06
N ASP C 163 -6.03 46.32 9.95
CA ASP C 163 -6.20 47.19 11.12
C ASP C 163 -6.94 46.44 12.18
N ILE C 164 -8.00 45.74 11.78
CA ILE C 164 -8.83 44.99 12.72
C ILE C 164 -8.09 43.77 13.28
N ALA C 165 -7.39 43.03 12.44
CA ALA C 165 -6.61 41.90 12.93
C ALA C 165 -5.59 42.31 14.00
N LEU C 166 -4.97 43.46 13.81
CA LEU C 166 -3.92 43.91 14.72
C LEU C 166 -4.51 44.39 16.03
N ALA C 167 -5.66 45.05 15.98
CA ALA C 167 -6.34 45.46 17.20
C ALA C 167 -6.77 44.24 18.00
N ASP C 168 -7.33 43.24 17.33
CA ASP C 168 -8.08 42.23 18.06
C ASP C 168 -7.60 40.79 18.02
N LEU C 169 -6.81 40.42 17.01
CA LEU C 169 -6.45 39.02 16.86
C LEU C 169 -5.03 38.82 17.28
N ALA C 170 -4.74 37.67 17.88
CA ALA C 170 -3.39 37.32 18.26
C ALA C 170 -2.54 37.21 17.00
N PRO C 171 -1.24 37.50 17.11
CA PRO C 171 -0.38 37.49 15.92
C PRO C 171 -0.19 36.08 15.36
N THR C 172 -0.60 35.08 16.14
CA THR C 172 -0.51 33.68 15.75
C THR C 172 -1.80 33.16 15.13
N HIS C 173 -2.83 33.99 15.11
CA HIS C 173 -4.14 33.59 14.58
C HIS C 173 -4.03 33.31 13.09
N PRO C 174 -4.58 32.15 12.65
CA PRO C 174 -4.45 31.74 11.26
C PRO C 174 -5.09 32.72 10.32
N ILE C 175 -6.17 33.36 10.79
CA ILE C 175 -6.88 34.34 9.96
C ILE C 175 -6.07 35.62 9.80
N ARG C 176 -5.41 36.04 10.89
CA ARG C 176 -4.49 37.18 10.86
C ARG C 176 -3.27 36.85 10.00
N LEU C 177 -2.82 35.60 10.09
CA LEU C 177 -1.66 35.15 9.34
C LEU C 177 -1.97 35.04 7.85
N GLY C 178 -3.18 34.57 7.55
CA GLY C 178 -3.61 34.40 6.17
C GLY C 178 -3.82 35.75 5.54
N LEU C 179 -4.19 36.73 6.35
CA LEU C 179 -4.36 38.08 5.87
C LEU C 179 -3.01 38.67 5.52
N ALA C 180 -2.03 38.40 6.37
CA ALA C 180 -0.67 38.89 6.14
C ALA C 180 -0.11 38.24 4.88
N LEU C 181 -0.40 36.95 4.73
CA LEU C 181 0.06 36.19 3.58
C LEU C 181 -0.44 36.81 2.28
N ASN C 182 -1.73 37.09 2.21
CA ASN C 182 -2.31 37.54 0.96
C ASN C 182 -2.01 39.01 0.67
N PHE C 183 -1.90 39.81 1.73
CA PHE C 183 -1.51 41.21 1.60
C PHE C 183 -0.12 41.30 1.00
N SER C 184 0.80 40.47 1.50
CA SER C 184 2.14 40.38 0.90
C SER C 184 2.11 39.96 -0.58
N VAL C 185 1.31 38.96 -0.91
CA VAL C 185 1.21 38.51 -2.29
C VAL C 185 0.68 39.65 -3.16
N PHE C 186 -0.24 40.42 -2.60
CA PHE C 186 -0.76 41.59 -3.31
C PHE C 186 0.35 42.60 -3.59
N TYR C 187 1.23 42.82 -2.62
CA TYR C 187 2.36 43.71 -2.86
C TYR C 187 3.29 43.14 -3.92
N TYR C 188 3.52 41.85 -3.85
CA TYR C 188 4.45 41.21 -4.77
C TYR C 188 3.91 41.16 -6.21
N GLU C 189 2.74 40.57 -6.40
CA GLU C 189 2.28 40.24 -7.74
C GLU C 189 1.59 41.40 -8.43
N ILE C 190 0.83 42.19 -7.69
CA ILE C 190 0.03 43.24 -8.30
C ILE C 190 0.77 44.57 -8.32
N LEU C 191 1.38 44.93 -7.20
CA LEU C 191 2.04 46.22 -7.06
C LEU C 191 3.52 46.16 -7.46
N ASN C 192 4.02 44.95 -7.72
CA ASN C 192 5.42 44.74 -8.05
C ASN C 192 6.38 45.36 -7.04
N SER C 193 6.11 45.18 -5.75
CA SER C 193 6.95 45.74 -4.71
C SER C 193 7.52 44.65 -3.81
N PRO C 194 8.55 43.94 -4.29
CA PRO C 194 9.18 42.82 -3.59
C PRO C 194 9.63 43.14 -2.18
N ASP C 195 10.13 44.36 -1.97
CA ASP C 195 10.60 44.76 -0.65
C ASP C 195 9.46 44.90 0.32
N LYS C 196 8.43 45.64 -0.10
CA LYS C 196 7.22 45.80 0.70
C LYS C 196 6.57 44.46 0.98
N ALA C 197 6.51 43.61 -0.05
CA ALA C 197 5.97 42.27 0.13
C ALA C 197 6.72 41.51 1.23
N CYS C 198 8.05 41.48 1.12
CA CYS C 198 8.89 40.74 2.05
C CYS C 198 8.77 41.31 3.45
N ASN C 199 8.92 42.63 3.56
CA ASN C 199 8.78 43.33 4.85
C ASN C 199 7.48 43.00 5.54
N LEU C 200 6.38 43.02 4.80
CA LEU C 200 5.06 42.77 5.38
C LEU C 200 4.91 41.31 5.82
N ALA C 201 5.41 40.38 5.01
CA ALA C 201 5.34 38.96 5.37
C ALA C 201 6.23 38.66 6.58
N LYS C 202 7.43 39.23 6.58
CA LYS C 202 8.43 38.95 7.62
C LYS C 202 8.02 39.52 8.99
N GLN C 203 7.50 40.74 8.99
CA GLN C 203 6.81 41.32 10.15
C GLN C 203 5.80 40.37 10.77
N ALA C 204 4.87 39.88 9.97
CA ALA C 204 3.80 39.01 10.47
C ALA C 204 4.42 37.74 11.01
N PHE C 205 5.40 37.23 10.28
CA PHE C 205 6.02 35.97 10.62
C PHE C 205 6.75 36.09 11.95
N ASP C 206 7.47 37.21 12.12
CA ASP C 206 8.21 37.50 13.34
C ASP C 206 7.31 37.75 14.58
N GLU C 207 6.23 38.51 14.40
CA GLU C 207 5.23 38.65 15.46
C GLU C 207 4.62 37.32 15.93
N ALA C 208 4.29 36.44 14.99
CA ALA C 208 3.79 35.12 15.36
C ALA C 208 4.87 34.33 16.10
N ILE C 209 6.09 34.32 15.55
CA ILE C 209 7.18 33.56 16.13
C ILE C 209 7.38 33.94 17.59
N SER C 210 7.10 35.20 17.92
CA SER C 210 7.36 35.67 19.27
C SER C 210 6.23 35.24 20.21
N GLU C 211 5.21 34.59 19.67
CA GLU C 211 4.17 33.98 20.52
C GLU C 211 3.92 32.49 20.32
N LEU C 212 4.56 31.89 19.32
CA LEU C 212 4.23 30.53 18.91
C LEU C 212 4.20 29.55 20.07
N ASP C 213 5.12 29.71 21.03
CA ASP C 213 5.26 28.75 22.12
C ASP C 213 4.37 29.02 23.33
N THR C 214 3.46 29.98 23.24
CA THR C 214 2.40 30.08 24.24
C THR C 214 1.20 29.21 23.89
N LEU C 215 1.21 28.66 22.67
CA LEU C 215 0.03 28.03 22.12
C LEU C 215 -0.04 26.60 22.60
N GLY C 216 -1.27 26.12 22.83
CA GLY C 216 -1.53 24.69 22.92
C GLY C 216 -1.28 24.01 21.59
N GLU C 217 -1.36 22.68 21.59
CA GLU C 217 -0.81 21.87 20.52
C GLU C 217 -1.56 22.06 19.19
N GLU C 218 -2.89 21.91 19.23
CA GLU C 218 -3.70 22.00 18.01
C GLU C 218 -3.64 23.42 17.46
N SER C 219 -3.66 24.40 18.36
CA SER C 219 -3.54 25.78 17.96
C SER C 219 -2.18 26.06 17.30
N TYR C 220 -1.13 25.50 17.87
CA TYR C 220 0.21 25.60 17.28
C TYR C 220 0.24 25.01 15.88
N LYS C 221 -0.40 23.88 15.68
CA LYS C 221 -0.39 23.24 14.38
C LYS C 221 -1.16 24.05 13.34
N ASP C 222 -2.28 24.65 13.78
CA ASP C 222 -3.05 25.59 12.96
C ASP C 222 -2.22 26.78 12.51
N SER C 223 -1.50 27.41 13.44
CA SER C 223 -0.70 28.58 13.09
C SER C 223 0.43 28.19 12.15
N THR C 224 1.07 27.06 12.43
CA THR C 224 2.30 26.72 11.73
C THR C 224 2.03 26.48 10.26
N LEU C 225 0.80 26.10 9.94
CA LEU C 225 0.42 25.84 8.57
C LEU C 225 0.57 27.09 7.72
N ILE C 226 0.14 28.22 8.26
CA ILE C 226 0.18 29.45 7.49
C ILE C 226 1.53 30.13 7.62
N MET C 227 2.22 29.81 8.70
CA MET C 227 3.57 30.29 8.87
C MET C 227 4.54 29.66 7.89
N GLN C 228 4.39 28.36 7.63
CA GLN C 228 5.12 27.70 6.54
C GLN C 228 4.97 28.37 5.19
N LEU C 229 3.76 28.83 4.89
CA LEU C 229 3.54 29.52 3.62
C LEU C 229 4.24 30.87 3.60
N LEU C 230 4.11 31.64 4.69
CA LEU C 230 4.85 32.90 4.84
C LEU C 230 6.36 32.65 4.65
N ARG C 231 6.86 31.62 5.32
CA ARG C 231 8.27 31.23 5.27
C ARG C 231 8.78 30.86 3.87
N ASP C 232 7.97 30.14 3.10
CA ASP C 232 8.41 29.62 1.80
C ASP C 232 8.41 30.75 0.77
N ASN C 233 7.37 31.58 0.80
CA ASN C 233 7.36 32.79 -0.01
C ASN C 233 8.58 33.67 0.27
N LEU C 234 8.82 33.93 1.56
CA LEU C 234 9.97 34.73 1.99
C LEU C 234 11.30 34.16 1.49
N THR C 235 11.45 32.84 1.61
CA THR C 235 12.60 32.13 1.06
C THR C 235 12.71 32.27 -0.46
N LEU C 236 11.57 32.20 -1.16
CA LEU C 236 11.55 32.31 -2.62
C LEU C 236 11.89 33.72 -3.10
N TRP C 237 11.19 34.73 -2.57
CA TRP C 237 11.41 36.13 -2.98
C TRP C 237 12.84 36.61 -2.67
N THR C 238 13.58 35.79 -1.95
CA THR C 238 14.77 36.23 -1.29
C THR C 238 15.93 35.33 -1.71
N SER C 239 15.69 34.53 -2.75
CA SER C 239 16.56 33.43 -3.13
C SER C 239 17.50 33.84 -4.26
N ASP C 240 18.62 33.13 -4.38
CA ASP C 240 19.61 33.48 -5.37
C ASP C 240 19.05 33.40 -6.79
N MET D 6 -14.11 29.54 -39.16
CA MET D 6 -12.95 28.87 -38.49
C MET D 6 -12.49 27.63 -39.25
N SER D 7 -11.22 27.60 -39.61
CA SER D 7 -10.71 26.52 -40.44
C SER D 7 -10.36 25.31 -39.58
N ARG D 8 -10.18 24.17 -40.23
CA ARG D 8 -9.95 22.92 -39.53
C ARG D 8 -8.62 22.93 -38.78
N GLU D 9 -7.63 23.60 -39.36
CA GLU D 9 -6.35 23.87 -38.68
C GLU D 9 -6.50 24.78 -37.45
N GLU D 10 -7.45 25.70 -37.50
CA GLU D 10 -7.70 26.59 -36.37
C GLU D 10 -8.45 25.88 -35.25
N ASN D 11 -9.45 25.08 -35.63
CA ASN D 11 -10.15 24.22 -34.68
C ASN D 11 -9.19 23.28 -33.96
N VAL D 12 -8.27 22.67 -34.72
CA VAL D 12 -7.31 21.74 -34.13
C VAL D 12 -6.36 22.48 -33.19
N TYR D 13 -5.91 23.65 -33.62
CA TYR D 13 -5.05 24.50 -32.81
C TYR D 13 -5.74 24.93 -31.50
N MET D 14 -6.99 25.35 -31.59
CA MET D 14 -7.77 25.77 -30.41
C MET D 14 -8.12 24.60 -29.50
N ALA D 15 -8.20 23.39 -30.05
CA ALA D 15 -8.44 22.22 -29.23
C ALA D 15 -7.22 21.89 -28.39
N LYS D 16 -6.04 22.24 -28.89
CA LYS D 16 -4.80 22.06 -28.14
C LYS D 16 -4.74 23.11 -27.04
N LEU D 17 -5.14 24.32 -27.37
CA LEU D 17 -5.18 25.39 -26.40
C LEU D 17 -6.15 25.06 -25.26
N ALA D 18 -7.37 24.66 -25.64
CA ALA D 18 -8.34 24.19 -24.65
C ALA D 18 -7.76 23.06 -23.83
N GLU D 19 -7.09 22.11 -24.48
CA GLU D 19 -6.52 20.99 -23.74
C GLU D 19 -5.54 21.47 -22.66
N GLN D 20 -4.63 22.35 -23.03
CA GLN D 20 -3.66 22.86 -22.07
C GLN D 20 -4.34 23.66 -20.97
N ALA D 21 -5.42 24.35 -21.32
CA ALA D 21 -6.24 25.07 -20.35
C ALA D 21 -7.05 24.12 -19.49
N GLU D 22 -7.14 22.86 -19.90
CA GLU D 22 -7.94 21.87 -19.16
C GLU D 22 -9.41 22.25 -19.20
N ARG D 23 -9.83 22.72 -20.36
CA ARG D 23 -11.21 23.12 -20.56
C ARG D 23 -11.83 22.20 -21.61
N TYR D 24 -12.26 21.02 -21.18
CA TYR D 24 -12.36 19.90 -22.08
C TYR D 24 -13.69 19.90 -22.84
N GLU D 25 -14.71 20.49 -22.21
CA GLU D 25 -15.99 20.71 -22.89
C GLU D 25 -15.76 21.51 -24.18
N GLU D 26 -14.91 22.52 -24.08
CA GLU D 26 -14.57 23.30 -25.25
C GLU D 26 -13.64 22.55 -26.20
N MET D 27 -12.80 21.69 -25.66
CA MET D 27 -11.96 20.87 -26.51
C MET D 27 -12.82 19.94 -27.38
N VAL D 28 -13.84 19.35 -26.76
CA VAL D 28 -14.81 18.53 -27.47
C VAL D 28 -15.46 19.31 -28.60
N GLU D 29 -15.84 20.56 -28.32
CA GLU D 29 -16.52 21.38 -29.30
C GLU D 29 -15.64 21.58 -30.54
N TYR D 30 -14.38 21.94 -30.32
CA TYR D 30 -13.46 22.20 -31.43
C TYR D 30 -13.27 20.96 -32.28
N MET D 31 -13.00 19.84 -31.63
CA MET D 31 -12.73 18.59 -32.35
C MET D 31 -13.97 18.04 -33.06
N GLU D 32 -15.15 18.32 -32.52
CA GLU D 32 -16.39 17.95 -33.16
C GLU D 32 -16.49 18.61 -34.53
N LYS D 33 -16.18 19.91 -34.57
CA LYS D 33 -16.17 20.67 -35.83
C LYS D 33 -15.18 20.05 -36.80
N VAL D 34 -13.98 19.78 -36.33
CA VAL D 34 -13.03 19.01 -37.10
C VAL D 34 -13.73 17.76 -37.63
N ALA D 35 -14.28 16.97 -36.73
CA ALA D 35 -14.71 15.63 -37.08
C ALA D 35 -15.80 15.65 -38.14
N LYS D 36 -16.64 16.67 -38.11
CA LYS D 36 -17.74 16.77 -39.06
C LYS D 36 -17.24 17.15 -40.46
N THR D 37 -16.00 16.78 -40.76
CA THR D 37 -15.36 17.08 -42.05
C THR D 37 -14.57 15.88 -42.61
N VAL D 38 -14.88 14.67 -42.11
CA VAL D 38 -14.04 13.50 -42.32
C VAL D 38 -14.40 12.70 -43.57
N ASP D 39 -15.23 13.28 -44.42
CA ASP D 39 -15.95 12.48 -45.41
C ASP D 39 -15.27 12.42 -46.77
N VAL D 40 -15.02 11.19 -47.24
CA VAL D 40 -13.90 10.85 -48.11
C VAL D 40 -12.53 11.45 -47.74
N GLU D 41 -12.33 11.66 -46.43
CA GLU D 41 -11.28 12.57 -45.94
C GLU D 41 -11.10 12.47 -44.41
N GLU D 42 -10.47 11.40 -43.93
CA GLU D 42 -10.53 11.01 -42.52
C GLU D 42 -9.50 11.72 -41.64
N LEU D 43 -9.74 11.68 -40.33
CA LEU D 43 -8.87 12.37 -39.37
C LEU D 43 -7.47 11.80 -39.37
N THR D 44 -6.48 12.67 -39.19
CA THR D 44 -5.12 12.24 -38.90
C THR D 44 -5.07 11.47 -37.59
N VAL D 45 -3.94 10.85 -37.32
CA VAL D 45 -3.70 10.24 -36.02
C VAL D 45 -3.79 11.30 -34.92
N GLU D 46 -3.18 12.46 -35.16
CA GLU D 46 -3.15 13.52 -34.16
C GLU D 46 -4.56 14.00 -33.84
N GLU D 47 -5.35 14.21 -34.89
CA GLU D 47 -6.71 14.71 -34.73
C GLU D 47 -7.58 13.73 -33.99
N ARG D 48 -7.55 12.49 -34.45
CA ARG D 48 -8.38 11.43 -33.89
C ARG D 48 -8.05 11.17 -32.42
N ASN D 49 -6.79 11.35 -32.04
CA ASN D 49 -6.40 11.15 -30.65
C ASN D 49 -6.88 12.31 -29.78
N LEU D 50 -6.88 13.51 -30.36
CA LEU D 50 -7.32 14.70 -29.66
C LEU D 50 -8.81 14.62 -29.36
N LEU D 51 -9.57 14.19 -30.34
CA LEU D 51 -10.99 13.89 -30.16
C LEU D 51 -11.18 12.94 -28.98
N SER D 52 -10.36 11.91 -28.91
CA SER D 52 -10.58 10.86 -27.95
C SER D 52 -10.20 11.36 -26.55
N VAL D 53 -9.07 12.04 -26.44
CA VAL D 53 -8.66 12.64 -25.18
C VAL D 53 -9.76 13.56 -24.65
N ALA D 54 -10.39 14.32 -25.55
CA ALA D 54 -11.33 15.36 -25.14
C ALA D 54 -12.58 14.77 -24.48
N TYR D 55 -13.23 13.84 -25.18
CA TYR D 55 -14.39 13.11 -24.68
C TYR D 55 -14.07 12.30 -23.43
N LYS D 56 -12.88 11.72 -23.41
CA LYS D 56 -12.47 10.90 -22.28
C LYS D 56 -12.37 11.71 -20.99
N ASN D 57 -11.95 12.97 -21.14
CA ASN D 57 -11.81 13.86 -20.00
C ASN D 57 -13.15 14.44 -19.57
N VAL D 58 -13.99 14.78 -20.54
CA VAL D 58 -15.34 15.20 -20.25
C VAL D 58 -16.18 14.10 -19.59
N ILE D 59 -16.18 12.90 -20.16
CA ILE D 59 -16.93 11.78 -19.54
C ILE D 59 -16.28 11.36 -18.24
N GLY D 60 -14.96 11.46 -18.21
CA GLY D 60 -14.16 10.95 -17.10
C GLY D 60 -14.49 11.63 -15.79
N ALA D 61 -14.67 12.95 -15.84
CA ALA D 61 -14.97 13.71 -14.63
C ALA D 61 -16.36 13.37 -14.08
N ARG D 62 -17.29 13.03 -14.96
CA ARG D 62 -18.63 12.66 -14.56
C ARG D 62 -18.74 11.23 -14.02
N ARG D 63 -17.94 10.31 -14.58
CA ARG D 63 -17.88 8.95 -14.04
C ARG D 63 -17.29 8.93 -12.62
N ALA D 64 -16.25 9.73 -12.41
CA ALA D 64 -15.64 9.86 -11.10
C ALA D 64 -16.58 10.53 -10.09
N SER D 65 -17.27 11.58 -10.52
CA SER D 65 -18.30 12.22 -9.67
C SER D 65 -19.44 11.24 -9.43
N TRP D 66 -19.92 10.62 -10.50
CA TRP D 66 -20.99 9.64 -10.36
C TRP D 66 -20.71 8.59 -9.30
N ARG D 67 -19.50 8.07 -9.22
CA ARG D 67 -19.26 6.96 -8.33
C ARG D 67 -18.87 7.26 -6.89
N ILE D 68 -18.45 8.48 -6.58
CA ILE D 68 -18.44 8.87 -5.17
C ILE D 68 -19.84 9.19 -4.66
N VAL D 69 -20.63 9.86 -5.48
CA VAL D 69 -22.00 10.17 -5.10
C VAL D 69 -22.76 8.87 -4.87
N SER D 70 -22.67 7.96 -5.83
CA SER D 70 -23.44 6.73 -5.78
C SER D 70 -23.10 5.88 -4.55
N SER D 71 -21.81 5.84 -4.20
CA SER D 71 -21.38 5.05 -3.06
C SER D 71 -21.61 5.78 -1.73
N ILE D 72 -21.67 7.11 -1.78
CA ILE D 72 -22.13 7.88 -0.64
C ILE D 72 -23.62 7.61 -0.47
N GLU D 73 -24.28 7.31 -1.59
CA GLU D 73 -25.71 7.06 -1.60
C GLU D 73 -26.07 5.74 -0.94
N GLN D 74 -25.18 4.75 -1.02
CA GLN D 74 -25.42 3.49 -0.33
C GLN D 74 -24.96 3.50 1.13
N LYS D 75 -23.88 4.22 1.41
CA LYS D 75 -23.50 4.52 2.79
C LYS D 75 -24.72 5.02 3.57
N GLU D 76 -25.48 5.92 2.95
CA GLU D 76 -26.64 6.52 3.59
C GLU D 76 -27.87 5.61 3.52
N GLU D 77 -27.86 4.68 2.56
CA GLU D 77 -28.88 3.64 2.50
C GLU D 77 -28.86 2.76 3.74
N GLY D 78 -27.72 2.11 3.98
CA GLY D 78 -27.58 1.20 5.10
C GLY D 78 -27.69 1.88 6.46
N ARG D 79 -27.86 3.20 6.43
CA ARG D 79 -27.87 4.00 7.67
C ARG D 79 -29.29 4.43 8.07
N GLY D 80 -30.21 4.35 7.12
CA GLY D 80 -31.61 4.71 7.37
C GLY D 80 -31.88 6.20 7.29
N ASN D 81 -31.33 6.85 6.26
CA ASN D 81 -31.41 8.30 6.13
C ASN D 81 -32.17 8.70 4.87
N GLU D 82 -33.50 8.70 4.95
CA GLU D 82 -34.33 8.71 3.77
C GLU D 82 -34.46 10.11 3.18
N GLU D 83 -34.16 11.12 3.99
CA GLU D 83 -34.02 12.49 3.50
C GLU D 83 -32.72 12.64 2.72
N HIS D 84 -31.65 12.03 3.22
CA HIS D 84 -30.35 12.10 2.58
C HIS D 84 -30.36 11.36 1.24
N VAL D 85 -30.81 10.10 1.27
CA VAL D 85 -31.05 9.31 0.06
C VAL D 85 -31.81 10.10 -1.01
N THR D 86 -32.95 10.66 -0.62
CA THR D 86 -33.79 11.43 -1.55
C THR D 86 -32.99 12.52 -2.26
N LEU D 87 -32.27 13.31 -1.48
CA LEU D 87 -31.46 14.42 -2.01
C LEU D 87 -30.29 13.91 -2.85
N ILE D 88 -29.66 12.84 -2.38
CA ILE D 88 -28.52 12.30 -3.09
C ILE D 88 -28.88 11.73 -4.47
N LYS D 89 -29.99 11.01 -4.55
CA LYS D 89 -30.30 10.30 -5.79
C LYS D 89 -30.89 11.24 -6.83
N GLU D 90 -31.51 12.32 -6.36
CA GLU D 90 -31.78 13.49 -7.18
C GLU D 90 -30.49 14.05 -7.79
N TYR D 91 -29.45 14.17 -6.97
CA TYR D 91 -28.17 14.71 -7.40
C TYR D 91 -27.47 13.73 -8.34
N ARG D 92 -27.50 12.45 -7.97
CA ARG D 92 -27.02 11.38 -8.85
C ARG D 92 -27.74 11.40 -10.18
N GLY D 93 -29.02 11.73 -10.13
CA GLY D 93 -29.84 11.82 -11.35
C GLY D 93 -29.38 12.92 -12.29
N LYS D 94 -28.76 13.96 -11.75
CA LYS D 94 -28.37 15.10 -12.56
C LYS D 94 -27.00 14.86 -13.21
N ILE D 95 -26.13 14.15 -12.50
CA ILE D 95 -24.90 13.66 -13.10
C ILE D 95 -25.18 12.68 -14.24
N GLU D 96 -26.13 11.77 -14.01
CA GLU D 96 -26.56 10.81 -15.02
C GLU D 96 -27.14 11.47 -16.28
N ALA D 97 -27.87 12.57 -16.11
CA ALA D 97 -28.32 13.33 -17.27
C ALA D 97 -27.12 13.71 -18.13
N GLU D 98 -26.05 14.15 -17.47
CA GLU D 98 -24.86 14.62 -18.18
C GLU D 98 -24.16 13.46 -18.90
N LEU D 99 -24.00 12.35 -18.20
CA LEU D 99 -23.43 11.15 -18.76
C LEU D 99 -24.12 10.71 -20.05
N SER D 100 -25.45 10.66 -20.00
CA SER D 100 -26.24 10.33 -21.18
C SER D 100 -25.93 11.28 -22.32
N LYS D 101 -25.97 12.56 -22.01
CA LYS D 101 -25.86 13.60 -23.02
C LYS D 101 -24.48 13.57 -23.69
N ILE D 102 -23.45 13.30 -22.87
CA ILE D 102 -22.10 13.23 -23.39
C ILE D 102 -21.88 11.97 -24.24
N CYS D 103 -22.38 10.82 -23.76
CA CYS D 103 -22.25 9.59 -24.52
C CYS D 103 -22.97 9.70 -25.86
N ASP D 104 -24.10 10.40 -25.86
CA ASP D 104 -24.87 10.55 -27.07
C ASP D 104 -24.19 11.45 -28.09
N GLY D 105 -23.55 12.51 -27.62
CA GLY D 105 -22.80 13.40 -28.50
C GLY D 105 -21.82 12.61 -29.35
N ILE D 106 -20.99 11.80 -28.69
CA ILE D 106 -19.93 11.07 -29.35
C ILE D 106 -20.44 9.84 -30.11
N LEU D 107 -21.50 9.22 -29.61
CA LEU D 107 -22.05 8.01 -30.24
C LEU D 107 -22.73 8.33 -31.58
N LYS D 108 -23.40 9.47 -31.62
CA LYS D 108 -23.96 9.97 -32.88
C LYS D 108 -22.85 10.28 -33.86
N LEU D 109 -21.83 10.97 -33.37
CA LEU D 109 -20.68 11.32 -34.21
C LEU D 109 -20.03 10.06 -34.80
N LEU D 110 -19.77 9.07 -33.96
CA LEU D 110 -19.25 7.77 -34.40
C LEU D 110 -20.10 7.12 -35.50
N ASP D 111 -21.43 7.17 -35.34
CA ASP D 111 -22.35 6.49 -36.25
C ASP D 111 -22.48 7.21 -37.59
N SER D 112 -22.32 8.53 -37.59
CA SER D 112 -22.56 9.28 -38.81
C SER D 112 -21.28 9.56 -39.60
N HIS D 113 -20.18 9.75 -38.89
CA HIS D 113 -18.96 10.21 -39.54
C HIS D 113 -17.80 9.26 -39.34
N LEU D 114 -17.49 8.96 -38.08
CA LEU D 114 -16.21 8.35 -37.76
C LEU D 114 -16.15 6.90 -38.21
N VAL D 115 -17.22 6.14 -37.96
CA VAL D 115 -17.19 4.71 -38.23
C VAL D 115 -17.21 4.37 -39.73
N PRO D 116 -18.10 5.04 -40.49
CA PRO D 116 -18.28 4.70 -41.90
C PRO D 116 -17.21 5.31 -42.79
N SER D 117 -16.59 6.40 -42.34
CA SER D 117 -15.54 7.03 -43.11
C SER D 117 -14.21 6.30 -42.90
N SER D 118 -14.22 5.32 -41.99
CA SER D 118 -12.99 4.61 -41.62
C SER D 118 -12.43 3.80 -42.78
N THR D 119 -11.12 3.94 -43.01
CA THR D 119 -10.48 3.27 -44.13
C THR D 119 -9.47 2.21 -43.70
N ALA D 120 -8.42 2.62 -42.99
CA ALA D 120 -7.45 1.67 -42.45
C ALA D 120 -8.12 0.65 -41.51
N ALA D 121 -7.43 -0.46 -41.27
CA ALA D 121 -7.89 -1.43 -40.29
C ALA D 121 -7.84 -0.81 -38.89
N GLU D 122 -6.75 -0.11 -38.59
CA GLU D 122 -6.58 0.44 -37.25
C GLU D 122 -7.56 1.58 -36.95
N SER D 123 -8.10 2.19 -38.01
CA SER D 123 -9.12 3.24 -37.87
C SER D 123 -10.47 2.65 -37.50
N LYS D 124 -10.82 1.52 -38.10
CA LYS D 124 -12.09 0.88 -37.83
C LYS D 124 -12.09 0.27 -36.44
N VAL D 125 -10.97 -0.34 -36.07
CA VAL D 125 -10.80 -0.90 -34.73
C VAL D 125 -10.92 0.21 -33.70
N PHE D 126 -10.15 1.27 -33.90
CA PHE D 126 -10.16 2.40 -32.96
C PHE D 126 -11.56 2.95 -32.73
N TYR D 127 -12.28 3.25 -33.81
CA TYR D 127 -13.59 3.85 -33.67
C TYR D 127 -14.66 2.83 -33.23
N LEU D 128 -14.54 1.60 -33.69
CA LEU D 128 -15.45 0.55 -33.23
C LEU D 128 -15.30 0.29 -31.74
N LYS D 129 -14.07 0.32 -31.25
CA LYS D 129 -13.80 0.19 -29.83
C LYS D 129 -14.29 1.42 -29.06
N MET D 130 -14.10 2.59 -29.65
CA MET D 130 -14.55 3.84 -29.04
C MET D 130 -16.07 3.79 -28.84
N LYS D 131 -16.76 3.25 -29.85
CA LYS D 131 -18.19 2.98 -29.78
C LYS D 131 -18.54 2.04 -28.63
N GLY D 132 -17.80 0.95 -28.53
CA GLY D 132 -18.00 0.03 -27.42
C GLY D 132 -17.86 0.72 -26.07
N ASP D 133 -16.80 1.50 -25.92
CA ASP D 133 -16.51 2.18 -24.67
C ASP D 133 -17.70 3.02 -24.16
N TYR D 134 -18.37 3.74 -25.05
CA TYR D 134 -19.37 4.68 -24.59
C TYR D 134 -20.70 4.02 -24.26
N HIS D 135 -21.03 2.97 -25.01
CA HIS D 135 -22.17 2.15 -24.64
C HIS D 135 -21.91 1.50 -23.27
N ARG D 136 -20.67 1.09 -23.04
CA ARG D 136 -20.25 0.58 -21.73
C ARG D 136 -20.45 1.63 -20.64
N TYR D 137 -20.11 2.89 -20.94
CA TYR D 137 -20.24 3.95 -19.94
C TYR D 137 -21.70 4.16 -19.58
N LEU D 138 -22.57 4.14 -20.59
CA LEU D 138 -24.01 4.09 -20.35
C LEU D 138 -24.35 2.89 -19.47
N ALA D 139 -23.77 1.75 -19.80
CA ALA D 139 -24.09 0.51 -19.10
C ALA D 139 -23.65 0.54 -17.64
N GLU D 140 -22.77 1.47 -17.30
CA GLU D 140 -22.33 1.63 -15.93
C GLU D 140 -23.40 2.17 -14.98
N PHE D 141 -24.44 2.78 -15.54
CA PHE D 141 -25.43 3.45 -14.70
C PHE D 141 -26.90 3.26 -15.10
N LYS D 142 -27.16 3.13 -16.40
CA LYS D 142 -28.52 2.82 -16.85
C LYS D 142 -29.04 1.56 -16.16
N THR D 143 -30.36 1.42 -16.09
CA THR D 143 -30.98 0.20 -15.56
C THR D 143 -32.04 -0.34 -16.51
N GLY D 144 -32.42 -1.60 -16.33
CA GLY D 144 -33.56 -2.18 -17.03
C GLY D 144 -33.35 -2.27 -18.54
N ALA D 145 -34.22 -1.60 -19.28
CA ALA D 145 -34.24 -1.72 -20.74
C ALA D 145 -33.03 -1.08 -21.40
N GLU D 146 -32.60 0.07 -20.90
CA GLU D 146 -31.53 0.84 -21.53
C GLU D 146 -30.16 0.25 -21.18
N ARG D 147 -30.06 -0.33 -20.00
CA ARG D 147 -28.91 -1.17 -19.66
C ARG D 147 -28.74 -2.29 -20.68
N LYS D 148 -29.82 -3.03 -20.92
CA LYS D 148 -29.85 -4.10 -21.92
C LYS D 148 -29.19 -3.66 -23.21
N GLU D 149 -29.77 -2.68 -23.87
CA GLU D 149 -29.35 -2.30 -25.22
C GLU D 149 -27.92 -1.78 -25.24
N ALA D 150 -27.54 -1.08 -24.17
CA ALA D 150 -26.18 -0.59 -24.03
C ALA D 150 -25.23 -1.76 -23.86
N ALA D 151 -25.65 -2.75 -23.09
CA ALA D 151 -24.85 -3.97 -22.91
C ALA D 151 -24.71 -4.77 -24.20
N GLU D 152 -25.79 -4.86 -24.98
CA GLU D 152 -25.75 -5.55 -26.26
C GLU D 152 -24.95 -4.77 -27.28
N SER D 153 -25.18 -3.46 -27.35
CA SER D 153 -24.46 -2.62 -28.28
C SER D 153 -22.96 -2.68 -28.00
N THR D 154 -22.59 -2.75 -26.71
CA THR D 154 -21.19 -2.85 -26.35
C THR D 154 -20.58 -4.13 -26.86
N MET D 155 -21.28 -5.25 -26.69
CA MET D 155 -20.83 -6.53 -27.24
C MET D 155 -20.65 -6.47 -28.75
N VAL D 156 -21.71 -6.08 -29.45
CA VAL D 156 -21.67 -5.99 -30.93
C VAL D 156 -20.48 -5.15 -31.44
N ALA D 157 -20.21 -4.05 -30.76
CA ALA D 157 -19.20 -3.10 -31.22
C ALA D 157 -17.81 -3.62 -30.92
N TYR D 158 -17.63 -4.13 -29.69
CA TYR D 158 -16.38 -4.78 -29.30
C TYR D 158 -16.04 -5.99 -30.18
N LYS D 159 -17.03 -6.85 -30.40
CA LYS D 159 -16.88 -8.00 -31.29
C LYS D 159 -16.46 -7.58 -32.70
N ALA D 160 -17.16 -6.61 -33.27
CA ALA D 160 -16.88 -6.18 -34.63
C ALA D 160 -15.46 -5.65 -34.75
N ALA D 161 -15.04 -4.89 -33.74
CA ALA D 161 -13.67 -4.41 -33.67
C ALA D 161 -12.69 -5.57 -33.46
N GLN D 162 -13.11 -6.59 -32.71
CA GLN D 162 -12.23 -7.73 -32.46
C GLN D 162 -11.89 -8.47 -33.76
N ASP D 163 -12.92 -8.77 -34.55
CA ASP D 163 -12.71 -9.47 -35.82
C ASP D 163 -11.74 -8.74 -36.75
N ILE D 164 -11.86 -7.42 -36.85
CA ILE D 164 -10.90 -6.66 -37.63
C ILE D 164 -9.50 -6.71 -37.03
N ALA D 165 -9.42 -6.67 -35.70
CA ALA D 165 -8.13 -6.58 -35.02
C ALA D 165 -7.33 -7.87 -35.11
N LEU D 166 -7.98 -8.99 -34.76
CA LEU D 166 -7.36 -10.30 -34.88
C LEU D 166 -6.86 -10.59 -36.30
N ALA D 167 -7.60 -10.14 -37.30
CA ALA D 167 -7.25 -10.41 -38.70
C ALA D 167 -6.14 -9.51 -39.24
N ASP D 168 -6.10 -8.26 -38.81
CA ASP D 168 -5.40 -7.23 -39.56
C ASP D 168 -4.27 -6.56 -38.79
N LEU D 169 -4.35 -6.57 -37.47
CA LEU D 169 -3.40 -5.85 -36.64
C LEU D 169 -2.42 -6.80 -35.98
N ALA D 170 -1.18 -6.34 -35.83
CA ALA D 170 -0.20 -7.06 -35.02
C ALA D 170 -0.70 -7.19 -33.58
N PRO D 171 -0.46 -8.35 -32.95
CA PRO D 171 -0.92 -8.58 -31.58
C PRO D 171 -0.26 -7.64 -30.59
N THR D 172 0.74 -6.88 -31.07
CA THR D 172 1.43 -5.92 -30.24
C THR D 172 0.86 -4.52 -30.45
N HIS D 173 -0.06 -4.39 -31.41
CA HIS D 173 -0.60 -3.09 -31.73
C HIS D 173 -1.42 -2.49 -30.58
N PRO D 174 -1.01 -1.30 -30.10
CA PRO D 174 -1.58 -0.64 -28.95
C PRO D 174 -3.10 -0.59 -29.05
N ILE D 175 -3.61 -0.37 -30.24
CA ILE D 175 -5.05 -0.34 -30.45
C ILE D 175 -5.71 -1.72 -30.30
N ARG D 176 -5.07 -2.75 -30.84
CA ARG D 176 -5.55 -4.11 -30.63
C ARG D 176 -5.48 -4.44 -29.13
N LEU D 177 -4.39 -4.05 -28.50
CA LEU D 177 -4.22 -4.30 -27.07
C LEU D 177 -5.22 -3.52 -26.23
N GLY D 178 -5.51 -2.29 -26.62
CA GLY D 178 -6.45 -1.44 -25.87
C GLY D 178 -7.88 -1.94 -25.98
N LEU D 179 -8.21 -2.49 -27.15
CA LEU D 179 -9.51 -3.10 -27.33
C LEU D 179 -9.67 -4.31 -26.42
N ALA D 180 -8.65 -5.16 -26.41
CA ALA D 180 -8.69 -6.37 -25.60
C ALA D 180 -8.80 -6.01 -24.12
N LEU D 181 -8.04 -5.00 -23.70
CA LEU D 181 -8.12 -4.47 -22.34
C LEU D 181 -9.54 -4.05 -22.03
N ASN D 182 -10.15 -3.30 -22.94
CA ASN D 182 -11.47 -2.74 -22.68
C ASN D 182 -12.59 -3.78 -22.81
N PHE D 183 -12.48 -4.64 -23.81
CA PHE D 183 -13.39 -5.77 -23.95
C PHE D 183 -13.41 -6.59 -22.65
N SER D 184 -12.25 -6.80 -22.06
CA SER D 184 -12.21 -7.68 -20.90
C SER D 184 -12.76 -6.98 -19.67
N VAL D 185 -12.49 -5.68 -19.55
CA VAL D 185 -13.08 -4.89 -18.46
C VAL D 185 -14.62 -4.88 -18.55
N PHE D 186 -15.14 -4.85 -19.78
CA PHE D 186 -16.57 -5.02 -20.02
C PHE D 186 -17.11 -6.37 -19.52
N TYR D 187 -16.35 -7.44 -19.74
CA TYR D 187 -16.72 -8.75 -19.21
C TYR D 187 -16.74 -8.79 -17.69
N TYR D 188 -15.71 -8.23 -17.06
CA TYR D 188 -15.60 -8.25 -15.59
C TYR D 188 -16.62 -7.35 -14.88
N GLU D 189 -16.72 -6.10 -15.30
CA GLU D 189 -17.46 -5.10 -14.54
C GLU D 189 -18.93 -5.13 -14.92
N ILE D 190 -19.21 -5.24 -16.22
CA ILE D 190 -20.56 -5.16 -16.70
C ILE D 190 -21.26 -6.51 -16.65
N LEU D 191 -20.59 -7.54 -17.13
CA LEU D 191 -21.28 -8.81 -17.36
C LEU D 191 -21.03 -9.76 -16.20
N ASN D 192 -20.21 -9.31 -15.25
CA ASN D 192 -19.85 -10.12 -14.09
C ASN D 192 -19.35 -11.53 -14.45
N SER D 193 -18.42 -11.61 -15.40
CA SER D 193 -17.76 -12.88 -15.74
C SER D 193 -16.23 -12.78 -15.67
N PRO D 194 -15.65 -13.06 -14.50
CA PRO D 194 -14.20 -13.07 -14.33
C PRO D 194 -13.49 -14.05 -15.27
N ASP D 195 -14.07 -15.22 -15.49
CA ASP D 195 -13.44 -16.22 -16.34
C ASP D 195 -13.24 -15.68 -17.76
N LYS D 196 -14.28 -15.05 -18.30
CA LYS D 196 -14.20 -14.52 -19.65
C LYS D 196 -13.25 -13.34 -19.75
N ALA D 197 -13.27 -12.47 -18.74
CA ALA D 197 -12.37 -11.32 -18.70
C ALA D 197 -10.91 -11.77 -18.65
N CYS D 198 -10.62 -12.71 -17.77
CA CYS D 198 -9.27 -13.24 -17.61
C CYS D 198 -8.73 -13.94 -18.86
N ASN D 199 -9.57 -14.71 -19.53
CA ASN D 199 -9.08 -15.42 -20.70
C ASN D 199 -8.82 -14.53 -21.90
N LEU D 200 -9.77 -13.64 -22.17
CA LEU D 200 -9.58 -12.65 -23.21
C LEU D 200 -8.31 -11.86 -22.97
N ALA D 201 -8.16 -11.31 -21.76
CA ALA D 201 -7.00 -10.54 -21.39
C ALA D 201 -5.72 -11.38 -21.44
N LYS D 202 -5.77 -12.58 -20.87
CA LYS D 202 -4.60 -13.44 -20.85
C LYS D 202 -4.13 -13.79 -22.28
N GLN D 203 -5.08 -14.15 -23.14
CA GLN D 203 -4.71 -14.55 -24.49
C GLN D 203 -4.06 -13.40 -25.27
N ALA D 204 -4.63 -12.20 -25.11
CA ALA D 204 -4.11 -11.01 -25.76
C ALA D 204 -2.75 -10.63 -25.22
N PHE D 205 -2.60 -10.75 -23.90
CA PHE D 205 -1.31 -10.57 -23.28
C PHE D 205 -0.27 -11.53 -23.89
N ASP D 206 -0.62 -12.81 -23.94
CA ASP D 206 0.31 -13.86 -24.36
C ASP D 206 0.71 -13.71 -25.83
N GLU D 207 -0.25 -13.43 -26.71
CA GLU D 207 0.03 -13.30 -28.14
C GLU D 207 1.00 -12.16 -28.38
N ALA D 208 0.86 -11.07 -27.63
CA ALA D 208 1.76 -9.92 -27.75
C ALA D 208 3.12 -10.19 -27.10
N ILE D 209 3.13 -11.03 -26.08
CA ILE D 209 4.38 -11.38 -25.43
C ILE D 209 5.26 -12.18 -26.39
N SER D 210 4.62 -12.99 -27.21
CA SER D 210 5.37 -13.73 -28.21
C SER D 210 6.00 -12.84 -29.30
N GLU D 211 5.44 -11.66 -29.52
CA GLU D 211 5.98 -10.78 -30.58
C GLU D 211 6.68 -9.53 -30.05
N LEU D 212 6.76 -9.42 -28.72
CA LEU D 212 7.20 -8.20 -28.06
C LEU D 212 8.63 -7.79 -28.41
N ASP D 213 9.52 -8.77 -28.57
CA ASP D 213 10.95 -8.49 -28.67
C ASP D 213 11.36 -8.02 -30.07
N THR D 214 10.39 -7.99 -30.99
CA THR D 214 10.65 -7.68 -32.40
C THR D 214 10.53 -6.18 -32.66
N LEU D 215 9.96 -5.46 -31.71
CA LEU D 215 9.68 -4.04 -31.88
C LEU D 215 10.90 -3.13 -31.65
N GLY D 216 10.95 -2.01 -32.36
CA GLY D 216 11.91 -0.94 -32.07
C GLY D 216 11.51 -0.19 -30.82
N GLU D 217 12.48 0.45 -30.16
CA GLU D 217 12.25 0.94 -28.80
C GLU D 217 11.02 1.87 -28.68
N GLU D 218 10.62 2.45 -29.81
CA GLU D 218 9.38 3.23 -29.90
C GLU D 218 8.10 2.37 -29.81
N SER D 219 7.92 1.50 -30.81
CA SER D 219 6.80 0.54 -30.80
C SER D 219 6.72 -0.18 -29.45
N TYR D 220 7.89 -0.60 -28.98
CA TYR D 220 8.03 -1.26 -27.68
C TYR D 220 7.35 -0.50 -26.55
N LYS D 221 7.67 0.78 -26.40
CA LYS D 221 7.14 1.55 -25.29
C LYS D 221 5.64 1.83 -25.40
N ASP D 222 5.17 2.07 -26.62
CA ASP D 222 3.74 2.13 -26.92
C ASP D 222 3.02 0.86 -26.46
N SER D 223 3.62 -0.29 -26.75
CA SER D 223 2.96 -1.57 -26.59
C SER D 223 2.92 -2.02 -25.13
N THR D 224 4.05 -1.87 -24.43
CA THR D 224 4.15 -2.35 -23.06
C THR D 224 3.26 -1.55 -22.11
N LEU D 225 2.95 -0.30 -22.47
CA LEU D 225 2.11 0.53 -21.62
C LEU D 225 0.74 -0.09 -21.41
N ILE D 226 0.11 -0.51 -22.50
CA ILE D 226 -1.17 -1.20 -22.43
C ILE D 226 -1.02 -2.58 -21.80
N MET D 227 0.08 -3.27 -22.12
CA MET D 227 0.29 -4.59 -21.61
C MET D 227 0.48 -4.60 -20.10
N GLN D 228 0.99 -3.50 -19.56
CA GLN D 228 1.12 -3.39 -18.11
C GLN D 228 -0.25 -3.25 -17.47
N LEU D 229 -1.16 -2.57 -18.17
CA LEU D 229 -2.53 -2.46 -17.71
C LEU D 229 -3.24 -3.81 -17.76
N LEU D 230 -3.04 -4.56 -18.84
CA LEU D 230 -3.56 -5.95 -18.88
C LEU D 230 -2.96 -6.79 -17.77
N ARG D 231 -1.66 -6.62 -17.52
CA ARG D 231 -0.97 -7.42 -16.51
C ARG D 231 -1.50 -7.11 -15.13
N ASP D 232 -1.66 -5.83 -14.86
CA ASP D 232 -2.10 -5.35 -13.55
C ASP D 232 -3.53 -5.77 -13.24
N ASN D 233 -4.39 -5.74 -14.26
CA ASN D 233 -5.76 -6.23 -14.12
C ASN D 233 -5.79 -7.74 -13.91
N LEU D 234 -4.94 -8.47 -14.62
CA LEU D 234 -4.92 -9.93 -14.51
C LEU D 234 -4.45 -10.37 -13.12
N THR D 235 -3.43 -9.71 -12.60
CA THR D 235 -3.02 -9.88 -11.21
C THR D 235 -4.17 -9.56 -10.26
N LEU D 236 -4.80 -8.41 -10.45
CA LEU D 236 -5.85 -7.96 -9.54
C LEU D 236 -6.96 -9.01 -9.51
N TRP D 237 -7.37 -9.46 -10.68
CA TRP D 237 -8.49 -10.39 -10.82
C TRP D 237 -8.15 -11.77 -10.27
N THR D 238 -6.86 -12.07 -10.18
CA THR D 238 -6.39 -13.40 -9.80
C THR D 238 -5.79 -13.38 -8.39
N SER D 239 -6.01 -12.27 -7.68
CA SER D 239 -5.33 -12.05 -6.40
C SER D 239 -5.96 -12.88 -5.29
N ASP D 240 -5.18 -13.13 -4.24
CA ASP D 240 -5.70 -13.75 -3.02
C ASP D 240 -6.79 -12.90 -2.39
N ARG E 3 5.83 28.95 -7.74
CA ARG E 3 5.09 28.51 -6.53
C ARG E 3 5.00 29.65 -5.51
N VAL E 4 4.79 30.86 -6.01
CA VAL E 4 4.31 31.95 -5.17
C VAL E 4 2.89 31.63 -4.67
N LEU E 5 2.68 31.64 -3.36
CA LEU E 5 1.50 30.97 -2.81
C LEU E 5 0.65 31.73 -1.78
N ALA E 7 -3.20 31.95 0.81
CA ALA E 7 -3.85 31.30 1.93
C ALA E 7 -4.84 30.27 1.43
N PRO E 8 -5.00 29.18 2.17
CA PRO E 8 -5.96 28.13 1.84
C PRO E 8 -7.41 28.54 2.12
N PHE E 9 -7.61 29.82 2.46
CA PHE E 9 -8.95 30.33 2.74
C PHE E 9 -9.06 31.80 2.33
N ARG F 3 -7.80 -1.37 -8.05
CA ARG F 3 -7.94 -0.35 -9.14
C ARG F 3 -7.87 -1.01 -10.51
N VAL F 4 -9.01 -1.47 -11.02
CA VAL F 4 -9.07 -1.99 -12.37
C VAL F 4 -8.94 -0.85 -13.39
N LEU F 5 -8.05 -1.02 -14.38
CA LEU F 5 -7.78 0.07 -15.32
C LEU F 5 -8.41 -0.24 -16.67
N ALA F 7 -8.16 1.28 -21.04
CA ALA F 7 -7.21 1.89 -21.95
C ALA F 7 -7.05 3.39 -21.72
N PRO F 8 -5.83 3.91 -21.89
CA PRO F 8 -5.52 5.31 -21.62
C PRO F 8 -5.87 6.23 -22.78
N PHE F 9 -6.56 5.70 -23.78
CA PHE F 9 -6.99 6.51 -24.91
C PHE F 9 -8.47 6.34 -25.26
N MET G 5 -1.48 -22.66 -30.97
CA MET G 5 -0.67 -23.65 -30.20
C MET G 5 0.71 -23.89 -30.81
N ARG G 6 1.74 -23.89 -29.96
CA ARG G 6 3.13 -23.99 -30.41
C ARG G 6 3.51 -25.33 -31.03
N ASP G 7 4.51 -25.29 -31.91
CA ASP G 7 5.21 -26.48 -32.38
C ASP G 7 5.65 -27.39 -31.23
N ARG G 8 6.10 -26.80 -30.13
CA ARG G 8 6.80 -27.54 -29.11
C ARG G 8 5.94 -27.79 -27.89
N ASP G 9 4.65 -27.50 -28.00
CA ASP G 9 3.71 -27.84 -26.93
C ASP G 9 3.81 -29.31 -26.57
N PRO G 10 3.92 -29.62 -25.27
CA PRO G 10 4.01 -30.98 -24.80
C PRO G 10 2.86 -31.88 -25.29
N LEU G 11 1.67 -31.32 -25.48
CA LEU G 11 0.55 -32.08 -26.05
C LEU G 11 0.79 -32.41 -27.52
N VAL G 12 1.53 -31.54 -28.21
CA VAL G 12 1.92 -31.79 -29.60
C VAL G 12 3.10 -32.75 -29.69
N VAL G 13 4.11 -32.53 -28.85
CA VAL G 13 5.23 -33.45 -28.76
C VAL G 13 4.72 -34.85 -28.46
N GLY G 14 3.75 -34.95 -27.56
CA GLY G 14 3.15 -36.23 -27.20
C GLY G 14 2.11 -36.73 -28.18
N ARG G 15 1.83 -35.96 -29.23
CA ARG G 15 0.96 -36.40 -30.32
C ARG G 15 -0.51 -36.53 -29.89
N VAL G 16 -0.81 -36.03 -28.71
CA VAL G 16 -2.19 -35.94 -28.26
C VAL G 16 -2.96 -34.95 -29.13
N VAL G 17 -2.39 -33.75 -29.29
CA VAL G 17 -2.77 -32.88 -30.39
C VAL G 17 -2.22 -33.45 -31.69
N GLY G 18 -3.11 -33.96 -32.53
CA GLY G 18 -2.70 -34.88 -33.59
C GLY G 18 -3.56 -36.13 -33.63
N ASP G 19 -3.39 -37.00 -32.66
CA ASP G 19 -4.14 -38.26 -32.64
C ASP G 19 -5.55 -38.07 -32.10
N VAL G 20 -5.72 -37.10 -31.20
CA VAL G 20 -6.97 -36.97 -30.46
C VAL G 20 -7.59 -35.59 -30.63
N LEU G 21 -6.78 -34.55 -30.49
CA LEU G 21 -7.29 -33.19 -30.48
C LEU G 21 -6.71 -32.36 -31.64
N ASP G 22 -7.46 -31.36 -32.07
CA ASP G 22 -6.86 -30.21 -32.74
C ASP G 22 -6.21 -29.29 -31.70
N ALA G 23 -5.35 -28.40 -32.19
CA ALA G 23 -4.78 -27.36 -31.35
C ALA G 23 -5.90 -26.52 -30.73
N PHE G 24 -5.65 -26.00 -29.54
CA PHE G 24 -6.61 -25.19 -28.81
C PHE G 24 -5.82 -24.34 -27.82
N VAL G 25 -6.48 -23.38 -27.18
CA VAL G 25 -5.84 -22.56 -26.16
C VAL G 25 -6.37 -22.91 -24.77
N ARG G 26 -5.48 -23.24 -23.86
CA ARG G 26 -5.91 -23.62 -22.50
C ARG G 26 -6.57 -22.41 -21.86
N SER G 27 -7.62 -22.63 -21.10
CA SER G 27 -8.26 -21.53 -20.42
C SER G 27 -8.90 -21.95 -19.11
N THR G 28 -8.67 -23.19 -18.71
CA THR G 28 -9.13 -23.65 -17.42
C THR G 28 -8.09 -24.54 -16.77
N ASN G 29 -7.84 -24.32 -15.48
CA ASN G 29 -6.96 -25.19 -14.70
C ASN G 29 -7.52 -26.60 -14.53
N LEU G 30 -6.65 -27.58 -14.72
CA LEU G 30 -7.00 -28.98 -14.56
C LEU G 30 -5.89 -29.61 -13.76
N LYS G 31 -6.25 -30.27 -12.66
CA LYS G 31 -5.27 -31.06 -11.89
C LYS G 31 -5.74 -32.51 -11.72
N VAL G 32 -4.94 -33.44 -12.23
CA VAL G 32 -5.23 -34.87 -12.13
C VAL G 32 -4.28 -35.57 -11.15
N THR G 33 -4.81 -36.22 -10.12
CA THR G 33 -3.96 -36.76 -9.09
C THR G 33 -4.37 -38.18 -8.66
N TYR G 34 -3.40 -39.10 -8.70
CA TYR G 34 -3.62 -40.45 -8.21
C TYR G 34 -2.88 -40.61 -6.87
N GLY G 35 -3.63 -40.85 -5.80
CA GLY G 35 -3.08 -40.76 -4.45
C GLY G 35 -2.52 -39.38 -4.17
N SER G 36 -1.19 -39.28 -4.08
CA SER G 36 -0.51 -38.01 -3.83
C SER G 36 0.36 -37.64 -5.02
N LYS G 37 0.25 -38.43 -6.09
CA LYS G 37 1.02 -38.18 -7.30
C LYS G 37 0.20 -37.43 -8.35
N THR G 38 0.63 -36.22 -8.68
CA THR G 38 -0.10 -35.41 -9.66
C THR G 38 0.47 -35.54 -11.08
N VAL G 39 -0.39 -35.89 -12.01
CA VAL G 39 -0.02 -36.11 -13.40
C VAL G 39 0.56 -34.87 -14.04
N SER G 40 1.56 -35.10 -14.90
CA SER G 40 2.14 -34.06 -15.73
C SER G 40 2.43 -34.68 -17.08
N ASN G 41 2.16 -33.95 -18.15
CA ASN G 41 2.24 -34.51 -19.49
C ASN G 41 3.45 -35.41 -19.61
N GLY G 42 3.20 -36.70 -19.85
CA GLY G 42 4.25 -37.63 -20.20
C GLY G 42 4.85 -38.37 -19.01
N LEU G 43 4.41 -38.07 -17.81
CA LEU G 43 4.84 -38.85 -16.66
C LEU G 43 4.37 -40.29 -16.75
N GLU G 44 5.25 -41.21 -16.37
CA GLU G 44 4.88 -42.60 -16.26
C GLU G 44 4.25 -42.94 -14.91
N LEU G 45 3.15 -43.68 -14.94
CA LEU G 45 2.53 -44.24 -13.75
C LEU G 45 2.35 -45.72 -14.00
N LYS G 46 2.56 -46.54 -12.97
CA LYS G 46 2.26 -47.98 -13.05
C LYS G 46 0.74 -48.19 -13.08
N PRO G 47 0.29 -49.25 -13.79
CA PRO G 47 -1.12 -49.65 -13.72
C PRO G 47 -1.65 -49.83 -12.29
N SER G 48 -0.80 -50.29 -11.38
CA SER G 48 -1.26 -50.55 -10.03
C SER G 48 -1.55 -49.25 -9.25
N MET G 49 -0.90 -48.17 -9.64
CA MET G 49 -1.19 -46.85 -9.08
C MET G 49 -2.51 -46.25 -9.60
N VAL G 50 -3.03 -46.77 -10.71
CA VAL G 50 -4.14 -46.12 -11.43
C VAL G 50 -5.39 -47.00 -11.63
N THR G 51 -5.53 -48.03 -10.80
CA THR G 51 -6.67 -48.93 -10.91
C THR G 51 -7.99 -48.18 -10.67
N HIS G 52 -7.94 -47.16 -9.82
CA HIS G 52 -9.13 -46.43 -9.43
C HIS G 52 -9.02 -44.99 -9.93
N GLN G 53 -10.17 -44.34 -10.11
CA GLN G 53 -10.17 -43.00 -10.68
C GLN G 53 -9.32 -42.06 -9.84
N PRO G 54 -8.65 -41.11 -10.49
CA PRO G 54 -7.97 -40.03 -9.81
C PRO G 54 -8.95 -38.94 -9.32
N ARG G 55 -8.48 -38.12 -8.39
CA ARG G 55 -9.16 -36.88 -8.10
C ARG G 55 -8.75 -35.86 -9.16
N VAL G 56 -9.74 -35.25 -9.79
CA VAL G 56 -9.49 -34.38 -10.94
C VAL G 56 -10.11 -33.03 -10.66
N GLU G 57 -9.27 -32.06 -10.31
CA GLU G 57 -9.75 -30.76 -9.91
C GLU G 57 -10.00 -29.92 -11.16
N VAL G 58 -11.10 -29.17 -11.13
CA VAL G 58 -11.51 -28.40 -12.30
C VAL G 58 -11.57 -26.92 -11.90
N GLY G 59 -10.97 -26.07 -12.71
CA GLY G 59 -10.81 -24.67 -12.36
C GLY G 59 -12.02 -23.84 -12.76
N GLY G 60 -11.77 -22.66 -13.30
CA GLY G 60 -12.82 -21.67 -13.44
C GLY G 60 -13.09 -20.95 -12.13
N ASN G 61 -13.99 -19.97 -12.18
CA ASN G 61 -14.39 -19.26 -10.96
C ASN G 61 -15.89 -19.23 -10.68
N ASP G 62 -16.64 -19.94 -11.51
CA ASP G 62 -18.09 -19.87 -11.44
C ASP G 62 -18.69 -21.28 -11.38
N MET G 63 -19.40 -21.56 -10.29
CA MET G 63 -20.07 -22.84 -10.13
C MET G 63 -21.23 -23.07 -11.09
N ARG G 64 -21.69 -22.00 -11.73
CA ARG G 64 -22.74 -22.11 -12.75
C ARG G 64 -22.22 -22.61 -14.09
N THR G 65 -20.90 -22.58 -14.27
CA THR G 65 -20.30 -23.16 -15.47
C THR G 65 -20.04 -24.64 -15.24
N PHE G 66 -20.41 -25.44 -16.23
CA PHE G 66 -20.29 -26.87 -16.15
C PHE G 66 -19.20 -27.36 -17.11
N TYR G 67 -18.41 -28.34 -16.66
CA TYR G 67 -17.41 -28.93 -17.54
C TYR G 67 -17.65 -30.41 -17.77
N THR G 68 -17.12 -30.92 -18.89
CA THR G 68 -17.16 -32.35 -19.17
C THR G 68 -15.75 -32.92 -19.29
N LEU G 69 -15.52 -34.04 -18.61
CA LEU G 69 -14.21 -34.69 -18.53
C LEU G 69 -14.26 -35.96 -19.39
N VAL G 70 -13.31 -36.07 -20.32
CA VAL G 70 -13.17 -37.27 -21.12
C VAL G 70 -11.79 -37.87 -20.91
N MET G 71 -11.74 -39.17 -20.66
CA MET G 71 -10.47 -39.86 -20.51
C MET G 71 -10.38 -40.99 -21.53
N VAL G 72 -9.42 -40.92 -22.42
CA VAL G 72 -9.32 -41.91 -23.49
C VAL G 72 -7.93 -42.51 -23.61
N ASP G 73 -7.86 -43.69 -24.21
CA ASP G 73 -6.62 -44.36 -24.58
C ASP G 73 -6.49 -44.45 -26.11
N PRO G 74 -5.65 -43.59 -26.71
CA PRO G 74 -5.53 -43.52 -28.16
C PRO G 74 -4.68 -44.67 -28.70
N ASP G 75 -4.05 -45.40 -27.77
CA ASP G 75 -3.10 -46.46 -28.11
C ASP G 75 -3.67 -47.86 -27.85
N ALA G 76 -5.00 -47.98 -27.81
CA ALA G 76 -5.65 -49.26 -27.56
C ALA G 76 -5.67 -50.13 -28.83
N PRO G 77 -5.29 -51.42 -28.70
CA PRO G 77 -4.78 -52.09 -27.52
C PRO G 77 -3.28 -52.06 -27.46
N SER G 78 -2.64 -51.56 -28.53
CA SER G 78 -1.21 -51.29 -28.52
C SER G 78 -0.93 -50.10 -29.42
N PRO G 79 0.00 -49.23 -28.99
CA PRO G 79 0.47 -48.09 -29.81
C PRO G 79 0.95 -48.55 -31.18
N SER G 80 1.50 -49.75 -31.27
CA SER G 80 2.06 -50.20 -32.54
C SER G 80 0.96 -50.52 -33.54
N ASP G 81 -0.22 -50.87 -33.02
CA ASP G 81 -1.39 -51.11 -33.86
C ASP G 81 -2.69 -50.77 -33.12
N PRO G 82 -3.04 -49.46 -33.05
CA PRO G 82 -4.08 -48.96 -32.15
C PRO G 82 -5.47 -49.04 -32.74
N ASN G 83 -5.92 -50.25 -33.07
CA ASN G 83 -7.16 -50.39 -33.83
C ASN G 83 -8.45 -50.15 -33.05
N LEU G 84 -8.36 -50.04 -31.73
CA LEU G 84 -9.51 -49.68 -30.89
C LEU G 84 -9.56 -48.18 -30.53
N ARG G 85 -8.63 -47.42 -31.12
CA ARG G 85 -8.54 -45.99 -30.82
C ARG G 85 -9.86 -45.29 -31.12
N GLU G 86 -10.30 -44.39 -30.24
CA GLU G 86 -9.76 -44.26 -28.90
C GLU G 86 -10.59 -45.10 -27.95
N TYR G 87 -9.95 -45.64 -26.92
CA TYR G 87 -10.67 -46.44 -25.93
C TYR G 87 -11.09 -45.56 -24.78
N LEU G 88 -12.40 -45.54 -24.50
CA LEU G 88 -12.98 -44.64 -23.51
C LEU G 88 -12.91 -45.21 -22.08
N HIS G 89 -12.11 -44.59 -21.22
CA HIS G 89 -11.89 -45.09 -19.88
C HIS G 89 -12.86 -44.52 -18.87
N TRP G 90 -13.36 -43.32 -19.14
CA TRP G 90 -14.07 -42.54 -18.13
C TRP G 90 -14.74 -41.37 -18.80
N LEU G 91 -15.98 -41.10 -18.40
CA LEU G 91 -16.67 -39.91 -18.89
C LEU G 91 -17.54 -39.30 -17.80
N VAL G 92 -17.31 -38.02 -17.52
CA VAL G 92 -18.03 -37.33 -16.46
C VAL G 92 -18.48 -35.97 -16.96
N THR G 93 -19.76 -35.67 -16.75
CA THR G 93 -20.32 -34.38 -17.18
C THR G 93 -20.87 -33.54 -16.04
N ASP G 94 -21.29 -32.31 -16.39
CA ASP G 94 -21.92 -31.38 -15.44
C ASP G 94 -21.09 -31.20 -14.18
N ILE G 95 -19.78 -31.05 -14.37
CA ILE G 95 -18.87 -30.65 -13.31
C ILE G 95 -18.92 -29.15 -13.10
N PRO G 96 -19.32 -28.70 -11.89
CA PRO G 96 -19.33 -27.26 -11.68
C PRO G 96 -17.92 -26.67 -11.58
N GLY G 97 -17.75 -25.45 -12.07
CA GLY G 97 -16.48 -24.74 -11.92
C GLY G 97 -16.02 -24.68 -10.47
N THR G 98 -14.71 -24.61 -10.27
CA THR G 98 -14.12 -24.54 -8.93
C THR G 98 -14.19 -25.86 -8.20
N THR G 99 -14.66 -26.88 -8.90
CA THR G 99 -15.05 -28.13 -8.27
C THR G 99 -14.13 -29.28 -8.71
N ALA G 100 -14.68 -30.49 -8.81
CA ALA G 100 -13.92 -31.66 -9.24
C ALA G 100 -14.81 -32.68 -9.93
N ALA G 101 -14.20 -33.67 -10.57
CA ALA G 101 -14.94 -34.69 -11.30
C ALA G 101 -15.89 -35.46 -10.36
N SER G 102 -15.49 -35.63 -9.11
CA SER G 102 -16.33 -36.32 -8.13
C SER G 102 -17.66 -35.62 -7.89
N PHE G 103 -17.75 -34.34 -8.27
CA PHE G 103 -18.96 -33.53 -8.08
C PHE G 103 -19.90 -33.67 -9.30
N GLY G 104 -19.38 -34.25 -10.38
CA GLY G 104 -20.07 -34.23 -11.67
C GLY G 104 -20.99 -35.40 -11.90
N GLN G 105 -21.43 -35.57 -13.14
CA GLN G 105 -22.34 -36.67 -13.45
C GLN G 105 -21.58 -37.74 -14.21
N GLU G 106 -21.36 -38.88 -13.56
CA GLU G 106 -20.69 -40.00 -14.20
C GLU G 106 -21.53 -40.56 -15.34
N VAL G 107 -21.02 -40.49 -16.55
CA VAL G 107 -21.70 -41.11 -17.70
C VAL G 107 -21.12 -42.49 -18.04
N MET G 108 -19.80 -42.60 -18.04
CA MET G 108 -19.14 -43.90 -18.13
C MET G 108 -18.19 -44.10 -16.97
N SER G 109 -18.41 -45.15 -16.18
CA SER G 109 -17.62 -45.32 -14.97
C SER G 109 -16.15 -45.49 -15.36
N TYR G 110 -15.26 -45.37 -14.37
CA TYR G 110 -13.83 -45.45 -14.65
C TYR G 110 -13.38 -46.90 -14.83
N GLU G 111 -12.80 -47.18 -16.00
CA GLU G 111 -12.15 -48.46 -16.25
C GLU G 111 -10.65 -48.41 -15.97
N SER G 112 -10.17 -49.40 -15.23
CA SER G 112 -8.76 -49.51 -14.88
C SER G 112 -7.95 -49.65 -16.16
N PRO G 113 -7.11 -48.65 -16.46
CA PRO G 113 -6.11 -48.85 -17.53
C PRO G 113 -5.25 -50.10 -17.29
N ARG G 114 -5.14 -50.93 -18.31
CA ARG G 114 -4.45 -52.20 -18.18
C ARG G 114 -3.58 -52.40 -19.42
N PRO G 115 -2.62 -51.49 -19.64
CA PRO G 115 -1.85 -51.48 -20.89
C PRO G 115 -1.07 -52.78 -21.08
N THR G 116 -1.03 -53.28 -22.32
CA THR G 116 0.00 -54.25 -22.74
C THR G 116 0.55 -53.83 -24.11
N MET G 117 1.58 -54.55 -24.59
CA MET G 117 2.11 -54.36 -25.93
C MET G 117 2.70 -52.96 -26.18
N GLY G 118 3.35 -52.40 -25.16
CA GLY G 118 4.02 -51.10 -25.28
C GLY G 118 3.44 -50.02 -24.39
N ILE G 119 3.96 -48.81 -24.51
CA ILE G 119 3.51 -47.72 -23.65
C ILE G 119 2.24 -47.12 -24.23
N HIS G 120 1.19 -47.02 -23.41
CA HIS G 120 -0.03 -46.31 -23.81
C HIS G 120 -0.03 -44.91 -23.22
N ARG G 121 -0.64 -43.97 -23.94
CA ARG G 121 -1.06 -42.71 -23.34
C ARG G 121 -2.46 -42.80 -22.74
N LEU G 122 -2.62 -42.25 -21.55
CA LEU G 122 -3.95 -42.03 -21.00
C LEU G 122 -4.22 -40.56 -20.92
N VAL G 123 -5.21 -40.12 -21.70
CA VAL G 123 -5.39 -38.70 -22.01
C VAL G 123 -6.63 -38.17 -21.30
N PHE G 124 -6.48 -37.00 -20.68
CA PHE G 124 -7.59 -36.31 -20.04
C PHE G 124 -7.90 -35.03 -20.80
N VAL G 125 -9.17 -34.88 -21.19
CA VAL G 125 -9.61 -33.71 -21.93
C VAL G 125 -10.79 -33.08 -21.22
N LEU G 126 -10.70 -31.78 -20.97
CA LEU G 126 -11.75 -31.04 -20.30
C LEU G 126 -12.44 -30.09 -21.27
N PHE G 127 -13.77 -30.17 -21.35
CA PHE G 127 -14.54 -29.21 -22.14
C PHE G 127 -15.40 -28.30 -21.26
N GLN G 128 -15.68 -27.10 -21.74
CA GLN G 128 -16.68 -26.27 -21.11
C GLN G 128 -18.00 -26.45 -21.81
N GLN G 129 -19.05 -26.69 -21.06
CA GLN G 129 -20.39 -26.81 -21.66
C GLN G 129 -21.02 -25.46 -21.92
N LEU G 130 -21.83 -25.38 -22.97
CA LEU G 130 -22.68 -24.21 -23.18
C LEU G 130 -23.67 -24.00 -22.04
N GLY G 131 -24.31 -25.06 -21.60
CA GLY G 131 -25.14 -25.05 -20.41
C GLY G 131 -25.45 -26.47 -19.98
N ARG G 132 -26.54 -26.65 -19.24
CA ARG G 132 -26.98 -28.00 -18.88
C ARG G 132 -27.52 -28.71 -20.13
N GLN G 133 -27.24 -30.02 -20.22
CA GLN G 133 -27.65 -30.81 -21.38
C GLN G 133 -27.62 -32.29 -21.04
N THR G 134 -28.35 -33.10 -21.80
CA THR G 134 -28.32 -34.54 -21.62
C THR G 134 -27.25 -35.17 -22.52
N VAL G 135 -26.30 -35.88 -21.91
CA VAL G 135 -25.38 -36.72 -22.66
C VAL G 135 -25.67 -38.19 -22.43
N TYR G 136 -25.76 -38.95 -23.53
CA TYR G 136 -25.91 -40.39 -23.45
C TYR G 136 -24.57 -41.13 -23.47
N ALA G 137 -24.47 -42.16 -22.65
CA ALA G 137 -23.29 -43.01 -22.67
C ALA G 137 -23.21 -43.67 -24.04
N PRO G 138 -22.07 -43.52 -24.71
CA PRO G 138 -21.72 -44.41 -25.82
C PRO G 138 -22.20 -45.83 -25.55
N GLY G 139 -22.53 -46.55 -26.63
CA GLY G 139 -22.97 -47.94 -26.52
C GLY G 139 -21.83 -48.89 -26.19
N TRP G 140 -20.60 -48.42 -26.37
CA TRP G 140 -19.40 -49.22 -26.20
C TRP G 140 -18.22 -48.27 -26.04
N ARG G 141 -17.13 -48.75 -25.45
CA ARG G 141 -15.99 -47.87 -25.20
C ARG G 141 -15.01 -47.75 -26.38
N GLN G 142 -14.90 -48.80 -27.20
CA GLN G 142 -13.82 -48.82 -28.18
C GLN G 142 -14.18 -47.94 -29.38
N ASN G 143 -13.15 -47.46 -30.05
CA ASN G 143 -13.33 -46.64 -31.26
C ASN G 143 -14.16 -45.40 -30.96
N PHE G 144 -13.98 -44.86 -29.75
CA PHE G 144 -14.50 -43.57 -29.39
C PHE G 144 -13.71 -42.48 -30.13
N ASN G 145 -14.42 -41.44 -30.52
CA ASN G 145 -13.80 -40.27 -31.13
C ASN G 145 -14.10 -39.02 -30.31
N THR G 146 -13.08 -38.40 -29.74
CA THR G 146 -13.31 -37.22 -28.90
C THR G 146 -13.75 -36.00 -29.70
N LYS G 147 -13.20 -35.82 -30.90
CA LYS G 147 -13.69 -34.81 -31.82
C LYS G 147 -15.20 -34.93 -32.10
N ASP G 148 -15.61 -36.11 -32.58
CA ASP G 148 -16.99 -36.31 -33.00
C ASP G 148 -17.91 -36.04 -31.83
N PHE G 149 -17.42 -36.39 -30.64
CA PHE G 149 -18.17 -36.27 -29.41
C PHE G 149 -18.35 -34.81 -29.01
N ALA G 150 -17.27 -34.04 -29.07
CA ALA G 150 -17.31 -32.61 -28.82
C ALA G 150 -18.36 -31.93 -29.68
N GLU G 151 -18.38 -32.29 -30.95
CA GLU G 151 -19.24 -31.62 -31.92
C GLU G 151 -20.69 -32.07 -31.78
N LEU G 152 -20.89 -33.33 -31.41
CA LEU G 152 -22.24 -33.84 -31.18
C LEU G 152 -22.94 -33.14 -30.01
N TYR G 153 -22.17 -32.75 -29.00
CA TYR G 153 -22.75 -32.17 -27.79
C TYR G 153 -22.40 -30.69 -27.61
N ASN G 154 -21.82 -30.08 -28.64
CA ASN G 154 -21.53 -28.66 -28.60
C ASN G 154 -20.58 -28.26 -27.50
N LEU G 155 -19.51 -29.03 -27.35
CA LEU G 155 -18.52 -28.78 -26.31
C LEU G 155 -17.42 -27.87 -26.84
N GLY G 156 -17.47 -27.56 -28.13
CA GLY G 156 -16.45 -26.72 -28.76
C GLY G 156 -15.07 -27.38 -28.71
N SER G 157 -14.06 -26.57 -28.44
CA SER G 157 -12.71 -27.06 -28.23
C SER G 157 -12.41 -27.31 -26.76
N PRO G 158 -11.34 -28.08 -26.49
CA PRO G 158 -10.87 -28.33 -25.13
C PRO G 158 -10.41 -27.03 -24.46
N VAL G 159 -10.63 -26.94 -23.15
CA VAL G 159 -10.12 -25.83 -22.38
C VAL G 159 -8.93 -26.27 -21.56
N ALA G 160 -8.78 -27.57 -21.41
CA ALA G 160 -7.56 -28.15 -20.83
C ALA G 160 -7.37 -29.59 -21.28
N ALA G 161 -6.14 -30.08 -21.19
CA ALA G 161 -5.86 -31.49 -21.40
C ALA G 161 -4.53 -31.87 -20.76
N VAL G 162 -4.40 -33.14 -20.38
CA VAL G 162 -3.14 -33.64 -19.84
C VAL G 162 -3.11 -35.15 -20.04
N TYR G 163 -1.92 -35.71 -20.17
CA TYR G 163 -1.82 -37.16 -20.31
C TYR G 163 -0.65 -37.75 -19.54
N PHE G 164 -0.81 -39.01 -19.11
CA PHE G 164 0.33 -39.77 -18.63
C PHE G 164 0.59 -41.02 -19.44
N ASN G 165 1.77 -41.61 -19.25
CA ASN G 165 2.12 -42.86 -19.89
C ASN G 165 2.06 -44.02 -18.92
N SER G 166 1.75 -45.20 -19.44
CA SER G 166 1.63 -46.42 -18.63
C SER G 166 1.90 -47.69 -19.46
N GLN G 167 2.48 -48.70 -18.82
CA GLN G 167 2.78 -49.96 -19.49
C GLN G 167 2.76 -51.11 -18.49
N ARG G 168 2.40 -52.29 -18.97
CA ARG G 168 2.59 -53.55 -18.24
C ARG G 168 3.66 -53.41 -17.14
N GLU G 169 3.34 -53.80 -15.92
CA GLU G 169 4.39 -54.04 -14.92
C GLU G 169 4.65 -55.51 -14.67
N MET H 5 24.47 -6.09 -20.50
CA MET H 5 23.48 -4.99 -20.62
C MET H 5 23.07 -4.75 -22.08
N ARG H 6 21.76 -4.70 -22.30
CA ARG H 6 21.18 -4.43 -23.62
C ARG H 6 21.78 -3.23 -24.35
N ASP H 7 21.96 -3.37 -25.66
CA ASP H 7 22.03 -2.23 -26.56
C ASP H 7 20.88 -1.23 -26.38
N ARG H 8 19.75 -1.70 -25.86
CA ARG H 8 18.56 -0.87 -25.73
C ARG H 8 18.17 -0.59 -24.28
N ASP H 9 19.06 -0.87 -23.34
CA ASP H 9 18.92 -0.35 -22.00
C ASP H 9 18.85 1.19 -22.00
N PRO H 10 17.91 1.75 -21.24
CA PRO H 10 17.73 3.20 -21.18
C PRO H 10 18.98 3.90 -20.68
N LEU H 11 19.79 3.19 -19.90
CA LEU H 11 21.04 3.74 -19.40
C LEU H 11 22.07 3.92 -20.51
N VAL H 12 22.02 3.05 -21.53
CA VAL H 12 22.86 3.24 -22.72
C VAL H 12 22.22 4.18 -23.74
N VAL H 13 20.91 4.12 -23.87
CA VAL H 13 20.21 5.08 -24.71
C VAL H 13 20.52 6.51 -24.27
N GLY H 14 20.54 6.73 -22.96
CA GLY H 14 20.89 8.04 -22.40
C GLY H 14 22.39 8.23 -22.24
N ARG H 15 23.16 7.22 -22.64
CA ARG H 15 24.61 7.35 -22.81
C ARG H 15 25.30 7.48 -21.46
N VAL H 16 24.57 7.16 -20.40
CA VAL H 16 25.13 7.10 -19.06
C VAL H 16 26.12 5.92 -18.94
N VAL H 17 25.69 4.75 -19.39
CA VAL H 17 26.65 3.77 -19.90
C VAL H 17 27.15 4.27 -21.23
N GLY H 18 28.46 4.44 -21.34
CA GLY H 18 29.05 5.43 -22.25
C GLY H 18 29.86 6.49 -21.53
N ASP H 19 29.19 7.54 -21.07
CA ASP H 19 29.88 8.76 -20.65
C ASP H 19 30.41 8.66 -19.23
N VAL H 20 29.79 7.80 -18.43
CA VAL H 20 30.05 7.78 -17.00
C VAL H 20 30.39 6.37 -16.55
N LEU H 21 29.67 5.40 -17.11
CA LEU H 21 29.61 4.05 -16.57
C LEU H 21 29.91 3.03 -17.66
N ASP H 22 30.52 1.90 -17.26
CA ASP H 22 30.51 0.68 -18.07
C ASP H 22 29.24 -0.14 -17.81
N ALA H 23 28.85 -0.96 -18.78
CA ALA H 23 27.75 -1.90 -18.58
C ALA H 23 27.90 -2.68 -17.29
N PHE H 24 26.77 -2.93 -16.64
CA PHE H 24 26.73 -3.70 -15.40
C PHE H 24 25.37 -4.42 -15.29
N VAL H 25 25.26 -5.37 -14.37
CA VAL H 25 23.98 -5.99 -14.06
C VAL H 25 23.34 -5.40 -12.81
N ARG H 26 22.15 -4.83 -12.96
CA ARG H 26 21.37 -4.35 -11.82
C ARG H 26 21.16 -5.49 -10.85
N SER H 27 21.52 -5.26 -9.58
CA SER H 27 21.40 -6.30 -8.57
C SER H 27 20.88 -5.80 -7.23
N THR H 28 20.54 -4.52 -7.16
CA THR H 28 20.01 -3.95 -5.93
C THR H 28 18.96 -2.90 -6.27
N ASN H 29 17.87 -2.91 -5.53
CA ASN H 29 16.82 -1.92 -5.73
C ASN H 29 17.26 -0.50 -5.35
N LEU H 30 16.96 0.43 -6.25
CA LEU H 30 17.25 1.83 -6.03
C LEU H 30 15.98 2.59 -6.34
N LYS H 31 15.56 3.45 -5.41
CA LYS H 31 14.46 4.36 -5.65
C LYS H 31 14.83 5.79 -5.25
N VAL H 32 14.76 6.69 -6.22
CA VAL H 32 14.96 8.12 -5.98
C VAL H 32 13.63 8.87 -6.05
N THR H 33 13.32 9.63 -5.01
CA THR H 33 12.06 10.38 -4.95
C THR H 33 12.27 11.82 -4.48
N TYR H 34 11.85 12.77 -5.31
CA TYR H 34 11.73 14.18 -4.90
C TYR H 34 10.27 14.52 -4.59
N GLY H 35 9.98 14.82 -3.32
CA GLY H 35 8.60 14.85 -2.84
C GLY H 35 7.87 13.53 -3.01
N SER H 36 6.92 13.49 -3.95
CA SER H 36 6.24 12.25 -4.30
C SER H 36 6.46 11.88 -5.76
N LYS H 37 7.45 12.49 -6.39
CA LYS H 37 7.83 12.17 -7.77
C LYS H 37 9.06 11.26 -7.83
N THR H 38 8.81 9.98 -8.07
CA THR H 38 9.86 8.98 -8.23
C THR H 38 10.57 9.14 -9.57
N VAL H 39 11.90 9.10 -9.56
CA VAL H 39 12.67 9.23 -10.79
C VAL H 39 12.62 7.97 -11.65
N SER H 40 12.32 8.13 -12.93
CA SER H 40 12.61 7.11 -13.91
C SER H 40 13.55 7.65 -14.97
N ASN H 41 14.36 6.77 -15.54
CA ASN H 41 15.37 7.19 -16.49
C ASN H 41 14.81 8.16 -17.52
N GLY H 42 15.41 9.34 -17.61
CA GLY H 42 15.05 10.27 -18.66
C GLY H 42 13.83 11.10 -18.31
N LEU H 43 13.30 10.93 -17.10
CA LEU H 43 12.24 11.80 -16.62
C LEU H 43 12.74 13.24 -16.48
N GLU H 44 11.99 14.18 -17.03
CA GLU H 44 12.34 15.58 -16.86
C GLU H 44 11.82 16.13 -15.53
N LEU H 45 12.70 16.83 -14.81
CA LEU H 45 12.32 17.50 -13.58
C LEU H 45 12.78 18.95 -13.64
N LYS H 46 11.86 19.88 -13.37
CA LYS H 46 12.22 21.27 -13.18
C LYS H 46 13.18 21.42 -12.00
N PRO H 47 14.10 22.39 -12.11
CA PRO H 47 15.13 22.63 -11.08
C PRO H 47 14.51 22.94 -9.73
N SER H 48 13.36 23.61 -9.73
CA SER H 48 12.66 23.92 -8.48
C SER H 48 12.20 22.68 -7.76
N MET H 49 12.05 21.56 -8.47
CA MET H 49 11.58 20.33 -7.86
C MET H 49 12.70 19.63 -7.12
N VAL H 50 13.94 20.00 -7.41
CA VAL H 50 15.09 19.25 -6.97
C VAL H 50 16.14 20.11 -6.24
N THR H 51 15.67 21.13 -5.55
CA THR H 51 16.56 22.02 -4.84
C THR H 51 17.08 21.39 -3.55
N HIS H 52 16.36 20.40 -3.02
CA HIS H 52 16.80 19.65 -1.86
C HIS H 52 17.04 18.18 -2.19
N GLN H 53 17.84 17.50 -1.39
CA GLN H 53 18.21 16.12 -1.70
C GLN H 53 16.97 15.23 -1.76
N PRO H 54 16.94 14.31 -2.73
CA PRO H 54 15.84 13.37 -2.82
C PRO H 54 15.86 12.39 -1.67
N ARG H 55 14.76 11.70 -1.43
CA ARG H 55 14.79 10.45 -0.67
C ARG H 55 15.31 9.31 -1.55
N VAL H 56 16.26 8.56 -1.03
CA VAL H 56 16.86 7.49 -1.79
C VAL H 56 16.85 6.19 -1.01
N GLU H 57 15.91 5.32 -1.35
CA GLU H 57 15.78 4.01 -0.72
C GLU H 57 16.72 2.99 -1.37
N VAL H 58 17.39 2.21 -0.53
CA VAL H 58 18.38 1.26 -1.01
C VAL H 58 17.92 -0.15 -0.66
N GLY H 59 18.13 -1.08 -1.59
CA GLY H 59 17.65 -2.46 -1.41
C GLY H 59 18.63 -3.31 -0.62
N GLY H 60 18.82 -4.55 -1.07
CA GLY H 60 19.77 -5.44 -0.42
C GLY H 60 19.14 -6.19 0.72
N ASN H 61 19.79 -7.26 1.18
CA ASN H 61 19.14 -8.18 2.11
C ASN H 61 19.24 -7.77 3.56
N ASP H 62 20.27 -7.00 3.92
CA ASP H 62 20.53 -6.73 5.33
C ASP H 62 21.41 -5.52 5.65
N MET H 63 21.45 -5.18 6.94
CA MET H 63 21.92 -3.87 7.37
C MET H 63 23.41 -3.88 7.63
N ARG H 64 24.02 -5.06 7.53
CA ARG H 64 25.46 -5.18 7.68
C ARG H 64 26.15 -5.02 6.33
N THR H 65 25.35 -4.84 5.28
CA THR H 65 25.87 -4.51 3.96
C THR H 65 25.76 -3.02 3.71
N PHE H 66 26.88 -2.42 3.31
CA PHE H 66 26.93 -0.98 3.08
C PHE H 66 27.01 -0.61 1.60
N TYR H 67 26.39 0.51 1.26
CA TYR H 67 26.33 1.01 -0.10
C TYR H 67 26.78 2.47 -0.18
N THR H 68 27.30 2.84 -1.36
CA THR H 68 27.74 4.20 -1.59
C THR H 68 26.97 4.77 -2.75
N LEU H 69 26.44 5.97 -2.54
CA LEU H 69 25.63 6.65 -3.53
C LEU H 69 26.42 7.83 -4.09
N VAL H 70 26.34 8.01 -5.41
CA VAL H 70 27.06 9.05 -6.12
C VAL H 70 26.07 9.76 -7.03
N MET H 71 26.11 11.08 -7.06
CA MET H 71 25.24 11.84 -7.95
C MET H 71 26.04 12.89 -8.70
N VAL H 72 26.04 12.79 -10.02
CA VAL H 72 26.91 13.61 -10.83
C VAL H 72 26.09 14.21 -11.96
N ASP H 73 26.56 15.35 -12.47
CA ASP H 73 26.04 15.94 -13.69
C ASP H 73 27.12 15.89 -14.78
N PRO H 74 26.97 14.96 -15.74
CA PRO H 74 27.94 14.79 -16.81
C PRO H 74 27.83 15.87 -17.88
N ASP H 75 26.82 16.73 -17.76
CA ASP H 75 26.59 17.73 -18.79
C ASP H 75 26.81 19.15 -18.26
N ALA H 76 27.83 19.31 -17.45
CA ALA H 76 28.19 20.61 -16.89
C ALA H 76 29.52 21.12 -17.45
N PRO H 77 29.58 22.40 -17.85
CA PRO H 77 28.51 23.39 -17.65
C PRO H 77 27.37 23.28 -18.65
N SER H 78 27.58 22.55 -19.74
CA SER H 78 26.50 22.25 -20.68
C SER H 78 26.77 20.97 -21.47
N PRO H 79 25.72 20.34 -22.01
CA PRO H 79 25.84 19.06 -22.69
C PRO H 79 26.65 19.15 -23.98
N SER H 80 26.55 20.29 -24.66
CA SER H 80 27.35 20.48 -25.87
C SER H 80 28.81 20.78 -25.57
N ASP H 81 29.09 21.24 -24.35
CA ASP H 81 30.47 21.53 -23.96
C ASP H 81 30.75 21.14 -22.51
N PRO H 82 30.75 19.83 -22.23
CA PRO H 82 30.75 19.37 -20.84
C PRO H 82 32.13 19.41 -20.20
N ASN H 83 32.72 20.60 -20.12
CA ASN H 83 34.11 20.72 -19.72
C ASN H 83 34.34 20.51 -18.22
N LEU H 84 33.27 20.24 -17.49
CA LEU H 84 33.39 19.98 -16.06
C LEU H 84 33.06 18.53 -15.69
N ARG H 85 32.75 17.72 -16.70
CA ARG H 85 32.34 16.34 -16.50
C ARG H 85 33.35 15.65 -15.59
N GLU H 86 32.90 14.92 -14.58
CA GLU H 86 31.54 14.99 -14.05
C GLU H 86 31.52 15.94 -12.87
N TYR H 87 30.41 16.65 -12.69
CA TYR H 87 30.24 17.55 -11.56
C TYR H 87 29.58 16.88 -10.36
N LEU H 88 30.25 16.87 -9.22
CA LEU H 88 29.76 16.07 -8.10
C LEU H 88 28.72 16.87 -7.32
N HIS H 89 27.47 16.40 -7.35
CA HIS H 89 26.38 17.10 -6.69
C HIS H 89 26.15 16.59 -5.28
N TRP H 90 26.54 15.35 -5.02
CA TRP H 90 26.17 14.68 -3.78
C TRP H 90 26.94 13.38 -3.74
N LEU H 91 27.45 13.04 -2.58
CA LEU H 91 28.09 11.74 -2.38
C LEU H 91 27.86 11.24 -0.96
N VAL H 92 27.35 10.02 -0.84
CA VAL H 92 27.02 9.43 0.45
C VAL H 92 27.53 7.99 0.50
N THR H 93 28.02 7.59 1.68
CA THR H 93 28.61 6.28 1.86
C THR H 93 28.07 5.65 3.13
N ASP H 94 28.45 4.40 3.36
CA ASP H 94 28.01 3.63 4.53
C ASP H 94 26.50 3.66 4.73
N ILE H 95 25.75 3.48 3.66
CA ILE H 95 24.30 3.36 3.76
C ILE H 95 23.94 1.90 4.00
N PRO H 96 23.29 1.60 5.12
CA PRO H 96 22.95 0.20 5.36
C PRO H 96 21.89 -0.30 4.35
N GLY H 97 22.09 -1.51 3.83
CA GLY H 97 21.03 -2.20 3.12
C GLY H 97 19.65 -2.15 3.78
N THR H 98 18.61 -2.19 2.95
CA THR H 98 17.19 -2.01 3.35
C THR H 98 16.87 -0.63 3.92
N THR H 99 17.82 0.28 3.79
CA THR H 99 17.79 1.55 4.49
C THR H 99 17.71 2.67 3.44
N ALA H 100 18.35 3.81 3.68
CA ALA H 100 18.22 4.91 2.74
C ALA H 100 19.37 5.89 2.90
N ALA H 101 19.55 6.76 1.90
CA ALA H 101 20.70 7.65 1.88
C ALA H 101 20.79 8.44 3.18
N SER H 102 19.64 8.80 3.73
CA SER H 102 19.60 9.70 4.88
C SER H 102 20.11 8.96 6.12
N PHE H 103 20.39 7.66 5.95
CA PHE H 103 20.96 6.85 7.01
C PHE H 103 22.48 6.73 6.87
N GLY H 104 23.02 7.23 5.75
CA GLY H 104 24.44 7.11 5.47
C GLY H 104 25.31 8.24 6.01
N GLN H 105 26.61 8.15 5.72
CA GLN H 105 27.59 9.20 6.00
C GLN H 105 27.68 10.16 4.81
N GLU H 106 27.36 11.43 5.04
CA GLU H 106 27.37 12.41 3.97
C GLU H 106 28.79 12.91 3.68
N VAL H 107 29.24 12.72 2.45
CA VAL H 107 30.64 12.94 2.09
C VAL H 107 30.86 14.23 1.31
N MET H 108 30.02 14.46 0.30
CA MET H 108 29.93 15.75 -0.37
C MET H 108 28.50 16.19 -0.25
N SER H 109 28.28 17.35 0.39
CA SER H 109 26.93 17.73 0.72
C SER H 109 26.15 18.05 -0.55
N TYR H 110 24.86 17.74 -0.53
CA TYR H 110 23.97 18.01 -1.66
C TYR H 110 24.00 19.48 -2.09
N GLU H 111 24.23 19.70 -3.38
CA GLU H 111 24.02 21.01 -3.99
C GLU H 111 22.95 20.95 -5.08
N SER H 112 22.03 21.90 -5.06
CA SER H 112 20.89 21.92 -5.97
C SER H 112 21.36 22.06 -7.41
N PRO H 113 20.88 21.17 -8.29
CA PRO H 113 21.14 21.35 -9.73
C PRO H 113 20.67 22.73 -10.23
N ARG H 114 21.54 23.46 -10.93
CA ARG H 114 21.07 24.64 -11.68
C ARG H 114 21.48 24.62 -13.15
N PRO H 115 20.85 23.73 -13.94
CA PRO H 115 21.25 23.59 -15.33
C PRO H 115 21.11 24.90 -16.12
N THR H 116 21.90 25.02 -17.17
CA THR H 116 21.96 26.20 -18.02
C THR H 116 22.46 25.73 -19.38
N MET H 117 22.10 26.44 -20.45
CA MET H 117 22.56 26.10 -21.80
C MET H 117 22.27 24.65 -22.16
N GLY H 118 20.98 24.30 -22.22
CA GLY H 118 20.58 22.94 -22.61
C GLY H 118 20.31 22.00 -21.45
N ILE H 119 19.87 20.80 -21.79
CA ILE H 119 19.35 19.83 -20.83
C ILE H 119 20.50 19.03 -20.18
N HIS H 120 20.64 19.12 -18.86
CA HIS H 120 21.63 18.30 -18.15
C HIS H 120 21.02 16.99 -17.69
N ARG H 121 21.77 15.89 -17.84
CA ARG H 121 21.44 14.66 -17.10
C ARG H 121 21.91 14.77 -15.66
N LEU H 122 21.09 14.33 -14.71
CA LEU H 122 21.54 14.16 -13.34
C LEU H 122 21.49 12.67 -12.96
N VAL H 123 22.62 12.13 -12.54
CA VAL H 123 22.82 10.70 -12.58
C VAL H 123 23.14 10.16 -11.19
N PHE H 124 22.33 9.22 -10.74
CA PHE H 124 22.57 8.53 -9.48
C PHE H 124 23.15 7.15 -9.74
N VAL H 125 24.22 6.83 -9.02
CA VAL H 125 24.90 5.57 -9.19
C VAL H 125 25.09 4.94 -7.81
N LEU H 126 24.68 3.68 -7.69
CA LEU H 126 24.82 2.98 -6.41
C LEU H 126 25.79 1.81 -6.47
N PHE H 127 26.73 1.78 -5.53
CA PHE H 127 27.71 0.70 -5.41
C PHE H 127 27.55 0.00 -4.08
N GLN H 128 27.85 -1.30 -4.08
CA GLN H 128 27.98 -2.05 -2.84
C GLN H 128 29.42 -2.00 -2.32
N GLN H 129 29.58 -1.60 -1.06
CA GLN H 129 30.89 -1.60 -0.42
C GLN H 129 31.29 -2.99 0.06
N LEU H 130 32.58 -3.29 0.02
CA LEU H 130 33.13 -4.46 0.70
C LEU H 130 32.88 -4.42 2.22
N GLY H 131 33.00 -3.24 2.80
CA GLY H 131 32.72 -3.04 4.22
C GLY H 131 32.67 -1.56 4.54
N ARG H 132 32.53 -1.22 5.82
CA ARG H 132 32.84 0.12 6.28
C ARG H 132 34.25 0.49 5.85
N GLN H 133 34.47 1.77 5.62
CA GLN H 133 35.49 2.20 4.67
C GLN H 133 35.66 3.71 4.79
N THR H 134 36.92 4.16 4.82
CA THR H 134 37.21 5.58 4.86
C THR H 134 37.14 6.18 3.46
N VAL H 135 36.32 7.22 3.30
CA VAL H 135 36.21 7.95 2.04
C VAL H 135 36.47 9.44 2.27
N TYR H 136 37.35 10.02 1.46
CA TYR H 136 37.53 11.46 1.46
C TYR H 136 36.74 12.08 0.32
N ALA H 137 36.17 13.25 0.59
CA ALA H 137 35.53 14.05 -0.44
C ALA H 137 36.60 14.65 -1.35
N PRO H 138 36.46 14.44 -2.66
CA PRO H 138 37.28 15.25 -3.55
C PRO H 138 37.21 16.72 -3.12
N GLY H 139 38.28 17.48 -3.36
CA GLY H 139 38.42 18.83 -2.82
C GLY H 139 37.74 19.90 -3.67
N TRP H 140 37.21 19.48 -4.82
CA TRP H 140 36.30 20.31 -5.59
C TRP H 140 35.28 19.43 -6.28
N ARG H 141 34.24 20.04 -6.82
CA ARG H 141 33.14 19.29 -7.39
C ARG H 141 33.36 18.93 -8.85
N GLN H 142 34.02 19.82 -9.57
CA GLN H 142 34.21 19.64 -11.01
C GLN H 142 35.19 18.50 -11.37
N ASN H 143 34.98 17.90 -12.54
CA ASN H 143 35.92 16.93 -13.10
C ASN H 143 36.13 15.72 -12.21
N PHE H 144 35.10 15.37 -11.45
CA PHE H 144 35.00 14.08 -10.79
C PHE H 144 35.03 12.97 -11.84
N ASN H 145 35.43 11.79 -11.41
CA ASN H 145 35.33 10.60 -12.26
C ASN H 145 34.84 9.40 -11.47
N THR H 146 33.58 9.05 -11.68
CA THR H 146 32.91 8.04 -10.87
C THR H 146 33.66 6.72 -11.00
N LYS H 147 34.16 6.44 -12.20
CA LYS H 147 34.95 5.24 -12.45
C LYS H 147 36.26 5.14 -11.67
N ASP H 148 37.07 6.19 -11.71
CA ASP H 148 38.28 6.30 -10.88
C ASP H 148 37.94 6.19 -9.39
N PHE H 149 36.87 6.86 -8.98
CA PHE H 149 36.40 6.81 -7.60
C PHE H 149 36.08 5.37 -7.21
N ALA H 150 35.25 4.71 -8.01
CA ALA H 150 34.83 3.33 -7.75
C ALA H 150 36.06 2.45 -7.63
N GLU H 151 37.08 2.77 -8.41
CA GLU H 151 38.29 1.95 -8.47
C GLU H 151 39.17 2.21 -7.24
N LEU H 152 39.39 3.48 -6.93
CA LEU H 152 40.18 3.85 -5.75
C LEU H 152 39.64 3.21 -4.47
N TYR H 153 38.31 3.11 -4.38
CA TYR H 153 37.69 2.71 -3.14
C TYR H 153 37.10 1.30 -3.26
N ASN H 154 37.57 0.53 -4.24
CA ASN H 154 37.18 -0.88 -4.37
C ASN H 154 35.67 -1.11 -4.34
N LEU H 155 34.91 -0.30 -5.07
CA LEU H 155 33.46 -0.38 -5.04
C LEU H 155 32.97 -1.27 -6.18
N GLY H 156 33.91 -1.73 -7.00
CA GLY H 156 33.60 -2.62 -8.11
C GLY H 156 32.76 -1.93 -9.16
N SER H 157 31.76 -2.65 -9.67
CA SER H 157 30.81 -2.10 -10.63
C SER H 157 29.51 -1.66 -9.97
N PRO H 158 28.78 -0.74 -10.61
CA PRO H 158 27.49 -0.28 -10.09
C PRO H 158 26.54 -1.45 -9.86
N VAL H 159 25.73 -1.36 -8.81
CA VAL H 159 24.69 -2.37 -8.60
C VAL H 159 23.33 -1.82 -8.98
N ALA H 160 23.27 -0.51 -9.21
CA ALA H 160 22.06 0.15 -9.68
C ALA H 160 22.38 1.57 -10.12
N ALA H 161 21.51 2.13 -10.95
CA ALA H 161 21.70 3.51 -11.40
C ALA H 161 20.48 4.03 -12.14
N VAL H 162 20.27 5.35 -12.02
CA VAL H 162 19.12 6.04 -12.60
C VAL H 162 19.44 7.54 -12.73
N TYR H 163 18.81 8.20 -13.70
CA TYR H 163 19.09 9.60 -13.96
C TYR H 163 17.79 10.29 -14.36
N PHE H 164 17.73 11.60 -14.13
CA PHE H 164 16.65 12.39 -14.68
C PHE H 164 17.22 13.50 -15.57
N ASN H 165 16.35 14.12 -16.38
CA ASN H 165 16.73 15.27 -17.18
C ASN H 165 16.24 16.58 -16.56
N SER H 166 16.92 17.69 -16.86
CA SER H 166 16.57 18.97 -16.27
C SER H 166 17.21 20.13 -17.03
N GLN H 167 16.45 21.22 -17.19
CA GLN H 167 17.01 22.44 -17.80
C GLN H 167 16.52 23.70 -17.10
N ARG H 168 17.13 24.85 -17.40
CA ARG H 168 16.72 26.11 -16.76
C ARG H 168 15.24 26.34 -16.98
N GLU H 169 14.51 26.60 -15.91
CA GLU H 169 13.07 26.82 -16.01
C GLU H 169 12.76 28.10 -16.79
N ALA H 170 13.27 29.23 -16.28
CA ALA H 170 13.09 30.50 -16.98
C ALA H 170 11.66 30.65 -17.46
N MET I 6 -32.27 1.61 28.73
CA MET I 6 -31.84 2.15 27.42
C MET I 6 -32.81 1.78 26.30
N SER I 7 -32.90 2.64 25.29
CA SER I 7 -33.80 2.40 24.15
C SER I 7 -33.21 1.40 23.15
N ARG I 8 -34.06 0.84 22.31
CA ARG I 8 -33.68 -0.36 21.58
C ARG I 8 -32.92 -0.07 20.29
N GLU I 9 -33.11 1.14 19.76
CA GLU I 9 -32.20 1.66 18.74
C GLU I 9 -30.86 2.04 19.35
N GLU I 10 -30.88 2.39 20.63
CA GLU I 10 -29.65 2.66 21.34
C GLU I 10 -28.88 1.37 21.61
N ASN I 11 -29.60 0.32 21.99
CA ASN I 11 -28.97 -0.97 22.28
C ASN I 11 -28.30 -1.55 21.04
N VAL I 12 -28.93 -1.34 19.89
CA VAL I 12 -28.37 -1.79 18.62
C VAL I 12 -27.09 -1.01 18.37
N TYR I 13 -27.10 0.26 18.75
CA TYR I 13 -25.98 1.14 18.42
C TYR I 13 -24.75 0.69 19.19
N MET I 14 -24.95 0.40 20.47
CA MET I 14 -23.85 0.00 21.34
C MET I 14 -23.35 -1.40 20.99
N ALA I 15 -24.25 -2.25 20.51
CA ALA I 15 -23.85 -3.58 20.09
C ALA I 15 -22.84 -3.47 18.95
N LYS I 16 -23.08 -2.52 18.06
CA LYS I 16 -22.21 -2.31 16.92
C LYS I 16 -20.93 -1.59 17.33
N LEU I 17 -21.03 -0.77 18.38
CA LEU I 17 -19.88 -0.11 18.97
C LEU I 17 -18.92 -1.18 19.51
N ALA I 18 -19.50 -2.13 20.25
CA ALA I 18 -18.73 -3.14 20.94
C ALA I 18 -18.12 -4.12 19.95
N GLU I 19 -18.88 -4.43 18.90
CA GLU I 19 -18.37 -5.26 17.83
C GLU I 19 -17.10 -4.64 17.22
N GLN I 20 -17.11 -3.34 17.01
CA GLN I 20 -15.96 -2.63 16.47
C GLN I 20 -14.79 -2.69 17.44
N ALA I 21 -15.13 -2.57 18.72
CA ALA I 21 -14.16 -2.64 19.82
C ALA I 21 -13.72 -4.07 20.10
N GLU I 22 -14.41 -5.04 19.51
CA GLU I 22 -14.15 -6.46 19.74
C GLU I 22 -14.32 -6.86 21.19
N ARG I 23 -15.35 -6.31 21.82
CA ARG I 23 -15.66 -6.62 23.22
C ARG I 23 -16.96 -7.40 23.27
N TYR I 24 -16.88 -8.68 22.90
CA TYR I 24 -18.05 -9.36 22.37
C TYR I 24 -19.04 -9.72 23.45
N GLU I 25 -18.53 -9.93 24.67
CA GLU I 25 -19.41 -10.22 25.80
C GLU I 25 -20.38 -9.05 25.99
N GLU I 26 -19.88 -7.85 25.81
CA GLU I 26 -20.73 -6.68 25.86
C GLU I 26 -21.70 -6.61 24.68
N MET I 27 -21.24 -7.06 23.52
CA MET I 27 -22.11 -7.12 22.35
C MET I 27 -23.31 -8.04 22.60
N VAL I 28 -23.05 -9.12 23.33
CA VAL I 28 -24.11 -10.03 23.72
C VAL I 28 -25.15 -9.36 24.60
N GLU I 29 -24.69 -8.65 25.63
CA GLU I 29 -25.60 -7.99 26.57
C GLU I 29 -26.57 -7.05 25.87
N TYR I 30 -26.06 -6.29 24.92
CA TYR I 30 -26.89 -5.28 24.26
C TYR I 30 -27.88 -5.96 23.34
N MET I 31 -27.36 -6.86 22.52
CA MET I 31 -28.20 -7.64 21.64
C MET I 31 -29.27 -8.36 22.44
N GLU I 32 -28.89 -8.91 23.58
CA GLU I 32 -29.82 -9.65 24.43
C GLU I 32 -30.94 -8.75 24.95
N LYS I 33 -30.61 -7.49 25.22
CA LYS I 33 -31.58 -6.54 25.71
C LYS I 33 -32.64 -6.30 24.65
N VAL I 34 -32.18 -6.17 23.41
CA VAL I 34 -33.07 -6.04 22.26
C VAL I 34 -33.95 -7.28 22.10
N ALA I 35 -33.36 -8.46 22.29
CA ALA I 35 -34.08 -9.71 22.08
C ALA I 35 -35.21 -9.86 23.10
N LYS I 36 -34.98 -9.36 24.31
CA LYS I 36 -35.96 -9.51 25.39
C LYS I 36 -37.08 -8.47 25.29
N THR I 37 -36.92 -7.52 24.37
CA THR I 37 -38.03 -6.65 24.00
C THR I 37 -38.31 -6.73 22.51
N VAL I 38 -37.80 -5.75 21.75
CA VAL I 38 -38.38 -5.41 20.45
C VAL I 38 -39.62 -6.28 20.19
N ASP I 39 -40.76 -5.81 20.68
CA ASP I 39 -41.67 -6.63 21.47
C ASP I 39 -42.96 -7.00 20.73
N VAL I 40 -43.06 -6.55 19.48
CA VAL I 40 -43.67 -7.37 18.44
C VAL I 40 -42.67 -8.48 18.01
N GLU I 41 -41.77 -8.82 18.94
CA GLU I 41 -40.75 -9.85 18.73
C GLU I 41 -40.03 -9.73 17.39
N GLU I 42 -39.80 -10.86 16.73
CA GLU I 42 -39.12 -10.86 15.45
C GLU I 42 -38.29 -9.58 15.31
N LEU I 43 -37.15 -9.58 16.00
CA LEU I 43 -35.93 -8.98 15.48
C LEU I 43 -36.01 -8.73 13.99
N THR I 44 -35.51 -7.57 13.57
CA THR I 44 -35.14 -7.36 12.18
C THR I 44 -33.96 -8.26 11.83
N VAL I 45 -33.71 -8.44 10.53
CA VAL I 45 -32.68 -9.36 10.11
C VAL I 45 -31.33 -8.86 10.60
N GLU I 46 -31.14 -7.55 10.50
CA GLU I 46 -29.93 -6.90 10.97
C GLU I 46 -29.64 -7.22 12.43
N GLU I 47 -30.65 -7.12 13.27
CA GLU I 47 -30.51 -7.46 14.70
C GLU I 47 -30.19 -8.94 14.90
N ARG I 48 -30.77 -9.76 14.04
CA ARG I 48 -30.77 -11.20 14.25
C ARG I 48 -29.42 -11.77 13.83
N ASN I 49 -28.81 -11.11 12.86
CA ASN I 49 -27.41 -11.35 12.53
C ASN I 49 -26.45 -10.87 13.62
N LEU I 50 -26.64 -9.64 14.07
CA LEU I 50 -25.82 -9.05 15.15
C LEU I 50 -25.81 -9.92 16.40
N LEU I 51 -26.97 -10.39 16.84
CA LEU I 51 -27.04 -11.26 18.00
C LEU I 51 -26.30 -12.56 17.73
N SER I 52 -26.50 -13.11 16.55
CA SER I 52 -25.86 -14.37 16.19
C SER I 52 -24.34 -14.21 16.17
N VAL I 53 -23.86 -13.18 15.47
CA VAL I 53 -22.42 -12.97 15.40
C VAL I 53 -21.80 -12.64 16.77
N ALA I 54 -22.56 -11.94 17.60
CA ALA I 54 -22.15 -11.70 19.00
C ALA I 54 -21.86 -12.97 19.75
N TYR I 55 -22.84 -13.87 19.77
CA TYR I 55 -22.72 -15.13 20.49
C TYR I 55 -21.69 -16.05 19.84
N LYS I 56 -21.57 -15.95 18.53
CA LYS I 56 -20.62 -16.76 17.80
C LYS I 56 -19.20 -16.36 18.15
N ASN I 57 -18.95 -15.05 18.30
CA ASN I 57 -17.61 -14.59 18.66
C ASN I 57 -17.28 -14.84 20.13
N VAL I 58 -18.28 -14.73 21.00
CA VAL I 58 -18.10 -15.06 22.40
C VAL I 58 -17.79 -16.54 22.61
N ILE I 59 -18.64 -17.41 22.06
CA ILE I 59 -18.43 -18.85 22.14
C ILE I 59 -17.15 -19.31 21.45
N GLY I 60 -16.83 -18.69 20.31
CA GLY I 60 -15.69 -19.11 19.48
C GLY I 60 -14.33 -18.97 20.16
N ALA I 61 -14.18 -17.96 21.02
CA ALA I 61 -12.92 -17.79 21.71
C ALA I 61 -12.72 -18.91 22.72
N ARG I 62 -13.80 -19.30 23.38
CA ARG I 62 -13.73 -20.43 24.32
C ARG I 62 -13.59 -21.79 23.63
N ARG I 63 -14.23 -21.96 22.47
CA ARG I 63 -14.07 -23.22 21.74
C ARG I 63 -12.60 -23.37 21.32
N ALA I 64 -11.99 -22.27 20.87
CA ALA I 64 -10.59 -22.30 20.47
C ALA I 64 -9.62 -22.51 21.65
N SER I 65 -9.92 -21.90 22.79
CA SER I 65 -9.11 -22.13 23.98
C SER I 65 -9.22 -23.57 24.44
N TRP I 66 -10.42 -24.14 24.30
CA TRP I 66 -10.68 -25.48 24.78
C TRP I 66 -9.92 -26.54 23.97
N ARG I 67 -9.92 -26.41 22.65
CA ARG I 67 -9.21 -27.37 21.79
C ARG I 67 -7.74 -27.40 22.12
N ILE I 68 -7.08 -26.25 22.05
CA ILE I 68 -5.65 -26.18 22.29
C ILE I 68 -5.28 -26.72 23.68
N VAL I 69 -6.17 -26.51 24.65
CA VAL I 69 -5.94 -27.04 25.99
C VAL I 69 -6.14 -28.55 26.03
N SER I 70 -7.01 -29.05 25.13
CA SER I 70 -7.33 -30.46 25.09
C SER I 70 -6.19 -31.26 24.48
N SER I 71 -5.68 -30.79 23.35
CA SER I 71 -4.56 -31.44 22.72
C SER I 71 -3.33 -31.38 23.61
N ILE I 72 -3.14 -30.26 24.29
CA ILE I 72 -2.12 -30.18 25.32
C ILE I 72 -2.35 -31.25 26.39
N GLU I 73 -3.59 -31.41 26.83
CA GLU I 73 -3.89 -32.43 27.82
C GLU I 73 -3.55 -33.82 27.33
N GLN I 74 -3.95 -34.13 26.09
CA GLN I 74 -3.82 -35.47 25.55
C GLN I 74 -2.34 -35.82 25.40
N LYS I 75 -1.54 -34.83 25.02
CA LYS I 75 -0.10 -35.01 24.89
C LYS I 75 0.54 -35.34 26.24
N GLU I 76 0.27 -34.50 27.24
CA GLU I 76 0.84 -34.72 28.57
C GLU I 76 0.39 -36.04 29.20
N GLU I 77 -0.80 -36.51 28.83
CA GLU I 77 -1.21 -37.86 29.20
C GLU I 77 -0.35 -38.91 28.51
N GLY I 78 -0.18 -38.74 27.20
CA GLY I 78 0.70 -39.60 26.41
C GLY I 78 2.10 -39.66 26.99
N ARG I 79 2.67 -38.49 27.26
CA ARG I 79 4.04 -38.41 27.77
C ARG I 79 4.12 -38.91 29.22
N GLY I 80 2.97 -39.27 29.78
CA GLY I 80 2.93 -39.86 31.12
C GLY I 80 2.80 -38.88 32.28
N ASN I 81 2.85 -37.59 31.99
CA ASN I 81 3.16 -36.58 33.01
C ASN I 81 1.96 -36.17 33.86
N GLU I 82 1.81 -36.81 35.01
CA GLU I 82 0.57 -36.81 35.76
C GLU I 82 0.25 -35.44 36.35
N GLU I 83 1.26 -34.82 36.94
CA GLU I 83 1.11 -33.54 37.62
C GLU I 83 0.52 -32.47 36.68
N HIS I 84 1.04 -32.41 35.46
CA HIS I 84 0.54 -31.47 34.47
C HIS I 84 -0.92 -31.75 34.17
N VAL I 85 -1.20 -32.99 33.79
CA VAL I 85 -2.55 -33.42 33.43
C VAL I 85 -3.59 -32.97 34.45
N THR I 86 -3.27 -33.13 35.72
CA THR I 86 -4.21 -32.75 36.77
C THR I 86 -4.56 -31.27 36.70
N LEU I 87 -3.52 -30.45 36.57
CA LEU I 87 -3.67 -29.01 36.51
C LEU I 87 -4.39 -28.61 35.22
N ILE I 88 -3.95 -29.21 34.11
CA ILE I 88 -4.60 -28.98 32.85
C ILE I 88 -6.07 -29.35 32.93
N LYS I 89 -6.35 -30.40 33.67
CA LYS I 89 -7.72 -30.89 33.80
C LYS I 89 -8.56 -29.87 34.53
N GLU I 90 -8.04 -29.30 35.62
CA GLU I 90 -8.82 -28.28 36.32
C GLU I 90 -9.08 -27.08 35.42
N TYR I 91 -8.10 -26.71 34.60
CA TYR I 91 -8.16 -25.50 33.79
C TYR I 91 -9.17 -25.69 32.66
N ARG I 92 -9.16 -26.87 32.06
CA ARG I 92 -10.15 -27.20 31.05
C ARG I 92 -11.56 -27.05 31.62
N GLY I 93 -11.77 -27.55 32.83
CA GLY I 93 -13.09 -27.52 33.43
C GLY I 93 -13.58 -26.11 33.62
N LYS I 94 -12.63 -25.20 33.81
CA LYS I 94 -12.93 -23.79 34.00
C LYS I 94 -13.39 -23.16 32.68
N ILE I 95 -12.79 -23.59 31.59
CA ILE I 95 -13.24 -23.21 30.25
C ILE I 95 -14.60 -23.81 29.91
N GLU I 96 -14.78 -25.08 30.24
CA GLU I 96 -16.02 -25.78 29.94
C GLU I 96 -17.20 -25.20 30.70
N ALA I 97 -16.95 -24.77 31.93
CA ALA I 97 -17.95 -24.02 32.70
C ALA I 97 -18.36 -22.70 32.02
N GLU I 98 -17.43 -22.05 31.35
CA GLU I 98 -17.79 -20.88 30.54
C GLU I 98 -18.59 -21.30 29.32
N LEU I 99 -18.13 -22.34 28.63
CA LEU I 99 -18.86 -22.84 27.47
C LEU I 99 -20.30 -23.19 27.85
N SER I 100 -20.48 -23.95 28.92
CA SER I 100 -21.83 -24.31 29.39
C SER I 100 -22.67 -23.07 29.63
N LYS I 101 -22.11 -22.11 30.35
CA LYS I 101 -22.82 -20.88 30.62
C LYS I 101 -23.19 -20.11 29.35
N ILE I 102 -22.25 -20.01 28.42
CA ILE I 102 -22.53 -19.33 27.17
C ILE I 102 -23.65 -20.00 26.37
N CYS I 103 -23.58 -21.32 26.24
CA CYS I 103 -24.60 -22.06 25.51
C CYS I 103 -25.95 -21.92 26.21
N ASP I 104 -25.92 -21.96 27.54
CA ASP I 104 -27.13 -21.87 28.36
C ASP I 104 -27.81 -20.52 28.13
N GLY I 105 -27.03 -19.46 28.13
CA GLY I 105 -27.57 -18.12 27.87
C GLY I 105 -28.40 -18.07 26.59
N ILE I 106 -27.81 -18.50 25.49
CA ILE I 106 -28.48 -18.35 24.19
C ILE I 106 -29.58 -19.39 23.96
N LEU I 107 -29.42 -20.57 24.57
CA LEU I 107 -30.45 -21.62 24.45
C LEU I 107 -31.72 -21.26 25.22
N LYS I 108 -31.56 -20.64 26.39
CA LYS I 108 -32.69 -20.19 27.20
C LYS I 108 -33.49 -19.21 26.40
N LEU I 109 -32.79 -18.29 25.73
CA LEU I 109 -33.41 -17.23 24.98
C LEU I 109 -34.01 -17.72 23.65
N LEU I 110 -33.39 -18.74 23.06
CA LEU I 110 -33.99 -19.40 21.89
C LEU I 110 -35.32 -20.06 22.27
N ASP I 111 -35.34 -20.73 23.42
CA ASP I 111 -36.54 -21.43 23.87
C ASP I 111 -37.67 -20.50 24.29
N SER I 112 -37.34 -19.39 24.92
CA SER I 112 -38.33 -18.53 25.54
C SER I 112 -38.84 -17.43 24.61
N HIS I 113 -37.96 -16.92 23.75
CA HIS I 113 -38.30 -15.73 22.97
C HIS I 113 -38.23 -16.01 21.49
N LEU I 114 -37.09 -16.52 21.04
CA LEU I 114 -36.71 -16.42 19.63
C LEU I 114 -37.35 -17.47 18.73
N VAL I 115 -37.32 -18.73 19.17
CA VAL I 115 -37.98 -19.80 18.40
C VAL I 115 -39.51 -19.66 18.45
N PRO I 116 -40.10 -19.53 19.66
CA PRO I 116 -41.56 -19.44 19.76
C PRO I 116 -42.13 -18.26 18.97
N SER I 117 -41.39 -17.16 18.90
CA SER I 117 -41.90 -15.96 18.24
C SER I 117 -41.84 -16.02 16.72
N SER I 118 -41.02 -16.92 16.16
CA SER I 118 -40.82 -16.96 14.72
C SER I 118 -42.12 -17.29 13.98
N THR I 119 -42.46 -16.48 12.97
CA THR I 119 -43.64 -16.75 12.14
C THR I 119 -43.30 -17.20 10.72
N ALA I 120 -42.21 -16.70 10.17
CA ALA I 120 -41.84 -17.00 8.80
C ALA I 120 -40.86 -18.17 8.77
N ALA I 121 -40.75 -18.80 7.61
CA ALA I 121 -39.87 -19.94 7.46
C ALA I 121 -38.37 -19.58 7.62
N GLU I 122 -37.97 -18.41 7.15
CA GLU I 122 -36.56 -18.01 7.31
C GLU I 122 -36.19 -17.97 8.78
N SER I 123 -37.13 -17.54 9.60
CA SER I 123 -36.88 -17.35 11.03
C SER I 123 -36.80 -18.67 11.77
N LYS I 124 -37.80 -19.53 11.59
CA LYS I 124 -37.81 -20.85 12.26
C LYS I 124 -36.54 -21.61 11.87
N VAL I 125 -36.19 -21.58 10.59
CA VAL I 125 -35.01 -22.32 10.13
C VAL I 125 -33.77 -21.74 10.81
N PHE I 126 -33.64 -20.42 10.75
CA PHE I 126 -32.45 -19.73 11.27
C PHE I 126 -32.27 -20.04 12.75
N TYR I 127 -33.35 -20.00 13.51
CA TYR I 127 -33.26 -20.15 14.97
C TYR I 127 -33.23 -21.59 15.42
N LEU I 128 -33.84 -22.48 14.65
CA LEU I 128 -33.77 -23.89 14.96
C LEU I 128 -32.36 -24.40 14.66
N LYS I 129 -31.77 -23.89 13.58
CA LYS I 129 -30.33 -24.11 13.32
C LYS I 129 -29.44 -23.65 14.47
N MET I 130 -29.71 -22.45 14.97
CA MET I 130 -28.94 -21.86 16.05
C MET I 130 -29.05 -22.72 17.31
N LYS I 131 -30.26 -23.19 17.58
CA LYS I 131 -30.50 -24.12 18.68
C LYS I 131 -29.62 -25.36 18.55
N GLY I 132 -29.72 -26.05 17.41
CA GLY I 132 -28.79 -27.12 17.05
C GLY I 132 -27.30 -26.81 17.24
N ASP I 133 -26.84 -25.67 16.72
CA ASP I 133 -25.45 -25.24 16.86
C ASP I 133 -24.99 -25.27 18.32
N TYR I 134 -25.75 -24.62 19.20
CA TYR I 134 -25.33 -24.50 20.59
C TYR I 134 -25.46 -25.79 21.39
N HIS I 135 -26.42 -26.64 21.04
CA HIS I 135 -26.38 -28.03 21.53
C HIS I 135 -25.18 -28.78 20.94
N ARG I 136 -24.86 -28.50 19.67
CA ARG I 136 -23.67 -29.11 19.09
C ARG I 136 -22.40 -28.69 19.86
N TYR I 137 -22.27 -27.40 20.16
CA TYR I 137 -21.09 -26.92 20.91
C TYR I 137 -21.02 -27.59 22.28
N LEU I 138 -22.18 -27.82 22.89
CA LEU I 138 -22.21 -28.55 24.17
C LEU I 138 -21.69 -29.96 23.96
N ALA I 139 -22.07 -30.56 22.84
CA ALA I 139 -21.67 -31.95 22.57
C ALA I 139 -20.19 -32.08 22.21
N GLU I 140 -19.54 -30.96 21.95
CA GLU I 140 -18.11 -30.98 21.64
C GLU I 140 -17.26 -31.34 22.85
N PHE I 141 -17.67 -30.89 24.03
CA PHE I 141 -16.86 -31.08 25.23
C PHE I 141 -17.55 -31.96 26.26
N LYS I 142 -18.88 -31.99 26.23
CA LYS I 142 -19.60 -32.80 27.20
C LYS I 142 -19.20 -34.27 27.09
N THR I 143 -19.42 -34.98 28.17
CA THR I 143 -19.04 -36.36 28.28
C THR I 143 -20.29 -37.17 28.57
N GLY I 144 -20.31 -38.41 28.08
CA GLY I 144 -21.15 -39.44 28.67
C GLY I 144 -22.61 -39.16 28.42
N ALA I 145 -23.39 -39.14 29.49
CA ALA I 145 -24.84 -39.10 29.38
C ALA I 145 -25.26 -37.79 28.75
N GLU I 146 -24.66 -36.70 29.20
CA GLU I 146 -25.13 -35.38 28.83
C GLU I 146 -24.54 -34.90 27.51
N ARG I 147 -23.60 -35.69 27.00
CA ARG I 147 -23.21 -35.61 25.61
C ARG I 147 -24.26 -36.21 24.67
N LYS I 148 -24.60 -37.48 24.89
CA LYS I 148 -25.67 -38.15 24.13
C LYS I 148 -26.91 -37.27 24.08
N GLU I 149 -27.19 -36.62 25.20
CA GLU I 149 -28.37 -35.80 25.34
C GLU I 149 -28.26 -34.51 24.51
N ALA I 150 -27.06 -33.94 24.44
CA ALA I 150 -26.81 -32.79 23.58
C ALA I 150 -26.88 -33.17 22.09
N ALA I 151 -26.26 -34.30 21.75
CA ALA I 151 -26.41 -34.85 20.41
C ALA I 151 -27.87 -35.06 20.03
N GLU I 152 -28.66 -35.61 20.95
CA GLU I 152 -30.09 -35.80 20.72
C GLU I 152 -30.79 -34.47 20.40
N SER I 153 -30.57 -33.45 21.23
CA SER I 153 -31.21 -32.16 21.03
C SER I 153 -30.75 -31.45 19.75
N THR I 154 -29.52 -31.73 19.33
CA THR I 154 -29.01 -31.15 18.07
C THR I 154 -29.72 -31.77 16.87
N MET I 155 -29.70 -33.10 16.83
CA MET I 155 -30.44 -33.86 15.84
C MET I 155 -31.85 -33.32 15.68
N VAL I 156 -32.57 -33.22 16.79
CA VAL I 156 -33.98 -32.83 16.77
C VAL I 156 -34.18 -31.43 16.17
N ALA I 157 -33.35 -30.48 16.59
CA ALA I 157 -33.45 -29.10 16.11
C ALA I 157 -33.05 -28.93 14.62
N TYR I 158 -31.96 -29.59 14.22
CA TYR I 158 -31.50 -29.55 12.83
C TYR I 158 -32.51 -30.21 11.92
N LYS I 159 -33.03 -31.36 12.36
CA LYS I 159 -34.11 -32.07 11.65
C LYS I 159 -35.33 -31.18 11.37
N ALA I 160 -35.80 -30.47 12.39
CA ALA I 160 -36.98 -29.61 12.22
C ALA I 160 -36.66 -28.48 11.26
N ALA I 161 -35.46 -27.91 11.40
CA ALA I 161 -35.01 -26.86 10.49
C ALA I 161 -34.92 -27.34 9.03
N GLN I 162 -34.37 -28.53 8.84
CA GLN I 162 -34.24 -29.12 7.53
C GLN I 162 -35.62 -29.31 6.90
N ASP I 163 -36.57 -29.78 7.70
CA ASP I 163 -37.92 -30.06 7.15
C ASP I 163 -38.59 -28.78 6.71
N ILE I 164 -38.50 -27.76 7.54
CA ILE I 164 -39.07 -26.46 7.22
C ILE I 164 -38.34 -25.83 6.04
N ALA I 165 -37.03 -25.84 6.09
CA ALA I 165 -36.22 -25.30 5.00
C ALA I 165 -36.57 -25.96 3.67
N LEU I 166 -36.70 -27.29 3.69
CA LEU I 166 -37.05 -28.05 2.48
C LEU I 166 -38.41 -27.66 1.97
N ALA I 167 -39.36 -27.48 2.88
CA ALA I 167 -40.73 -27.17 2.45
C ALA I 167 -40.79 -25.77 1.87
N ASP I 168 -40.08 -24.82 2.48
CA ASP I 168 -40.33 -23.42 2.15
C ASP I 168 -39.19 -22.58 1.58
N LEU I 169 -37.95 -23.05 1.64
CA LEU I 169 -36.85 -22.20 1.22
C LEU I 169 -36.24 -22.75 -0.05
N ALA I 170 -35.87 -21.87 -0.97
CA ALA I 170 -35.13 -22.27 -2.14
C ALA I 170 -33.87 -23.05 -1.70
N PRO I 171 -33.47 -24.04 -2.51
CA PRO I 171 -32.32 -24.88 -2.22
C PRO I 171 -31.00 -24.09 -2.30
N THR I 172 -31.11 -22.84 -2.75
CA THR I 172 -29.98 -21.94 -2.89
C THR I 172 -29.94 -20.98 -1.71
N HIS I 173 -31.02 -20.93 -0.94
CA HIS I 173 -31.12 -20.00 0.17
C HIS I 173 -29.97 -20.18 1.14
N PRO I 174 -29.29 -19.06 1.49
CA PRO I 174 -28.09 -19.13 2.33
C PRO I 174 -28.39 -19.73 3.68
N ILE I 175 -29.60 -19.50 4.19
CA ILE I 175 -29.99 -20.03 5.49
C ILE I 175 -30.21 -21.54 5.40
N ARG I 176 -30.83 -21.98 4.32
CA ARG I 176 -30.98 -23.41 4.05
C ARG I 176 -29.62 -24.06 3.81
N LEU I 177 -28.73 -23.37 3.10
CA LEU I 177 -27.37 -23.91 2.87
C LEU I 177 -26.54 -24.03 4.15
N GLY I 178 -26.66 -23.05 5.04
CA GLY I 178 -25.94 -23.08 6.31
C GLY I 178 -26.41 -24.21 7.21
N LEU I 179 -27.71 -24.50 7.19
CA LEU I 179 -28.28 -25.55 8.03
C LEU I 179 -27.71 -26.89 7.58
N ALA I 180 -27.68 -27.08 6.26
CA ALA I 180 -27.05 -28.26 5.65
C ALA I 180 -25.58 -28.39 6.02
N LEU I 181 -24.87 -27.27 5.92
CA LEU I 181 -23.46 -27.24 6.27
C LEU I 181 -23.28 -27.70 7.71
N ASN I 182 -24.01 -27.11 8.63
CA ASN I 182 -23.77 -27.41 10.04
C ASN I 182 -24.31 -28.78 10.39
N PHE I 183 -25.33 -29.21 9.65
CA PHE I 183 -25.91 -30.53 9.86
C PHE I 183 -24.91 -31.59 9.45
N SER I 184 -24.31 -31.43 8.27
CA SER I 184 -23.18 -32.31 7.89
C SER I 184 -22.07 -32.31 8.93
N VAL I 185 -21.68 -31.12 9.37
CA VAL I 185 -20.63 -31.02 10.37
C VAL I 185 -21.01 -31.77 11.63
N PHE I 186 -22.29 -31.81 11.94
CA PHE I 186 -22.76 -32.54 13.10
C PHE I 186 -22.55 -34.04 12.93
N TYR I 187 -22.83 -34.53 11.73
CA TYR I 187 -22.59 -35.93 11.40
C TYR I 187 -21.12 -36.31 11.44
N TYR I 188 -20.27 -35.42 10.93
CA TYR I 188 -18.84 -35.71 10.85
C TYR I 188 -18.17 -35.74 12.23
N GLU I 189 -18.24 -34.64 12.96
CA GLU I 189 -17.47 -34.56 14.20
C GLU I 189 -18.15 -34.98 15.50
N ILE I 190 -19.47 -34.91 15.56
CA ILE I 190 -20.16 -35.39 16.75
C ILE I 190 -20.60 -36.85 16.65
N LEU I 191 -21.19 -37.23 15.53
CA LEU I 191 -21.71 -38.58 15.38
C LEU I 191 -20.66 -39.52 14.83
N ASN I 192 -19.54 -38.95 14.38
CA ASN I 192 -18.50 -39.70 13.70
C ASN I 192 -18.97 -40.57 12.52
N SER I 193 -19.91 -40.05 11.73
CA SER I 193 -20.34 -40.72 10.49
C SER I 193 -19.99 -39.92 9.24
N PRO I 194 -18.80 -40.15 8.67
CA PRO I 194 -18.31 -39.29 7.59
C PRO I 194 -19.03 -39.52 6.26
N ASP I 195 -19.57 -40.71 6.06
CA ASP I 195 -20.33 -40.99 4.84
C ASP I 195 -21.64 -40.23 4.89
N LYS I 196 -22.26 -40.22 6.06
CA LYS I 196 -23.45 -39.44 6.29
C LYS I 196 -23.21 -37.94 6.14
N ALA I 197 -22.12 -37.43 6.71
CA ALA I 197 -21.79 -36.03 6.53
C ALA I 197 -21.67 -35.66 5.06
N CYS I 198 -21.02 -36.50 4.25
CA CYS I 198 -20.78 -36.18 2.86
C CYS I 198 -22.06 -36.25 2.06
N ASN I 199 -22.80 -37.35 2.19
CA ASN I 199 -24.11 -37.49 1.51
C ASN I 199 -25.00 -36.29 1.75
N LEU I 200 -25.14 -35.88 3.01
CA LEU I 200 -25.99 -34.75 3.38
C LEU I 200 -25.48 -33.43 2.76
N ALA I 201 -24.17 -33.19 2.87
CA ALA I 201 -23.59 -31.98 2.28
C ALA I 201 -23.68 -31.98 0.76
N LYS I 202 -23.40 -33.12 0.13
CA LYS I 202 -23.37 -33.21 -1.34
C LYS I 202 -24.76 -33.05 -1.94
N GLN I 203 -25.75 -33.69 -1.31
CA GLN I 203 -27.14 -33.47 -1.69
C GLN I 203 -27.54 -32.02 -1.66
N ALA I 204 -27.24 -31.33 -0.57
CA ALA I 204 -27.60 -29.91 -0.46
C ALA I 204 -26.85 -29.11 -1.51
N PHE I 205 -25.59 -29.45 -1.71
CA PHE I 205 -24.79 -28.81 -2.75
C PHE I 205 -25.39 -29.00 -4.13
N ASP I 206 -25.76 -30.24 -4.46
CA ASP I 206 -26.35 -30.54 -5.76
C ASP I 206 -27.69 -29.82 -5.98
N GLU I 207 -28.57 -29.85 -4.97
CA GLU I 207 -29.86 -29.19 -5.14
C GLU I 207 -29.66 -27.69 -5.38
N ALA I 208 -28.75 -27.07 -4.63
CA ALA I 208 -28.41 -25.68 -4.87
C ALA I 208 -27.87 -25.50 -6.30
N ILE I 209 -26.96 -26.37 -6.71
CA ILE I 209 -26.33 -26.22 -8.03
C ILE I 209 -27.40 -26.28 -9.14
N SER I 210 -28.42 -27.10 -8.95
CA SER I 210 -29.49 -27.20 -9.94
C SER I 210 -30.25 -25.88 -10.11
N GLU I 211 -30.16 -24.99 -9.12
CA GLU I 211 -30.90 -23.73 -9.20
C GLU I 211 -30.06 -22.46 -9.26
N LEU I 212 -28.75 -22.61 -9.08
CA LEU I 212 -27.86 -21.47 -8.87
C LEU I 212 -27.92 -20.43 -9.99
N ASP I 213 -28.23 -20.85 -11.21
CA ASP I 213 -28.13 -19.95 -12.35
C ASP I 213 -29.42 -19.19 -12.65
N THR I 214 -30.45 -19.41 -11.84
CA THR I 214 -31.68 -18.63 -11.97
C THR I 214 -31.60 -17.36 -11.14
N LEU I 215 -30.53 -17.22 -10.38
CA LEU I 215 -30.44 -16.18 -9.36
C LEU I 215 -29.91 -14.89 -9.95
N GLY I 216 -30.42 -13.77 -9.45
CA GLY I 216 -29.79 -12.48 -9.67
C GLY I 216 -28.40 -12.41 -9.07
N GLU I 217 -27.65 -11.36 -9.43
CA GLU I 217 -26.21 -11.32 -9.20
C GLU I 217 -25.82 -11.36 -7.71
N GLU I 218 -26.53 -10.60 -6.90
CA GLU I 218 -26.21 -10.49 -5.47
C GLU I 218 -26.68 -11.74 -4.73
N SER I 219 -27.87 -12.21 -5.08
CA SER I 219 -28.34 -13.50 -4.61
C SER I 219 -27.34 -14.62 -4.91
N TYR I 220 -26.92 -14.73 -6.17
CA TYR I 220 -25.89 -15.70 -6.57
C TYR I 220 -24.65 -15.62 -5.69
N LYS I 221 -24.19 -14.41 -5.38
CA LYS I 221 -23.00 -14.27 -4.55
C LYS I 221 -23.26 -14.63 -3.10
N ASP I 222 -24.48 -14.38 -2.61
CA ASP I 222 -24.88 -14.82 -1.27
C ASP I 222 -24.83 -16.33 -1.14
N SER I 223 -25.37 -17.04 -2.12
CA SER I 223 -25.44 -18.49 -2.05
C SER I 223 -24.04 -19.05 -2.16
N THR I 224 -23.27 -18.50 -3.09
CA THR I 224 -21.96 -19.03 -3.44
C THR I 224 -21.08 -19.10 -2.21
N LEU I 225 -21.24 -18.13 -1.34
CA LEU I 225 -20.44 -18.05 -0.14
C LEU I 225 -20.61 -19.30 0.73
N ILE I 226 -21.85 -19.75 0.91
CA ILE I 226 -22.09 -20.95 1.72
C ILE I 226 -21.76 -22.22 0.93
N MET I 227 -21.95 -22.14 -0.37
CA MET I 227 -21.66 -23.26 -1.22
C MET I 227 -20.17 -23.62 -1.25
N GLN I 228 -19.29 -22.63 -1.19
CA GLN I 228 -17.86 -22.93 -1.21
C GLN I 228 -17.34 -23.51 0.11
N LEU I 229 -18.11 -23.33 1.17
CA LEU I 229 -17.85 -24.02 2.42
C LEU I 229 -18.23 -25.49 2.39
N LEU I 230 -19.43 -25.81 1.88
CA LEU I 230 -19.81 -27.20 1.63
C LEU I 230 -18.82 -27.90 0.72
N ARG I 231 -18.41 -27.19 -0.33
CA ARG I 231 -17.47 -27.72 -1.32
C ARG I 231 -16.09 -28.02 -0.74
N ASP I 232 -15.58 -27.14 0.13
CA ASP I 232 -14.26 -27.38 0.74
C ASP I 232 -14.31 -28.48 1.80
N ASN I 233 -15.37 -28.50 2.59
CA ASN I 233 -15.58 -29.61 3.51
C ASN I 233 -15.59 -30.93 2.75
N LEU I 234 -16.45 -31.01 1.74
CA LEU I 234 -16.57 -32.23 0.92
C LEU I 234 -15.22 -32.65 0.31
N THR I 235 -14.44 -31.67 -0.11
CA THR I 235 -13.09 -31.91 -0.62
C THR I 235 -12.20 -32.48 0.49
N LEU I 236 -12.31 -31.89 1.67
CA LEU I 236 -11.51 -32.34 2.82
C LEU I 236 -11.82 -33.78 3.18
N TRP I 237 -13.11 -34.04 3.44
CA TRP I 237 -13.60 -35.34 3.91
C TRP I 237 -13.32 -36.47 2.91
N THR I 238 -12.98 -36.07 1.69
CA THR I 238 -13.03 -36.97 0.56
C THR I 238 -11.61 -37.08 -0.01
N SER I 239 -10.66 -36.53 0.75
CA SER I 239 -9.29 -36.31 0.25
C SER I 239 -8.38 -37.50 0.56
N ASP I 240 -7.28 -37.59 -0.16
CA ASP I 240 -6.24 -38.58 0.11
C ASP I 240 -5.60 -38.38 1.50
N SER J 7 2.09 -23.84 43.99
CA SER J 7 3.51 -24.24 43.82
C SER J 7 4.28 -23.04 43.27
N ARG J 8 5.35 -23.30 42.52
CA ARG J 8 6.05 -22.23 41.81
C ARG J 8 6.29 -22.49 40.32
N GLU J 9 6.89 -23.62 39.99
CA GLU J 9 7.04 -24.01 38.59
C GLU J 9 5.70 -24.44 37.99
N GLU J 10 4.70 -24.58 38.84
CA GLU J 10 3.36 -24.94 38.40
C GLU J 10 2.58 -23.71 37.93
N ASN J 11 2.67 -22.62 38.70
CA ASN J 11 2.20 -21.31 38.25
C ASN J 11 2.81 -20.91 36.90
N VAL J 12 4.12 -21.10 36.77
CA VAL J 12 4.79 -20.87 35.49
C VAL J 12 4.23 -21.76 34.39
N TYR J 13 4.02 -23.03 34.70
CA TYR J 13 3.43 -23.93 33.74
C TYR J 13 2.01 -23.50 33.33
N MET J 14 1.21 -23.09 34.30
CA MET J 14 -0.16 -22.66 34.03
C MET J 14 -0.18 -21.37 33.22
N ALA J 15 0.81 -20.51 33.47
CA ALA J 15 1.01 -19.32 32.66
C ALA J 15 1.19 -19.67 31.19
N LYS J 16 1.91 -20.76 30.93
CA LYS J 16 2.22 -21.13 29.56
C LYS J 16 1.00 -21.76 28.91
N LEU J 17 0.17 -22.39 29.72
CA LEU J 17 -1.11 -22.93 29.28
C LEU J 17 -2.05 -21.80 28.86
N ALA J 18 -2.18 -20.80 29.72
CA ALA J 18 -3.09 -19.68 29.49
C ALA J 18 -2.67 -18.87 28.29
N GLU J 19 -1.36 -18.71 28.10
CA GLU J 19 -0.84 -18.07 26.89
C GLU J 19 -1.26 -18.81 25.61
N GLN J 20 -1.05 -20.12 25.57
CA GLN J 20 -1.56 -20.95 24.49
C GLN J 20 -3.08 -20.80 24.32
N ALA J 21 -3.80 -20.90 25.43
CA ALA J 21 -5.26 -20.71 25.44
C ALA J 21 -5.65 -19.30 25.01
N GLU J 22 -4.65 -18.41 24.98
CA GLU J 22 -4.87 -16.99 24.71
C GLU J 22 -5.78 -16.36 25.75
N ARG J 23 -5.64 -16.81 26.99
CA ARG J 23 -6.44 -16.30 28.09
C ARG J 23 -5.59 -15.41 28.99
N TYR J 24 -5.42 -14.16 28.59
CA TYR J 24 -4.27 -13.42 29.07
C TYR J 24 -4.45 -12.86 30.47
N GLU J 25 -5.67 -12.48 30.80
CA GLU J 25 -5.93 -11.96 32.14
C GLU J 25 -5.67 -13.03 33.20
N GLU J 26 -5.85 -14.30 32.82
CA GLU J 26 -5.42 -15.39 33.68
C GLU J 26 -3.92 -15.60 33.63
N MET J 27 -3.33 -15.33 32.47
CA MET J 27 -1.89 -15.41 32.34
C MET J 27 -1.21 -14.38 33.25
N VAL J 28 -1.84 -13.22 33.41
CA VAL J 28 -1.40 -12.26 34.40
C VAL J 28 -1.40 -12.87 35.79
N GLU J 29 -2.51 -13.53 36.13
CA GLU J 29 -2.73 -13.98 37.51
C GLU J 29 -1.68 -14.97 37.95
N TYR J 30 -1.37 -15.92 37.07
CA TYR J 30 -0.38 -16.95 37.38
C TYR J 30 1.01 -16.33 37.51
N MET J 31 1.32 -15.41 36.60
CA MET J 31 2.61 -14.76 36.60
C MET J 31 2.76 -13.79 37.77
N GLU J 32 1.70 -13.06 38.07
CA GLU J 32 1.65 -12.22 39.26
C GLU J 32 1.99 -13.02 40.50
N LYS J 33 1.34 -14.18 40.63
CA LYS J 33 1.63 -15.11 41.72
C LYS J 33 3.12 -15.44 41.79
N VAL J 34 3.75 -15.61 40.64
CA VAL J 34 5.18 -15.91 40.58
C VAL J 34 6.00 -14.74 41.13
N ALA J 35 5.80 -13.56 40.55
CA ALA J 35 6.54 -12.38 40.96
C ALA J 35 6.62 -12.26 42.49
N LYS J 36 5.51 -12.55 43.16
CA LYS J 36 5.35 -12.19 44.56
C LYS J 36 5.98 -13.19 45.52
N THR J 37 5.55 -14.44 45.48
CA THR J 37 6.06 -15.47 46.39
C THR J 37 7.59 -15.46 46.46
N VAL J 38 8.21 -14.93 45.40
CA VAL J 38 9.67 -14.79 45.32
C VAL J 38 10.26 -13.95 46.47
N ASP J 39 9.60 -12.82 46.75
CA ASP J 39 10.15 -11.83 47.68
C ASP J 39 11.63 -11.57 47.44
N VAL J 40 11.93 -10.81 46.39
CA VAL J 40 13.30 -10.40 46.06
C VAL J 40 14.19 -11.59 45.70
N GLU J 41 13.65 -12.50 44.89
CA GLU J 41 14.42 -13.62 44.34
C GLU J 41 14.85 -13.35 42.89
N GLU J 42 14.18 -12.40 42.24
CA GLU J 42 14.36 -12.16 40.81
C GLU J 42 13.77 -13.29 39.98
N LEU J 43 12.84 -12.94 39.08
CA LEU J 43 12.35 -13.89 38.09
C LEU J 43 13.46 -14.29 37.14
N THR J 44 13.38 -15.49 36.58
CA THR J 44 14.30 -15.86 35.51
C THR J 44 14.02 -15.06 34.25
N VAL J 45 14.84 -15.29 33.23
CA VAL J 45 14.56 -14.70 31.93
C VAL J 45 13.19 -15.15 31.42
N GLU J 46 13.00 -16.46 31.32
CA GLU J 46 11.72 -17.03 30.90
C GLU J 46 10.55 -16.37 31.64
N GLU J 47 10.62 -16.34 32.96
CA GLU J 47 9.54 -15.82 33.78
C GLU J 47 9.24 -14.35 33.54
N ARG J 48 10.30 -13.54 33.43
CA ARG J 48 10.15 -12.11 33.26
C ARG J 48 9.53 -11.77 31.92
N ASN J 49 9.88 -12.53 30.87
CA ASN J 49 9.27 -12.34 29.57
C ASN J 49 7.79 -12.72 29.57
N LEU J 50 7.47 -13.83 30.23
CA LEU J 50 6.10 -14.32 30.31
C LEU J 50 5.21 -13.29 30.96
N LEU J 51 5.68 -12.76 32.09
CA LEU J 51 4.95 -11.73 32.81
C LEU J 51 4.71 -10.54 31.89
N SER J 52 5.71 -10.24 31.07
CA SER J 52 5.67 -9.10 30.18
C SER J 52 4.69 -9.37 29.03
N VAL J 53 4.80 -10.55 28.43
CA VAL J 53 3.90 -10.97 27.36
C VAL J 53 2.45 -10.90 27.82
N ALA J 54 2.24 -11.13 29.11
CA ALA J 54 0.91 -11.32 29.64
C ALA J 54 0.20 -9.98 29.84
N TYR J 55 0.86 -9.07 30.54
CA TYR J 55 0.38 -7.69 30.66
C TYR J 55 0.29 -6.96 29.31
N LYS J 56 1.29 -7.16 28.47
CA LYS J 56 1.28 -6.58 27.13
C LYS J 56 -0.02 -6.93 26.42
N ASN J 57 -0.37 -8.21 26.43
CA ASN J 57 -1.56 -8.67 25.71
C ASN J 57 -2.85 -8.20 26.36
N VAL J 58 -2.84 -8.06 27.68
CA VAL J 58 -4.02 -7.60 28.40
C VAL J 58 -4.26 -6.11 28.19
N ILE J 59 -3.24 -5.29 28.42
CA ILE J 59 -3.31 -3.87 28.05
C ILE J 59 -3.60 -3.69 26.55
N GLY J 60 -2.92 -4.49 25.72
CA GLY J 60 -3.07 -4.37 24.27
C GLY J 60 -4.52 -4.36 23.77
N ALA J 61 -5.30 -5.35 24.20
CA ALA J 61 -6.67 -5.47 23.71
C ALA J 61 -7.47 -4.21 24.05
N ARG J 62 -7.31 -3.72 25.28
CA ARG J 62 -7.93 -2.45 25.68
C ARG J 62 -7.45 -1.22 24.92
N ARG J 63 -6.14 -1.01 24.80
CA ARG J 63 -5.67 0.17 24.08
C ARG J 63 -6.35 0.19 22.71
N ALA J 64 -6.37 -0.97 22.06
CA ALA J 64 -6.89 -1.08 20.70
C ALA J 64 -8.39 -0.80 20.64
N SER J 65 -9.12 -1.22 21.67
CA SER J 65 -10.54 -0.92 21.77
C SER J 65 -10.76 0.56 22.03
N TRP J 66 -9.92 1.13 22.89
CA TRP J 66 -9.92 2.57 23.13
C TRP J 66 -9.69 3.36 21.84
N ARG J 67 -8.68 3.00 21.08
CA ARG J 67 -8.46 3.69 19.81
C ARG J 67 -9.67 3.73 18.90
N ILE J 68 -10.26 2.59 18.56
CA ILE J 68 -11.41 2.58 17.64
C ILE J 68 -12.60 3.31 18.22
N VAL J 69 -12.82 3.15 19.52
CA VAL J 69 -13.89 3.87 20.21
C VAL J 69 -13.67 5.38 20.12
N SER J 70 -12.53 5.84 20.63
CA SER J 70 -12.11 7.25 20.53
C SER J 70 -12.45 7.80 19.15
N SER J 71 -12.00 7.08 18.13
CA SER J 71 -11.97 7.57 16.78
C SER J 71 -13.36 7.58 16.15
N ILE J 72 -14.24 6.70 16.64
CA ILE J 72 -15.65 6.77 16.31
C ILE J 72 -16.30 7.90 17.11
N GLU J 73 -15.75 8.19 18.29
CA GLU J 73 -16.27 9.27 19.12
C GLU J 73 -16.13 10.62 18.43
N GLN J 74 -15.05 10.81 17.69
CA GLN J 74 -14.79 12.10 17.06
C GLN J 74 -15.26 12.17 15.61
N LYS J 75 -15.60 11.02 15.05
CA LYS J 75 -16.39 10.99 13.81
C LYS J 75 -17.82 11.45 14.06
N GLU J 76 -18.34 11.13 15.24
CA GLU J 76 -19.71 11.46 15.59
C GLU J 76 -19.86 12.92 16.07
N GLU J 77 -18.86 13.40 16.80
CA GLU J 77 -18.80 14.83 17.12
C GLU J 77 -18.73 15.67 15.84
N GLY J 78 -17.97 15.19 14.86
CA GLY J 78 -17.83 15.88 13.58
C GLY J 78 -19.15 16.04 12.84
N ARG J 79 -20.24 15.72 13.51
CA ARG J 79 -21.58 15.82 12.92
C ARG J 79 -22.66 16.02 13.98
N GLY J 80 -22.24 16.40 15.19
CA GLY J 80 -23.17 16.86 16.22
C GLY J 80 -24.26 15.85 16.57
N ASN J 81 -23.86 14.66 17.00
CA ASN J 81 -24.79 13.67 17.51
C ASN J 81 -24.60 13.49 19.01
N GLU J 82 -25.01 14.47 19.80
CA GLU J 82 -24.69 14.48 21.22
C GLU J 82 -25.24 13.22 21.90
N GLU J 83 -26.19 12.56 21.25
CA GLU J 83 -26.70 11.28 21.75
C GLU J 83 -25.67 10.16 21.54
N HIS J 84 -25.18 10.03 20.31
CA HIS J 84 -24.18 9.03 20.01
C HIS J 84 -22.88 9.32 20.75
N VAL J 85 -22.43 10.57 20.69
CA VAL J 85 -21.30 11.03 21.50
C VAL J 85 -21.49 10.71 22.98
N THR J 86 -22.62 11.12 23.56
CA THR J 86 -22.90 10.86 24.96
C THR J 86 -22.78 9.37 25.30
N LEU J 87 -23.31 8.52 24.41
CA LEU J 87 -23.30 7.07 24.61
C LEU J 87 -21.87 6.52 24.53
N ILE J 88 -21.11 7.00 23.55
CA ILE J 88 -19.74 6.57 23.34
C ILE J 88 -18.77 6.96 24.48
N LYS J 89 -18.80 8.21 24.93
CA LYS J 89 -17.88 8.67 25.98
C LYS J 89 -18.07 7.84 27.23
N GLU J 90 -19.30 7.39 27.42
CA GLU J 90 -19.60 6.53 28.55
C GLU J 90 -18.96 5.13 28.39
N TYR J 91 -18.96 4.62 27.16
CA TYR J 91 -18.29 3.35 26.84
C TYR J 91 -16.76 3.49 27.01
N ARG J 92 -16.21 4.51 26.35
CA ARG J 92 -14.81 4.88 26.49
C ARG J 92 -14.37 5.01 27.94
N GLY J 93 -15.10 5.84 28.69
CA GLY J 93 -14.91 5.96 30.13
C GLY J 93 -14.74 4.64 30.86
N LYS J 94 -15.32 3.58 30.32
CA LYS J 94 -15.35 2.27 30.99
C LYS J 94 -14.14 1.42 30.60
N ILE J 95 -13.75 1.50 29.33
CA ILE J 95 -12.47 1.00 28.88
C ILE J 95 -11.27 1.67 29.58
N GLU J 96 -11.37 2.97 29.81
CA GLU J 96 -10.29 3.71 30.48
C GLU J 96 -10.11 3.28 31.94
N ALA J 97 -11.21 2.99 32.64
CA ALA J 97 -11.13 2.35 33.95
C ALA J 97 -10.42 0.99 33.90
N GLU J 98 -10.73 0.20 32.88
CA GLU J 98 -10.04 -1.07 32.68
C GLU J 98 -8.56 -0.80 32.45
N LEU J 99 -8.28 0.17 31.58
CA LEU J 99 -6.91 0.57 31.30
C LEU J 99 -6.19 1.05 32.54
N SER J 100 -6.85 1.92 33.31
CA SER J 100 -6.33 2.36 34.61
C SER J 100 -5.91 1.19 35.48
N LYS J 101 -6.83 0.24 35.68
CA LYS J 101 -6.65 -0.75 36.72
C LYS J 101 -5.67 -1.84 36.30
N ILE J 102 -5.51 -2.01 34.98
CA ILE J 102 -4.47 -2.90 34.47
C ILE J 102 -3.08 -2.26 34.62
N CYS J 103 -2.99 -0.96 34.37
CA CYS J 103 -1.74 -0.23 34.59
C CYS J 103 -1.35 -0.17 36.06
N ASP J 104 -2.32 0.14 36.93
CA ASP J 104 -2.07 0.20 38.36
C ASP J 104 -1.62 -1.18 38.82
N GLY J 105 -2.18 -2.21 38.20
CA GLY J 105 -1.89 -3.57 38.61
C GLY J 105 -0.41 -3.84 38.55
N ILE J 106 0.19 -3.58 37.39
CA ILE J 106 1.57 -3.94 37.13
C ILE J 106 2.50 -2.89 37.72
N LEU J 107 2.06 -1.64 37.72
CA LEU J 107 2.86 -0.58 38.30
C LEU J 107 3.16 -0.79 39.79
N LYS J 108 2.17 -1.24 40.55
CA LYS J 108 2.38 -1.58 41.96
C LYS J 108 3.45 -2.65 42.09
N LEU J 109 3.43 -3.58 41.14
CA LEU J 109 4.28 -4.76 41.23
C LEU J 109 5.71 -4.44 40.85
N LEU J 110 5.90 -3.45 39.98
CA LEU J 110 7.24 -3.01 39.61
C LEU J 110 7.85 -2.17 40.74
N ASP J 111 7.02 -1.28 41.30
CA ASP J 111 7.45 -0.39 42.37
C ASP J 111 7.84 -1.18 43.62
N SER J 112 7.10 -2.23 43.92
CA SER J 112 7.24 -2.90 45.20
C SER J 112 8.02 -4.21 45.13
N HIS J 113 8.13 -4.78 43.93
CA HIS J 113 8.86 -6.04 43.78
C HIS J 113 9.95 -5.99 42.73
N LEU J 114 9.58 -5.72 41.48
CA LEU J 114 10.46 -6.03 40.37
C LEU J 114 11.65 -5.07 40.24
N VAL J 115 11.43 -3.79 40.53
CA VAL J 115 12.49 -2.80 40.40
C VAL J 115 13.55 -2.87 41.51
N PRO J 116 13.12 -3.12 42.77
CA PRO J 116 14.12 -3.11 43.84
C PRO J 116 14.78 -4.48 44.01
N SER J 117 14.23 -5.49 43.35
CA SER J 117 14.79 -6.83 43.44
C SER J 117 15.85 -7.08 42.37
N SER J 118 15.93 -6.18 41.40
CA SER J 118 16.65 -6.49 40.16
C SER J 118 18.14 -6.24 40.32
N THR J 119 18.94 -7.18 39.81
CA THR J 119 20.37 -7.22 40.07
C THR J 119 21.20 -6.86 38.83
N ALA J 120 21.12 -7.70 37.80
CA ALA J 120 21.87 -7.46 36.57
C ALA J 120 21.36 -6.22 35.84
N ALA J 121 22.22 -5.63 35.01
CA ALA J 121 21.86 -4.40 34.31
C ALA J 121 20.68 -4.64 33.36
N GLU J 122 20.70 -5.79 32.67
CA GLU J 122 19.57 -6.23 31.85
C GLU J 122 18.26 -6.00 32.58
N SER J 123 18.16 -6.59 33.77
CA SER J 123 16.95 -6.55 34.58
C SER J 123 16.62 -5.14 35.06
N LYS J 124 17.65 -4.42 35.51
CA LYS J 124 17.44 -3.04 35.88
C LYS J 124 16.78 -2.28 34.73
N VAL J 125 17.31 -2.44 33.52
CA VAL J 125 16.85 -1.65 32.38
C VAL J 125 15.49 -2.15 31.92
N PHE J 126 15.34 -3.47 31.80
CA PHE J 126 14.05 -4.07 31.43
C PHE J 126 12.91 -3.48 32.24
N TYR J 127 13.07 -3.48 33.56
CA TYR J 127 11.98 -3.16 34.46
C TYR J 127 11.70 -1.65 34.53
N LEU J 128 12.73 -0.84 34.36
CA LEU J 128 12.51 0.61 34.33
C LEU J 128 11.80 1.03 33.05
N LYS J 129 12.14 0.38 31.94
CA LYS J 129 11.44 0.56 30.67
C LYS J 129 9.97 0.21 30.83
N MET J 130 9.73 -0.96 31.41
CA MET J 130 8.37 -1.45 31.60
C MET J 130 7.55 -0.46 32.41
N LYS J 131 8.16 0.10 33.44
CA LYS J 131 7.50 1.10 34.28
C LYS J 131 7.17 2.34 33.45
N GLY J 132 8.14 2.80 32.68
CA GLY J 132 7.92 3.89 31.75
C GLY J 132 6.87 3.58 30.69
N ASP J 133 6.90 2.36 30.17
CA ASP J 133 5.85 1.89 29.26
C ASP J 133 4.45 2.07 29.85
N TYR J 134 4.24 1.62 31.08
CA TYR J 134 2.89 1.57 31.62
C TYR J 134 2.41 2.91 32.15
N HIS J 135 3.34 3.79 32.48
CA HIS J 135 3.01 5.19 32.67
C HIS J 135 2.66 5.84 31.33
N ARG J 136 3.33 5.41 30.26
CA ARG J 136 3.01 5.92 28.92
C ARG J 136 1.57 5.59 28.51
N TYR J 137 1.17 4.33 28.73
CA TYR J 137 -0.18 3.92 28.39
C TYR J 137 -1.25 4.72 29.13
N LEU J 138 -1.03 5.00 30.40
CA LEU J 138 -1.83 5.99 31.11
C LEU J 138 -1.81 7.33 30.40
N ALA J 139 -0.63 7.72 29.92
CA ALA J 139 -0.50 9.03 29.28
C ALA J 139 -1.25 9.10 27.95
N GLU J 140 -1.45 7.95 27.32
CA GLU J 140 -2.30 7.85 26.12
C GLU J 140 -3.74 8.39 26.26
N PHE J 141 -4.30 8.34 27.46
CA PHE J 141 -5.72 8.64 27.58
C PHE J 141 -6.04 9.54 28.77
N LYS J 142 -5.22 9.49 29.81
CA LYS J 142 -5.36 10.37 30.96
C LYS J 142 -5.44 11.81 30.49
N THR J 143 -6.02 12.66 31.33
CA THR J 143 -6.24 14.06 31.01
C THR J 143 -5.77 14.96 32.16
N GLY J 144 -5.48 16.22 31.83
CA GLY J 144 -5.15 17.23 32.84
C GLY J 144 -4.03 16.83 33.79
N ALA J 145 -4.34 16.84 35.09
CA ALA J 145 -3.36 16.56 36.13
C ALA J 145 -2.73 15.18 35.99
N GLU J 146 -3.56 14.15 35.89
CA GLU J 146 -3.06 12.77 35.91
C GLU J 146 -2.23 12.43 34.67
N ARG J 147 -2.52 13.09 33.55
CA ARG J 147 -1.69 13.01 32.35
C ARG J 147 -0.30 13.62 32.58
N LYS J 148 -0.27 14.75 33.30
CA LYS J 148 0.96 15.38 33.74
C LYS J 148 1.84 14.44 34.56
N GLU J 149 1.27 13.87 35.62
CA GLU J 149 1.99 12.91 36.45
C GLU J 149 2.47 11.69 35.67
N ALA J 150 1.68 11.28 34.67
CA ALA J 150 2.02 10.11 33.88
C ALA J 150 3.17 10.43 32.94
N ALA J 151 3.09 11.59 32.29
CA ALA J 151 4.17 12.04 31.41
C ALA J 151 5.51 12.12 32.15
N GLU J 152 5.50 12.74 33.32
CA GLU J 152 6.74 12.93 34.05
C GLU J 152 7.30 11.61 34.56
N SER J 153 6.41 10.70 34.97
CA SER J 153 6.87 9.44 35.52
C SER J 153 7.51 8.59 34.43
N THR J 154 7.00 8.72 33.21
CA THR J 154 7.56 8.04 32.05
C THR J 154 8.97 8.58 31.77
N MET J 155 9.10 9.90 31.79
CA MET J 155 10.39 10.54 31.60
C MET J 155 11.44 10.01 32.58
N VAL J 156 11.07 9.99 33.86
CA VAL J 156 11.99 9.58 34.94
C VAL J 156 12.41 8.13 34.80
N ALA J 157 11.44 7.28 34.50
CA ALA J 157 11.70 5.85 34.33
C ALA J 157 12.53 5.58 33.07
N TYR J 158 12.22 6.30 31.98
CA TYR J 158 13.01 6.19 30.76
C TYR J 158 14.43 6.73 30.89
N LYS J 159 14.59 7.93 31.47
CA LYS J 159 15.91 8.47 31.82
C LYS J 159 16.76 7.45 32.58
N ALA J 160 16.23 6.95 33.69
CA ALA J 160 16.99 6.06 34.55
C ALA J 160 17.39 4.79 33.83
N ALA J 161 16.44 4.18 33.14
CA ALA J 161 16.73 3.05 32.26
C ALA J 161 17.81 3.41 31.25
N GLN J 162 17.71 4.61 30.69
CA GLN J 162 18.64 5.07 29.65
C GLN J 162 20.07 5.12 30.19
N ASP J 163 20.25 5.78 31.32
CA ASP J 163 21.55 5.86 31.99
C ASP J 163 22.18 4.49 32.21
N ILE J 164 21.38 3.54 32.67
CA ILE J 164 21.89 2.19 32.83
C ILE J 164 22.18 1.54 31.49
N ALA J 165 21.27 1.72 30.54
CA ALA J 165 21.44 1.19 29.20
C ALA J 165 22.78 1.60 28.60
N LEU J 166 23.07 2.89 28.62
CA LEU J 166 24.24 3.42 27.93
C LEU J 166 25.54 2.96 28.57
N ALA J 167 25.59 2.96 29.90
CA ALA J 167 26.77 2.53 30.63
C ALA J 167 27.08 1.04 30.45
N ASP J 168 26.06 0.19 30.55
CA ASP J 168 26.29 -1.22 30.88
C ASP J 168 25.91 -2.22 29.79
N LEU J 169 25.06 -1.81 28.84
CA LEU J 169 24.58 -2.72 27.80
C LEU J 169 25.20 -2.38 26.45
N ALA J 170 25.36 -3.40 25.61
CA ALA J 170 25.86 -3.21 24.25
C ALA J 170 24.84 -2.49 23.37
N PRO J 171 25.31 -1.68 22.42
CA PRO J 171 24.39 -0.86 21.62
C PRO J 171 23.45 -1.74 20.80
N THR J 172 23.78 -3.02 20.69
CA THR J 172 23.01 -3.96 19.90
C THR J 172 22.10 -4.79 20.78
N HIS J 173 22.09 -4.51 22.07
CA HIS J 173 21.30 -5.31 23.00
C HIS J 173 19.81 -5.00 22.90
N PRO J 174 19.00 -6.03 22.62
CA PRO J 174 17.60 -5.84 22.31
C PRO J 174 16.87 -5.03 23.38
N ILE J 175 17.25 -5.22 24.64
CA ILE J 175 16.62 -4.45 25.69
C ILE J 175 17.01 -2.97 25.63
N ARG J 176 18.28 -2.68 25.34
CA ARG J 176 18.72 -1.30 25.08
C ARG J 176 18.00 -0.72 23.87
N LEU J 177 17.93 -1.50 22.80
CA LEU J 177 17.28 -1.03 21.58
C LEU J 177 15.78 -0.81 21.74
N GLY J 178 15.12 -1.66 22.54
CA GLY J 178 13.67 -1.52 22.78
C GLY J 178 13.34 -0.37 23.73
N LEU J 179 14.30 0.00 24.57
CA LEU J 179 14.20 1.23 25.35
C LEU J 179 14.26 2.46 24.46
N ALA J 180 15.24 2.49 23.57
CA ALA J 180 15.40 3.63 22.67
C ALA J 180 14.17 3.76 21.78
N LEU J 181 13.69 2.63 21.29
CA LEU J 181 12.47 2.60 20.49
C LEU J 181 11.31 3.20 21.28
N ASN J 182 11.08 2.73 22.50
CA ASN J 182 9.94 3.20 23.25
C ASN J 182 10.05 4.65 23.70
N PHE J 183 11.21 4.98 24.28
CA PHE J 183 11.55 6.37 24.62
C PHE J 183 11.25 7.28 23.44
N SER J 184 11.69 6.90 22.25
CA SER J 184 11.51 7.78 21.09
C SER J 184 10.03 7.95 20.77
N VAL J 185 9.27 6.85 20.86
CA VAL J 185 7.83 6.89 20.59
C VAL J 185 7.11 7.80 21.60
N PHE J 186 7.52 7.68 22.86
CA PHE J 186 7.10 8.62 23.91
C PHE J 186 7.28 10.07 23.49
N TYR J 187 8.46 10.41 22.95
CA TYR J 187 8.73 11.78 22.49
C TYR J 187 7.82 12.20 21.35
N TYR J 188 7.63 11.30 20.39
CA TYR J 188 6.80 11.59 19.22
C TYR J 188 5.32 11.77 19.55
N GLU J 189 4.78 10.86 20.36
CA GLU J 189 3.34 10.68 20.45
C GLU J 189 2.79 11.40 21.67
N ILE J 190 3.54 11.37 22.76
CA ILE J 190 3.04 11.91 24.01
C ILE J 190 3.42 13.37 24.15
N LEU J 191 4.68 13.69 23.87
CA LEU J 191 5.16 15.06 24.08
C LEU J 191 5.17 15.87 22.78
N ASN J 192 4.83 15.23 21.67
CA ASN J 192 4.73 15.93 20.40
C ASN J 192 6.03 16.61 19.98
N SER J 193 7.16 15.91 20.12
CA SER J 193 8.45 16.38 19.59
C SER J 193 9.07 15.38 18.63
N PRO J 194 8.78 15.52 17.32
CA PRO J 194 9.44 14.68 16.34
C PRO J 194 10.97 14.80 16.38
N ASP J 195 11.48 16.01 16.62
CA ASP J 195 12.93 16.24 16.61
C ASP J 195 13.63 15.37 17.64
N LYS J 196 13.15 15.40 18.88
CA LYS J 196 13.77 14.61 19.92
C LYS J 196 13.57 13.10 19.70
N ALA J 197 12.45 12.74 19.09
CA ALA J 197 12.17 11.33 18.83
C ALA J 197 13.14 10.82 17.77
N CYS J 198 13.30 11.59 16.71
CA CYS J 198 14.20 11.22 15.62
C CYS J 198 15.67 11.14 16.04
N ASN J 199 16.15 12.13 16.78
CA ASN J 199 17.55 12.08 17.21
C ASN J 199 17.82 10.92 18.15
N LEU J 200 16.87 10.65 19.03
CA LEU J 200 17.02 9.56 19.97
C LEU J 200 17.04 8.24 19.21
N ALA J 201 16.16 8.09 18.23
CA ALA J 201 16.06 6.83 17.53
C ALA J 201 17.21 6.64 16.53
N LYS J 202 17.53 7.71 15.80
CA LYS J 202 18.66 7.68 14.89
C LYS J 202 19.97 7.37 15.60
N GLN J 203 20.20 8.04 16.73
CA GLN J 203 21.45 7.84 17.46
C GLN J 203 21.58 6.38 17.88
N ALA J 204 20.51 5.84 18.46
CA ALA J 204 20.48 4.43 18.88
C ALA J 204 20.68 3.50 17.69
N PHE J 205 20.04 3.82 16.57
CA PHE J 205 20.22 3.03 15.35
C PHE J 205 21.68 3.02 14.89
N ASP J 206 22.31 4.19 14.88
CA ASP J 206 23.67 4.34 14.36
C ASP J 206 24.67 3.60 15.24
N GLU J 207 24.52 3.73 16.56
CA GLU J 207 25.35 2.99 17.52
C GLU J 207 25.26 1.49 17.32
N ALA J 208 24.05 0.98 17.06
CA ALA J 208 23.84 -0.44 16.81
C ALA J 208 24.40 -0.85 15.45
N ILE J 209 24.23 0.01 14.45
CA ILE J 209 24.70 -0.29 13.11
C ILE J 209 26.20 -0.57 13.13
N SER J 210 26.94 0.17 13.96
CA SER J 210 28.39 0.07 13.91
C SER J 210 28.89 -1.26 14.49
N GLU J 211 28.04 -1.93 15.26
CA GLU J 211 28.40 -3.22 15.87
C GLU J 211 27.72 -4.42 15.23
N LEU J 212 26.66 -4.19 14.46
CA LEU J 212 25.77 -5.25 14.03
C LEU J 212 26.50 -6.45 13.38
N ASP J 213 27.59 -6.16 12.67
CA ASP J 213 28.26 -7.16 11.83
C ASP J 213 29.05 -8.16 12.67
N THR J 214 29.23 -7.84 13.95
CA THR J 214 30.10 -8.62 14.83
C THR J 214 29.33 -9.65 15.66
N LEU J 215 28.03 -9.45 15.80
CA LEU J 215 27.18 -10.41 16.48
C LEU J 215 27.17 -11.76 15.77
N GLY J 216 27.16 -12.84 16.55
CA GLY J 216 26.84 -14.16 16.03
C GLY J 216 25.36 -14.27 15.71
N GLU J 217 24.99 -15.26 14.91
CA GLU J 217 23.77 -15.17 14.09
C GLU J 217 22.47 -15.25 14.89
N GLU J 218 22.51 -15.88 16.07
CA GLU J 218 21.42 -15.77 17.05
C GLU J 218 21.26 -14.35 17.58
N SER J 219 22.36 -13.77 18.06
CA SER J 219 22.37 -12.44 18.66
C SER J 219 21.96 -11.38 17.63
N TYR J 220 22.31 -11.66 16.38
CA TYR J 220 22.02 -10.78 15.26
C TYR J 220 20.53 -10.74 14.98
N LYS J 221 19.89 -11.90 14.91
CA LYS J 221 18.44 -11.98 14.73
C LYS J 221 17.74 -11.22 15.84
N ASP J 222 18.14 -11.49 17.08
CA ASP J 222 17.57 -10.84 18.25
C ASP J 222 17.34 -9.35 18.00
N SER J 223 18.40 -8.64 17.62
CA SER J 223 18.40 -7.18 17.69
C SER J 223 18.04 -6.49 16.37
N THR J 224 18.28 -7.18 15.26
CA THR J 224 17.82 -6.72 13.95
C THR J 224 16.31 -6.47 13.93
N LEU J 225 15.59 -7.33 14.64
CA LEU J 225 14.14 -7.27 14.74
C LEU J 225 13.66 -5.92 15.27
N ILE J 226 14.34 -5.42 16.30
CA ILE J 226 14.03 -4.10 16.86
C ILE J 226 14.64 -2.96 16.05
N MET J 227 15.76 -3.21 15.41
CA MET J 227 16.36 -2.21 14.56
C MET J 227 15.49 -1.91 13.35
N GLN J 228 14.77 -2.92 12.89
CA GLN J 228 13.83 -2.74 11.79
C GLN J 228 12.68 -1.81 12.17
N LEU J 229 12.25 -1.89 13.43
CA LEU J 229 11.20 -1.03 13.95
C LEU J 229 11.70 0.41 14.09
N LEU J 230 12.92 0.57 14.59
CA LEU J 230 13.55 1.90 14.60
C LEU J 230 13.58 2.43 13.19
N ARG J 231 14.10 1.61 12.29
CA ARG J 231 14.28 2.06 10.92
C ARG J 231 12.96 2.49 10.33
N ASP J 232 11.93 1.66 10.50
CA ASP J 232 10.60 1.93 9.94
C ASP J 232 9.97 3.18 10.53
N ASN J 233 10.06 3.33 11.86
CA ASN J 233 9.58 4.54 12.52
C ASN J 233 10.32 5.76 11.99
N LEU J 234 11.64 5.66 11.91
CA LEU J 234 12.49 6.76 11.45
C LEU J 234 12.06 7.15 10.05
N THR J 235 11.87 6.14 9.21
CA THR J 235 11.43 6.38 7.84
C THR J 235 10.07 7.09 7.82
N LEU J 236 9.15 6.62 8.66
CA LEU J 236 7.81 7.18 8.72
C LEU J 236 7.84 8.65 9.11
N TRP J 237 8.57 8.94 10.19
CA TRP J 237 8.65 10.30 10.73
C TRP J 237 9.36 11.25 9.77
N THR J 238 10.11 10.70 8.82
CA THR J 238 10.90 11.49 7.88
C THR J 238 10.25 11.56 6.49
N SER J 239 9.06 10.98 6.36
CA SER J 239 8.42 10.84 5.06
C SER J 239 7.85 12.16 4.55
N ASP J 240 7.70 12.29 3.23
CA ASP J 240 7.17 13.51 2.64
C ASP J 240 5.75 13.76 3.13
N ARG K 3 -8.92 -27.71 7.91
CA ARG K 3 -9.93 -27.33 8.94
C ARG K 3 -11.37 -27.37 8.44
N VAL K 4 -12.23 -28.05 9.20
CA VAL K 4 -13.66 -28.14 8.91
C VAL K 4 -14.39 -26.83 9.19
N LEU K 5 -15.14 -26.34 8.20
CA LEU K 5 -15.85 -25.06 8.29
C LEU K 5 -17.31 -25.21 8.73
N ALA K 7 -21.04 -22.58 9.30
CA ALA K 7 -21.70 -21.41 8.77
C ALA K 7 -21.21 -20.16 9.49
N PRO K 8 -21.12 -19.04 8.77
CA PRO K 8 -20.78 -17.73 9.33
C PRO K 8 -21.89 -17.16 10.22
N PHE K 9 -23.00 -17.90 10.32
CA PHE K 9 -24.09 -17.51 11.22
C PHE K 9 -24.65 -18.76 11.89
N ARG L 3 2.46 3.67 10.11
CA ARG L 3 2.22 2.59 11.11
C ARG L 3 3.29 2.54 12.22
N VAL L 4 3.25 3.53 13.11
CA VAL L 4 4.26 3.68 14.15
C VAL L 4 4.07 2.61 15.22
N LEU L 5 5.14 1.91 15.59
CA LEU L 5 5.04 0.95 16.70
C LEU L 5 6.20 0.91 17.70
N ALA L 7 8.35 -1.42 21.10
CA ALA L 7 9.07 -2.67 21.32
C ALA L 7 8.10 -3.84 21.40
N PRO L 8 8.50 -4.99 20.84
CA PRO L 8 7.59 -6.13 20.69
C PRO L 8 7.42 -6.89 22.01
N PHE L 9 8.22 -6.54 23.01
CA PHE L 9 8.28 -7.32 24.23
C PHE L 9 7.96 -6.43 25.42
#